data_8SOY
#
_entry.id   8SOY
#
_cell.length_a   1.00
_cell.length_b   1.00
_cell.length_c   1.00
_cell.angle_alpha   90.00
_cell.angle_beta   90.00
_cell.angle_gamma   90.00
#
_symmetry.space_group_name_H-M   'P 1'
#
_entity_poly.entity_id   1
_entity_poly.type   'polypeptide(L)'
_entity_poly.pdbx_seq_one_letter_code
;YESVTVEVKDHVAQVTLIGPGKGNAMGPAFWEEMPDVFGTLDDDPDVRAIVLTGSGKNFSYGLDLPAMGASLPALDAGAK
SRSDFHKRLQKMQGAITAVADCRTPTIASVHGWCIGGGVDLISAVDIRYASADAKFSVREVKLAIVADVGSLARLPLILS
DGHLRELALTGKDIDAARAEKIGLVNDVYDDAEASLAAAHATAAEIAANPPLTVAGVKDVLDAQRTAQVAESLRYVAAWN
SAFLPSKDLAEA
;
_entity_poly.pdbx_strand_id   A,B,C,D,E,F
#
# COMPACT_ATOMS: atom_id res chain seq x y z
N TYR A 1 -34.64 14.56 -19.15
CA TYR A 1 -33.99 13.26 -19.22
C TYR A 1 -35.00 12.19 -19.60
N GLU A 2 -34.55 11.15 -20.29
CA GLU A 2 -35.41 10.07 -20.75
C GLU A 2 -35.35 8.83 -19.87
N SER A 3 -34.64 8.88 -18.75
CA SER A 3 -34.49 7.71 -17.89
C SER A 3 -34.78 7.97 -16.43
N VAL A 4 -34.89 9.22 -15.99
CA VAL A 4 -35.17 9.56 -14.60
C VAL A 4 -36.13 10.74 -14.54
N THR A 5 -36.57 11.04 -13.33
CA THR A 5 -37.33 12.23 -12.99
C THR A 5 -36.70 12.87 -11.76
N VAL A 6 -36.65 14.20 -11.73
CA VAL A 6 -36.03 14.94 -10.63
C VAL A 6 -37.01 16.00 -10.15
N GLU A 7 -37.26 16.05 -8.84
CA GLU A 7 -38.14 17.07 -8.25
C GLU A 7 -37.56 17.55 -6.93
N VAL A 8 -37.32 18.84 -6.80
CA VAL A 8 -36.65 19.43 -5.65
C VAL A 8 -37.65 20.21 -4.82
N LYS A 9 -37.56 20.07 -3.50
CA LYS A 9 -38.42 20.79 -2.57
C LYS A 9 -37.74 20.86 -1.21
N ASP A 10 -37.74 22.05 -0.62
CA ASP A 10 -37.25 22.27 0.74
C ASP A 10 -35.87 21.66 0.96
N HIS A 11 -34.95 21.97 0.05
CA HIS A 11 -33.54 21.59 0.10
C HIS A 11 -33.28 20.11 -0.10
N VAL A 12 -34.29 19.33 -0.49
CA VAL A 12 -34.07 17.92 -0.81
C VAL A 12 -34.62 17.66 -2.20
N ALA A 13 -33.83 17.02 -3.04
CA ALA A 13 -34.27 16.58 -4.36
C ALA A 13 -34.56 15.09 -4.31
N GLN A 14 -35.67 14.69 -4.92
CA GLN A 14 -36.00 13.29 -5.11
C GLN A 14 -35.77 12.90 -6.56
N VAL A 15 -35.11 11.76 -6.77
CA VAL A 15 -34.70 11.27 -8.08
C VAL A 15 -35.28 9.89 -8.26
N THR A 16 -36.14 9.73 -9.26
CA THR A 16 -36.85 8.47 -9.50
C THR A 16 -36.40 7.89 -10.83
N LEU A 17 -36.20 6.59 -10.89
CA LEU A 17 -35.77 5.93 -12.12
C LEU A 17 -36.97 5.25 -12.78
N ILE A 18 -37.23 5.61 -14.03
CA ILE A 18 -38.45 5.20 -14.72
C ILE A 18 -38.20 4.27 -15.89
N GLY A 19 -36.95 3.96 -16.23
CA GLY A 19 -36.66 3.03 -17.29
C GLY A 19 -36.48 3.68 -18.65
N GLY A 23 -39.45 -3.21 -16.32
CA GLY A 23 -39.24 -3.24 -14.89
C GLY A 23 -38.01 -2.46 -14.45
N ASN A 24 -37.95 -1.19 -14.88
CA ASN A 24 -36.86 -0.29 -14.54
C ASN A 24 -35.52 -0.80 -15.05
N ALA A 25 -35.54 -1.47 -16.20
CA ALA A 25 -34.31 -1.99 -16.79
C ALA A 25 -33.41 -0.84 -17.22
N MET A 26 -32.10 -1.08 -17.14
CA MET A 26 -31.09 -0.05 -17.36
C MET A 26 -30.46 -0.27 -18.72
N GLY A 27 -30.77 0.62 -19.67
CA GLY A 27 -30.25 0.50 -21.01
C GLY A 27 -29.22 1.56 -21.35
N PRO A 28 -28.96 1.76 -22.64
CA PRO A 28 -27.91 2.71 -23.03
C PRO A 28 -28.15 4.14 -22.58
N ALA A 29 -29.42 4.57 -22.50
CA ALA A 29 -29.71 5.92 -22.02
C ALA A 29 -29.26 6.11 -20.59
N PHE A 30 -29.39 5.07 -19.76
CA PHE A 30 -28.94 5.14 -18.37
C PHE A 30 -27.45 5.45 -18.28
N TRP A 31 -26.64 4.66 -18.98
CA TRP A 31 -25.20 4.83 -18.96
C TRP A 31 -24.79 6.15 -19.60
N GLU A 32 -25.56 6.64 -20.57
CA GLU A 32 -25.20 7.93 -21.14
C GLU A 32 -25.57 9.10 -20.23
N GLU A 33 -26.60 8.96 -19.41
CA GLU A 33 -27.20 10.11 -18.76
C GLU A 33 -26.85 10.29 -17.29
N MET A 34 -26.56 9.22 -16.54
CA MET A 34 -26.42 9.40 -15.08
C MET A 34 -25.38 10.44 -14.68
N PRO A 35 -24.16 10.47 -15.25
CA PRO A 35 -23.19 11.49 -14.83
C PRO A 35 -23.70 12.92 -14.97
N ASP A 36 -24.45 13.23 -16.03
CA ASP A 36 -24.95 14.60 -16.21
C ASP A 36 -25.97 14.97 -15.13
N VAL A 37 -26.88 14.05 -14.81
CA VAL A 37 -27.89 14.32 -13.78
C VAL A 37 -27.21 14.57 -12.44
N PHE A 38 -26.26 13.71 -12.08
CA PHE A 38 -25.65 13.89 -10.77
C PHE A 38 -24.69 15.06 -10.72
N GLY A 39 -24.06 15.43 -11.85
CA GLY A 39 -23.27 16.64 -11.86
C GLY A 39 -24.12 17.89 -11.73
N THR A 40 -25.29 17.89 -12.37
CA THR A 40 -26.20 19.02 -12.23
C THR A 40 -26.70 19.16 -10.81
N LEU A 41 -27.05 18.04 -10.16
CA LEU A 41 -27.62 18.14 -8.81
C LEU A 41 -26.58 18.52 -7.77
N ASP A 42 -25.32 18.11 -7.96
CA ASP A 42 -24.29 18.36 -6.98
C ASP A 42 -23.64 19.74 -7.11
N ASP A 43 -24.09 20.56 -8.06
CA ASP A 43 -23.48 21.86 -8.31
C ASP A 43 -24.20 23.00 -7.59
N ASP A 44 -25.51 23.14 -7.82
CA ASP A 44 -26.24 24.25 -7.24
C ASP A 44 -26.35 24.09 -5.72
N PRO A 45 -26.38 25.19 -4.98
CA PRO A 45 -26.42 25.11 -3.51
C PRO A 45 -27.80 24.90 -2.93
N ASP A 46 -28.85 24.89 -3.76
CA ASP A 46 -30.21 24.73 -3.25
C ASP A 46 -30.50 23.31 -2.80
N VAL A 47 -29.61 22.35 -3.07
CA VAL A 47 -29.81 20.95 -2.75
C VAL A 47 -28.75 20.53 -1.74
N ARG A 48 -29.20 19.93 -0.63
CA ARG A 48 -28.30 19.48 0.42
C ARG A 48 -28.36 17.98 0.70
N ALA A 49 -29.37 17.27 0.18
CA ALA A 49 -29.44 15.82 0.27
C ALA A 49 -30.34 15.29 -0.84
N ILE A 50 -30.13 14.03 -1.20
CA ILE A 50 -30.84 13.40 -2.30
C ILE A 50 -31.49 12.10 -1.81
N VAL A 51 -32.70 11.84 -2.30
CA VAL A 51 -33.41 10.60 -2.06
C VAL A 51 -33.54 9.87 -3.39
N LEU A 52 -33.23 8.58 -3.41
CA LEU A 52 -33.23 7.76 -4.62
C LEU A 52 -34.19 6.59 -4.44
N THR A 53 -35.19 6.51 -5.32
CA THR A 53 -36.17 5.44 -5.27
C THR A 53 -36.53 5.03 -6.69
N GLY A 54 -37.18 3.88 -6.82
CA GLY A 54 -37.53 3.32 -8.12
C GLY A 54 -39.02 3.35 -8.38
N SER A 55 -39.40 3.42 -9.65
CA SER A 55 -40.79 3.53 -10.03
C SER A 55 -41.48 2.17 -9.99
N GLY A 56 -42.80 2.20 -9.89
CA GLY A 56 -43.59 0.98 -9.98
C GLY A 56 -43.66 0.16 -8.72
N LYS A 57 -43.56 -1.16 -8.87
CA LYS A 57 -43.63 -2.09 -7.75
C LYS A 57 -42.30 -2.77 -7.44
N ASN A 58 -41.23 -2.39 -8.13
CA ASN A 58 -39.91 -2.96 -7.93
C ASN A 58 -38.89 -1.82 -7.95
N PHE A 59 -37.63 -2.15 -7.70
CA PHE A 59 -36.55 -1.17 -7.81
C PHE A 59 -35.90 -1.22 -9.19
N SER A 60 -35.35 -2.36 -9.57
CA SER A 60 -34.81 -2.56 -10.91
C SER A 60 -34.65 -4.05 -11.17
N TYR A 61 -34.50 -4.39 -12.45
CA TYR A 61 -34.28 -5.77 -12.86
C TYR A 61 -32.85 -6.03 -13.32
N GLY A 62 -32.02 -5.00 -13.41
CA GLY A 62 -30.66 -5.18 -13.84
C GLY A 62 -30.39 -4.54 -15.18
N LEU A 63 -29.64 -5.23 -16.04
CA LEU A 63 -29.22 -4.71 -17.33
C LEU A 63 -30.10 -5.29 -18.43
N ASP A 64 -30.54 -4.44 -19.35
CA ASP A 64 -31.38 -4.85 -20.46
C ASP A 64 -30.55 -5.65 -21.47
N ALA A 77 -13.33 -13.77 -31.75
CA ALA A 77 -13.06 -12.44 -32.25
C ALA A 77 -11.59 -12.07 -32.04
N GLY A 78 -11.17 -10.96 -32.65
CA GLY A 78 -9.80 -10.49 -32.56
C GLY A 78 -9.66 -9.26 -31.68
N ALA A 79 -8.40 -8.84 -31.53
CA ALA A 79 -8.05 -7.80 -30.56
C ALA A 79 -8.75 -6.48 -30.83
N LYS A 80 -8.98 -6.15 -32.11
CA LYS A 80 -9.61 -4.88 -32.44
C LYS A 80 -11.04 -4.81 -31.92
N SER A 81 -11.77 -5.92 -31.96
CA SER A 81 -13.15 -5.93 -31.48
C SER A 81 -13.23 -5.93 -29.96
N ARG A 82 -12.20 -6.48 -29.30
CA ARG A 82 -12.18 -6.54 -27.84
C ARG A 82 -11.71 -5.22 -27.22
N SER A 83 -10.93 -4.43 -27.95
CA SER A 83 -10.57 -3.11 -27.47
C SER A 83 -11.81 -2.23 -27.29
N ASP A 84 -12.76 -2.33 -28.21
CA ASP A 84 -13.97 -1.53 -28.13
C ASP A 84 -14.84 -1.96 -26.96
N PHE A 85 -14.91 -3.27 -26.72
CA PHE A 85 -15.59 -3.79 -25.54
C PHE A 85 -14.94 -3.27 -24.26
N HIS A 86 -13.60 -3.22 -24.23
CA HIS A 86 -12.89 -2.67 -23.08
C HIS A 86 -13.28 -1.21 -22.82
N LYS A 87 -13.35 -0.41 -23.88
CA LYS A 87 -13.72 0.99 -23.72
C LYS A 87 -15.16 1.16 -23.22
N ARG A 88 -16.12 0.39 -23.78
CA ARG A 88 -17.49 0.47 -23.26
C ARG A 88 -17.58 0.03 -21.80
N LEU A 89 -16.86 -1.03 -21.43
CA LEU A 89 -16.91 -1.48 -20.04
C LEU A 89 -16.39 -0.39 -19.10
N GLN A 90 -15.31 0.29 -19.47
CA GLN A 90 -14.80 1.38 -18.66
C GLN A 90 -15.81 2.52 -18.53
N LYS A 91 -16.49 2.87 -19.63
CA LYS A 91 -17.48 3.95 -19.55
C LYS A 91 -18.64 3.58 -18.62
N MET A 92 -19.10 2.32 -18.70
CA MET A 92 -20.16 1.85 -17.80
C MET A 92 -19.71 1.93 -16.35
N GLN A 93 -18.45 1.57 -16.06
CA GLN A 93 -17.94 1.71 -14.71
C GLN A 93 -17.94 3.18 -14.25
N GLY A 94 -17.54 4.08 -15.14
CA GLY A 94 -17.51 5.49 -14.77
C GLY A 94 -18.88 6.06 -14.45
N ALA A 95 -19.92 5.55 -15.11
CA ALA A 95 -21.28 6.02 -14.82
C ALA A 95 -21.69 5.80 -13.35
N ILE A 96 -21.20 4.73 -12.73
CA ILE A 96 -21.49 4.44 -11.32
C ILE A 96 -20.50 5.14 -10.39
N THR A 97 -19.23 5.21 -10.80
CA THR A 97 -18.27 5.99 -10.02
C THR A 97 -18.68 7.46 -9.93
N ALA A 98 -19.47 7.95 -10.88
CA ALA A 98 -20.00 9.30 -10.79
C ALA A 98 -20.85 9.49 -9.53
N VAL A 99 -21.74 8.54 -9.27
CA VAL A 99 -22.59 8.62 -8.08
C VAL A 99 -21.77 8.41 -6.82
N ALA A 100 -20.81 7.47 -6.87
CA ALA A 100 -20.04 7.14 -5.67
C ALA A 100 -19.10 8.26 -5.23
N ASP A 101 -18.83 9.26 -6.07
CA ASP A 101 -17.89 10.33 -5.76
C ASP A 101 -18.56 11.68 -5.60
N CYS A 102 -19.89 11.73 -5.54
CA CYS A 102 -20.60 12.97 -5.31
C CYS A 102 -20.46 13.41 -3.85
N ARG A 103 -20.44 14.72 -3.64
CA ARG A 103 -20.25 15.30 -2.32
C ARG A 103 -21.55 15.66 -1.61
N THR A 104 -22.70 15.37 -2.21
CA THR A 104 -23.99 15.51 -1.54
C THR A 104 -24.48 14.15 -1.10
N PRO A 105 -24.89 13.97 0.16
CA PRO A 105 -25.31 12.64 0.63
C PRO A 105 -26.56 12.15 -0.08
N THR A 106 -26.65 10.82 -0.22
CA THR A 106 -27.76 10.16 -0.90
C THR A 106 -28.32 9.05 -0.03
N ILE A 107 -29.64 8.90 -0.03
CA ILE A 107 -30.33 7.84 0.69
C ILE A 107 -31.20 7.06 -0.28
N ALA A 108 -31.02 5.74 -0.32
CA ALA A 108 -31.80 4.85 -1.17
C ALA A 108 -32.99 4.28 -0.41
N SER A 109 -34.11 4.10 -1.12
CA SER A 109 -35.31 3.52 -0.52
C SER A 109 -35.80 2.40 -1.42
N VAL A 110 -35.71 1.16 -0.95
CA VAL A 110 -35.81 -0.03 -1.79
C VAL A 110 -37.11 -0.75 -1.50
N HIS A 111 -37.93 -0.92 -2.54
CA HIS A 111 -39.19 -1.65 -2.45
C HIS A 111 -39.25 -2.65 -3.60
N GLY A 112 -39.51 -3.91 -3.29
CA GLY A 112 -39.81 -4.88 -4.32
C GLY A 112 -38.72 -5.86 -4.69
N TRP A 113 -38.10 -5.66 -5.85
CA TRP A 113 -37.07 -6.52 -6.39
C TRP A 113 -35.84 -5.69 -6.68
N CYS A 114 -34.66 -6.31 -6.52
CA CYS A 114 -33.39 -5.62 -6.73
C CYS A 114 -32.39 -6.65 -7.23
N ILE A 115 -32.15 -6.66 -8.54
CA ILE A 115 -31.45 -7.75 -9.22
C ILE A 115 -30.26 -7.19 -9.98
N GLY A 116 -29.10 -7.84 -9.85
CA GLY A 116 -27.95 -7.55 -10.68
C GLY A 116 -27.41 -6.14 -10.61
N GLY A 117 -27.54 -5.40 -11.71
CA GLY A 117 -26.98 -4.06 -11.76
C GLY A 117 -27.56 -3.13 -10.72
N GLY A 118 -28.81 -3.33 -10.33
CA GLY A 118 -29.39 -2.56 -9.26
C GLY A 118 -28.63 -2.71 -7.95
N VAL A 119 -28.17 -3.93 -7.66
CA VAL A 119 -27.31 -4.15 -6.51
C VAL A 119 -25.98 -3.41 -6.69
N ASP A 120 -25.49 -3.30 -7.92
CA ASP A 120 -24.30 -2.51 -8.17
C ASP A 120 -24.53 -1.03 -7.94
N LEU A 121 -25.78 -0.58 -7.91
CA LEU A 121 -26.09 0.83 -7.74
C LEU A 121 -26.29 1.20 -6.29
N ILE A 122 -26.94 0.35 -5.49
CA ILE A 122 -27.22 0.68 -4.09
C ILE A 122 -26.01 0.47 -3.19
N SER A 123 -24.95 -0.16 -3.69
CA SER A 123 -23.68 -0.23 -2.95
C SER A 123 -22.82 1.03 -3.10
N ALA A 124 -23.32 2.05 -3.81
CA ALA A 124 -22.60 3.31 -3.98
C ALA A 124 -23.28 4.49 -3.30
N VAL A 125 -24.37 4.25 -2.56
CA VAL A 125 -25.03 5.30 -1.80
C VAL A 125 -24.61 5.19 -0.34
N ASP A 126 -24.95 6.21 0.45
CA ASP A 126 -24.52 6.27 1.84
C ASP A 126 -25.38 5.41 2.77
N ILE A 127 -26.71 5.48 2.61
CA ILE A 127 -27.65 4.81 3.51
C ILE A 127 -28.66 4.04 2.65
N ARG A 128 -29.14 2.92 3.19
CA ARG A 128 -30.09 2.03 2.51
C ARG A 128 -31.22 1.65 3.46
N TYR A 129 -32.47 1.96 3.06
CA TYR A 129 -33.67 1.55 3.78
C TYR A 129 -34.50 0.62 2.91
N ALA A 130 -35.19 -0.34 3.54
CA ALA A 130 -35.98 -1.34 2.82
C ALA A 130 -37.38 -1.46 3.40
N SER A 131 -38.20 -2.26 2.73
CA SER A 131 -39.52 -2.68 3.21
C SER A 131 -39.56 -4.20 3.33
N ALA A 132 -40.71 -4.73 3.73
CA ALA A 132 -40.80 -6.15 4.09
C ALA A 132 -40.87 -7.09 2.90
N ASP A 133 -41.23 -6.58 1.72
CA ASP A 133 -41.37 -7.41 0.52
C ASP A 133 -40.22 -7.26 -0.46
N ALA A 134 -39.01 -7.05 0.04
CA ALA A 134 -37.85 -6.77 -0.80
C ALA A 134 -36.99 -8.03 -0.96
N LYS A 135 -36.44 -8.22 -2.16
CA LYS A 135 -35.64 -9.38 -2.49
C LYS A 135 -34.39 -8.95 -3.23
N PHE A 136 -33.26 -9.57 -2.90
CA PHE A 136 -31.95 -9.15 -3.40
C PHE A 136 -31.18 -10.35 -3.95
N SER A 137 -30.42 -10.13 -5.02
CA SER A 137 -29.54 -11.16 -5.57
C SER A 137 -28.42 -10.53 -6.39
N VAL A 138 -27.35 -11.30 -6.57
CA VAL A 138 -26.24 -10.96 -7.47
C VAL A 138 -26.18 -12.09 -8.50
N ARG A 139 -26.83 -11.89 -9.65
CA ARG A 139 -27.14 -12.99 -10.56
C ARG A 139 -26.28 -13.00 -11.81
N GLU A 140 -25.05 -12.50 -11.74
CA GLU A 140 -24.21 -12.55 -12.93
C GLU A 140 -23.68 -13.94 -13.18
N VAL A 141 -23.37 -14.68 -12.11
CA VAL A 141 -22.76 -16.00 -12.26
C VAL A 141 -23.70 -16.96 -12.96
N LYS A 142 -25.02 -16.77 -12.80
CA LYS A 142 -25.99 -17.61 -13.48
C LYS A 142 -26.09 -17.29 -14.96
N LEU A 143 -25.60 -16.13 -15.37
CA LEU A 143 -25.55 -15.74 -16.78
C LEU A 143 -24.23 -16.09 -17.43
N ALA A 144 -23.31 -16.74 -16.71
CA ALA A 144 -21.94 -16.99 -17.15
C ALA A 144 -21.17 -15.69 -17.32
N ILE A 145 -21.30 -14.80 -16.34
CA ILE A 145 -20.64 -13.50 -16.32
C ILE A 145 -19.97 -13.33 -14.96
N VAL A 146 -18.79 -12.71 -14.96
CA VAL A 146 -18.16 -12.22 -13.74
C VAL A 146 -18.42 -10.72 -13.67
N ALA A 147 -19.13 -10.28 -12.64
CA ALA A 147 -19.64 -8.91 -12.58
C ALA A 147 -18.50 -7.90 -12.60
N ASP A 148 -18.64 -6.87 -13.44
CA ASP A 148 -17.58 -5.91 -13.66
C ASP A 148 -18.11 -4.49 -13.74
N VAL A 149 -19.04 -4.13 -12.86
CA VAL A 149 -19.55 -2.77 -12.83
C VAL A 149 -19.34 -2.11 -11.48
N GLY A 150 -19.07 -2.86 -10.42
CA GLY A 150 -18.80 -2.26 -9.13
C GLY A 150 -19.27 -3.05 -7.93
N SER A 151 -20.00 -4.15 -8.16
CA SER A 151 -20.53 -4.93 -7.04
C SER A 151 -19.41 -5.55 -6.22
N LEU A 152 -18.50 -6.27 -6.88
CA LEU A 152 -17.45 -6.98 -6.15
C LEU A 152 -16.33 -6.06 -5.67
N ALA A 153 -16.27 -4.83 -6.17
CA ALA A 153 -15.25 -3.88 -5.72
C ALA A 153 -15.70 -3.09 -4.50
N ARG A 154 -17.00 -2.88 -4.33
CA ARG A 154 -17.52 -2.06 -3.25
C ARG A 154 -18.30 -2.83 -2.19
N LEU A 155 -18.78 -4.03 -2.49
CA LEU A 155 -19.46 -4.82 -1.48
C LEU A 155 -18.57 -5.28 -0.32
N PRO A 156 -17.23 -5.46 -0.47
CA PRO A 156 -16.40 -5.79 0.70
C PRO A 156 -16.38 -4.78 1.85
N LEU A 157 -16.68 -3.50 1.63
CA LEU A 157 -16.78 -2.60 2.75
C LEU A 157 -18.12 -2.68 3.48
N ILE A 158 -19.12 -3.29 2.85
CA ILE A 158 -20.46 -3.38 3.40
C ILE A 158 -20.66 -4.70 4.15
N LEU A 159 -20.30 -5.81 3.53
CA LEU A 159 -20.51 -7.14 4.08
C LEU A 159 -19.22 -7.69 4.63
N SER A 160 -19.24 -8.96 5.01
CA SER A 160 -18.08 -9.71 5.44
C SER A 160 -17.78 -10.81 4.43
N ASP A 161 -16.74 -11.58 4.71
CA ASP A 161 -16.20 -12.50 3.70
C ASP A 161 -17.17 -13.64 3.39
N GLY A 162 -17.70 -14.30 4.43
CA GLY A 162 -18.53 -15.49 4.21
C GLY A 162 -19.85 -15.18 3.53
N HIS A 163 -20.54 -14.13 3.99
CA HIS A 163 -21.82 -13.78 3.39
C HIS A 163 -21.65 -13.30 1.95
N LEU A 164 -20.63 -12.48 1.69
CA LEU A 164 -20.32 -12.07 0.32
C LEU A 164 -19.99 -13.26 -0.56
N ARG A 165 -19.19 -14.20 -0.06
CA ARG A 165 -18.79 -15.34 -0.88
C ARG A 165 -19.98 -16.23 -1.20
N GLU A 166 -20.86 -16.47 -0.23
CA GLU A 166 -22.06 -17.25 -0.50
C GLU A 166 -22.93 -16.57 -1.55
N LEU A 167 -23.18 -15.26 -1.38
CA LEU A 167 -24.03 -14.54 -2.31
C LEU A 167 -23.46 -14.55 -3.72
N ALA A 168 -22.15 -14.32 -3.86
CA ALA A 168 -21.53 -14.23 -5.16
C ALA A 168 -21.32 -15.58 -5.83
N LEU A 169 -21.15 -16.65 -5.07
CA LEU A 169 -20.90 -17.96 -5.68
C LEU A 169 -22.16 -18.76 -5.94
N THR A 170 -23.22 -18.54 -5.16
CA THR A 170 -24.43 -19.33 -5.39
C THR A 170 -25.39 -18.66 -6.37
N GLY A 171 -25.60 -17.36 -6.28
CA GLY A 171 -26.54 -16.69 -7.14
C GLY A 171 -27.98 -16.75 -6.68
N LYS A 172 -28.21 -16.93 -5.39
CA LYS A 172 -29.55 -17.09 -4.85
C LYS A 172 -30.16 -15.75 -4.44
N ASP A 173 -31.43 -15.81 -4.04
CA ASP A 173 -32.21 -14.64 -3.63
C ASP A 173 -32.38 -14.64 -2.12
N ILE A 174 -32.28 -13.46 -1.51
CA ILE A 174 -32.52 -13.33 -0.07
C ILE A 174 -33.56 -12.24 0.17
N ASP A 175 -34.23 -12.36 1.32
CA ASP A 175 -35.29 -11.45 1.73
C ASP A 175 -34.74 -10.36 2.64
N ALA A 176 -35.64 -9.48 3.09
CA ALA A 176 -35.24 -8.26 3.77
C ALA A 176 -34.76 -8.53 5.20
N ALA A 177 -35.23 -9.60 5.83
CA ALA A 177 -34.79 -9.92 7.18
C ALA A 177 -33.32 -10.36 7.20
N ARG A 178 -32.93 -11.22 6.26
CA ARG A 178 -31.54 -11.64 6.18
C ARG A 178 -30.62 -10.50 5.77
N ALA A 179 -31.09 -9.63 4.86
CA ALA A 179 -30.32 -8.45 4.47
C ALA A 179 -30.17 -7.48 5.64
N GLU A 180 -31.19 -7.36 6.48
CA GLU A 180 -31.05 -6.61 7.72
C GLU A 180 -30.00 -7.22 8.64
N LYS A 181 -30.00 -8.55 8.77
CA LYS A 181 -29.10 -9.16 9.75
C LYS A 181 -27.66 -9.15 9.28
N ILE A 182 -27.41 -9.28 7.97
CA ILE A 182 -26.04 -9.35 7.47
C ILE A 182 -25.40 -7.99 7.25
N GLY A 183 -26.17 -6.91 7.28
CA GLY A 183 -25.63 -5.56 7.17
C GLY A 183 -25.83 -4.86 5.84
N LEU A 184 -26.67 -5.38 4.95
CA LEU A 184 -26.84 -4.72 3.65
C LEU A 184 -27.77 -3.51 3.74
N VAL A 185 -28.73 -3.51 4.65
CA VAL A 185 -29.61 -2.37 4.86
C VAL A 185 -29.56 -2.00 6.34
N ASN A 186 -29.94 -0.76 6.65
CA ASN A 186 -29.98 -0.31 8.04
C ASN A 186 -31.29 -0.62 8.75
N ASP A 187 -32.43 -0.39 8.10
CA ASP A 187 -33.74 -0.61 8.70
C ASP A 187 -34.68 -1.27 7.70
N VAL A 188 -35.72 -1.91 8.24
CA VAL A 188 -36.77 -2.56 7.47
C VAL A 188 -38.12 -2.10 8.00
N TYR A 189 -39.06 -1.79 7.10
CA TYR A 189 -40.38 -1.28 7.47
C TYR A 189 -41.46 -2.11 6.76
N ASP A 190 -42.72 -1.84 7.10
CA ASP A 190 -43.83 -2.69 6.69
C ASP A 190 -44.21 -2.52 5.23
N ASP A 191 -44.26 -1.30 4.73
CA ASP A 191 -44.70 -1.03 3.37
C ASP A 191 -43.77 -0.03 2.71
N ALA A 192 -44.03 0.24 1.42
CA ALA A 192 -43.21 1.17 0.67
C ALA A 192 -43.26 2.58 1.23
N GLU A 193 -44.46 3.03 1.60
CA GLU A 193 -44.67 4.42 2.00
C GLU A 193 -43.99 4.74 3.32
N ALA A 194 -43.98 3.78 4.25
CA ALA A 194 -43.28 3.97 5.51
C ALA A 194 -41.78 4.14 5.30
N SER A 195 -41.19 3.31 4.44
CA SER A 195 -39.77 3.40 4.16
C SER A 195 -39.42 4.70 3.47
N LEU A 196 -40.27 5.13 2.52
CA LEU A 196 -39.99 6.39 1.83
C LEU A 196 -40.09 7.59 2.78
N ALA A 197 -41.05 7.56 3.71
CA ALA A 197 -41.15 8.59 4.72
C ALA A 197 -39.95 8.60 5.66
N ALA A 198 -39.46 7.42 6.06
CA ALA A 198 -38.28 7.35 6.91
C ALA A 198 -37.05 7.92 6.20
N ALA A 199 -36.89 7.59 4.93
CA ALA A 199 -35.78 8.13 4.15
C ALA A 199 -35.86 9.64 4.06
N HIS A 200 -37.05 10.19 3.84
CA HIS A 200 -37.20 11.64 3.77
C HIS A 200 -36.91 12.31 5.11
N ALA A 201 -37.33 11.69 6.20
CA ALA A 201 -37.05 12.26 7.53
C ALA A 201 -35.55 12.31 7.78
N THR A 202 -34.82 11.24 7.44
CA THR A 202 -33.37 11.26 7.60
C THR A 202 -32.69 12.27 6.69
N ALA A 203 -33.17 12.40 5.45
CA ALA A 203 -32.58 13.38 4.55
C ALA A 203 -32.75 14.79 5.08
N ALA A 204 -33.94 15.11 5.62
CA ALA A 204 -34.16 16.43 6.22
C ALA A 204 -33.26 16.64 7.44
N GLU A 205 -33.08 15.59 8.24
CA GLU A 205 -32.19 15.69 9.39
C GLU A 205 -30.77 16.02 8.96
N ILE A 206 -30.30 15.41 7.87
CA ILE A 206 -28.97 15.71 7.36
C ILE A 206 -28.91 17.12 6.81
N ALA A 207 -29.94 17.55 6.08
CA ALA A 207 -29.98 18.89 5.49
C ALA A 207 -30.12 20.01 6.51
N ALA A 208 -30.41 19.71 7.77
CA ALA A 208 -30.41 20.74 8.79
C ALA A 208 -29.03 20.99 9.43
N ASN A 209 -27.94 20.48 8.85
CA ASN A 209 -26.58 20.71 9.33
C ASN A 209 -25.82 21.68 8.44
N PRO A 210 -24.68 22.21 8.88
CA PRO A 210 -23.85 23.06 8.00
C PRO A 210 -23.32 22.29 6.81
N PRO A 211 -23.42 22.87 5.61
CA PRO A 211 -23.10 22.08 4.40
C PRO A 211 -21.62 21.86 4.15
N LEU A 212 -20.76 22.83 4.48
CA LEU A 212 -19.32 22.62 4.31
C LEU A 212 -18.79 21.53 5.23
N THR A 213 -19.29 21.46 6.46
CA THR A 213 -18.87 20.40 7.37
C THR A 213 -19.29 19.02 6.85
N VAL A 214 -20.48 18.94 6.26
CA VAL A 214 -20.95 17.66 5.71
C VAL A 214 -20.07 17.24 4.54
N ALA A 215 -19.81 18.17 3.62
CA ALA A 215 -18.95 17.83 2.48
C ALA A 215 -17.53 17.46 2.91
N GLY A 216 -17.02 18.12 3.96
CA GLY A 216 -15.70 17.76 4.47
C GLY A 216 -15.64 16.39 5.10
N VAL A 217 -16.68 16.02 5.85
CA VAL A 217 -16.74 14.67 6.41
C VAL A 217 -16.75 13.64 5.29
N LYS A 218 -17.54 13.90 4.24
CA LYS A 218 -17.57 13.00 3.09
C LYS A 218 -16.20 12.89 2.43
N ASP A 219 -15.49 14.01 2.28
CA ASP A 219 -14.16 14.01 1.68
C ASP A 219 -13.18 13.16 2.48
N VAL A 220 -13.15 13.36 3.80
CA VAL A 220 -12.23 12.63 4.66
C VAL A 220 -12.53 11.14 4.65
N LEU A 221 -13.82 10.78 4.64
CA LEU A 221 -14.16 9.36 4.62
C LEU A 221 -13.87 8.72 3.26
N ASP A 222 -14.02 9.47 2.17
CA ASP A 222 -13.75 8.93 0.85
C ASP A 222 -12.26 8.80 0.57
N ALA A 223 -11.42 9.60 1.23
CA ALA A 223 -9.99 9.49 1.01
C ALA A 223 -9.40 8.17 1.49
N GLN A 224 -10.17 7.37 2.22
CA GLN A 224 -9.70 6.13 2.81
C GLN A 224 -9.90 4.90 1.93
N ARG A 225 -10.56 4.99 0.77
CA ARG A 225 -10.97 3.79 0.06
C ARG A 225 -10.78 3.81 -1.45
N THR A 226 -10.21 4.86 -2.03
CA THR A 226 -10.25 5.03 -3.49
C THR A 226 -9.35 4.05 -4.23
N ALA A 227 -8.14 3.82 -3.71
CA ALA A 227 -7.14 3.04 -4.43
C ALA A 227 -7.59 1.60 -4.64
N GLN A 228 -8.16 0.98 -3.60
CA GLN A 228 -8.61 -0.41 -3.70
C GLN A 228 -9.66 -0.57 -4.79
N VAL A 229 -10.65 0.33 -4.79
CA VAL A 229 -11.74 0.25 -5.75
C VAL A 229 -11.20 0.40 -7.17
N ALA A 230 -10.32 1.39 -7.38
CA ALA A 230 -9.78 1.60 -8.72
C ALA A 230 -8.99 0.40 -9.22
N GLU A 231 -8.17 -0.19 -8.34
CA GLU A 231 -7.35 -1.34 -8.72
C GLU A 231 -8.22 -2.54 -9.08
N SER A 232 -9.24 -2.82 -8.25
CA SER A 232 -10.12 -3.94 -8.50
C SER A 232 -10.88 -3.77 -9.81
N LEU A 233 -11.32 -2.53 -10.11
CA LEU A 233 -12.03 -2.26 -11.36
C LEU A 233 -11.13 -2.47 -12.58
N ARG A 234 -9.88 -2.01 -12.52
CA ARG A 234 -8.93 -2.27 -13.61
C ARG A 234 -8.79 -3.76 -13.88
N TYR A 235 -8.51 -4.53 -12.82
CA TYR A 235 -8.26 -5.96 -12.99
C TYR A 235 -9.48 -6.68 -13.57
N VAL A 236 -10.69 -6.33 -13.11
CA VAL A 236 -11.88 -7.02 -13.59
C VAL A 236 -12.16 -6.66 -15.04
N ALA A 237 -11.91 -5.42 -15.45
CA ALA A 237 -12.07 -5.07 -16.86
C ALA A 237 -11.16 -5.92 -17.75
N ALA A 238 -9.90 -6.07 -17.35
CA ALA A 238 -8.99 -6.91 -18.14
C ALA A 238 -9.46 -8.37 -18.19
N TRP A 239 -9.86 -8.92 -17.04
CA TRP A 239 -10.29 -10.32 -16.98
C TRP A 239 -11.51 -10.58 -17.86
N ASN A 240 -12.49 -9.68 -17.83
CA ASN A 240 -13.69 -9.89 -18.64
C ASN A 240 -13.41 -9.66 -20.12
N SER A 241 -12.50 -8.75 -20.47
CA SER A 241 -12.13 -8.64 -21.87
C SER A 241 -11.45 -9.92 -22.36
N ALA A 242 -10.79 -10.67 -21.47
CA ALA A 242 -10.17 -11.91 -21.91
C ALA A 242 -11.17 -13.05 -22.02
N PHE A 243 -11.94 -13.32 -20.97
CA PHE A 243 -12.61 -14.61 -20.83
C PHE A 243 -14.14 -14.57 -20.96
N LEU A 244 -14.75 -13.42 -21.24
CA LEU A 244 -16.21 -13.35 -21.20
C LEU A 244 -16.88 -14.13 -22.33
N PRO A 245 -16.63 -13.85 -23.61
CA PRO A 245 -17.44 -14.47 -24.67
C PRO A 245 -17.07 -15.94 -24.84
N SER A 246 -18.05 -16.82 -24.67
CA SER A 246 -17.81 -18.24 -24.75
C SER A 246 -19.10 -18.95 -25.18
N LYS A 247 -19.06 -20.28 -25.16
CA LYS A 247 -20.24 -21.07 -25.49
C LYS A 247 -21.26 -21.09 -24.36
N ASP A 248 -20.80 -21.15 -23.10
CA ASP A 248 -21.73 -21.15 -21.97
C ASP A 248 -22.52 -19.86 -21.85
N LEU A 249 -22.02 -18.77 -22.43
CA LEU A 249 -22.81 -17.55 -22.48
C LEU A 249 -24.01 -17.72 -23.40
N ALA A 250 -23.88 -18.52 -24.46
CA ALA A 250 -24.97 -18.81 -25.37
C ALA A 250 -25.80 -19.99 -24.93
N GLU A 251 -25.27 -20.86 -24.08
CA GLU A 251 -26.00 -22.02 -23.59
C GLU A 251 -27.11 -21.66 -22.62
N ALA A 252 -27.20 -20.41 -22.21
CA ALA A 252 -28.26 -19.95 -21.33
C ALA A 252 -28.41 -18.44 -21.43
N TYR B 1 -3.18 -42.04 0.98
CA TYR B 1 -3.29 -41.01 2.01
C TYR B 1 -3.50 -41.64 3.38
N GLU B 2 -2.71 -41.21 4.36
CA GLU B 2 -2.79 -41.77 5.70
C GLU B 2 -3.50 -40.85 6.70
N SER B 3 -3.84 -39.62 6.31
CA SER B 3 -4.46 -38.68 7.22
C SER B 3 -5.85 -38.23 6.81
N VAL B 4 -6.31 -38.56 5.60
CA VAL B 4 -7.63 -38.16 5.11
C VAL B 4 -8.24 -39.31 4.31
N THR B 5 -9.51 -39.12 3.97
CA THR B 5 -10.24 -39.98 3.04
C THR B 5 -10.93 -39.08 2.03
N VAL B 6 -10.95 -39.51 0.77
CA VAL B 6 -11.54 -38.75 -0.33
C VAL B 6 -12.52 -39.64 -1.09
N GLU B 7 -13.73 -39.13 -1.31
CA GLU B 7 -14.74 -39.88 -2.08
C GLU B 7 -15.54 -38.92 -2.93
N VAL B 8 -15.51 -39.10 -4.25
CA VAL B 8 -16.16 -38.20 -5.20
C VAL B 8 -17.41 -38.86 -5.75
N LYS B 9 -18.49 -38.10 -5.84
CA LYS B 9 -19.76 -38.65 -6.34
C LYS B 9 -20.61 -37.50 -6.87
N ASP B 10 -20.81 -37.47 -8.19
CA ASP B 10 -21.66 -36.48 -8.86
C ASP B 10 -21.12 -35.07 -8.68
N HIS B 11 -19.87 -34.88 -9.14
CA HIS B 11 -19.20 -33.58 -9.26
C HIS B 11 -18.87 -32.93 -7.93
N VAL B 12 -19.06 -33.62 -6.81
CA VAL B 12 -18.64 -33.13 -5.51
C VAL B 12 -17.79 -34.21 -4.86
N ALA B 13 -16.64 -33.83 -4.33
CA ALA B 13 -15.79 -34.72 -3.55
C ALA B 13 -15.95 -34.37 -2.07
N GLN B 14 -16.05 -35.40 -1.25
CA GLN B 14 -16.07 -35.25 0.20
C GLN B 14 -14.72 -35.68 0.76
N VAL B 15 -14.17 -34.86 1.64
CA VAL B 15 -12.83 -35.05 2.20
C VAL B 15 -12.96 -35.06 3.72
N THR B 16 -12.61 -36.19 4.33
CA THR B 16 -12.76 -36.38 5.77
C THR B 16 -11.37 -36.54 6.39
N LEU B 17 -11.18 -35.96 7.57
CA LEU B 17 -9.90 -36.06 8.27
C LEU B 17 -10.00 -37.08 9.38
N ILE B 18 -9.10 -38.07 9.36
CA ILE B 18 -9.16 -39.20 10.27
C ILE B 18 -7.98 -39.24 11.23
N GLY B 19 -7.18 -38.18 11.26
CA GLY B 19 -6.06 -38.11 12.19
C GLY B 19 -4.89 -38.99 11.82
N GLY B 23 -8.03 -37.51 18.93
CA GLY B 23 -9.26 -36.86 18.50
C GLY B 23 -9.05 -35.95 17.31
N ASN B 24 -8.71 -36.55 16.17
CA ASN B 24 -8.48 -35.84 14.91
C ASN B 24 -7.29 -34.91 14.98
N ALA B 25 -6.41 -35.09 15.96
CA ALA B 25 -5.25 -34.23 16.10
C ALA B 25 -4.31 -34.40 14.91
N MET B 26 -3.70 -33.30 14.49
CA MET B 26 -2.92 -33.25 13.26
C MET B 26 -1.43 -33.21 13.58
N GLY B 27 -0.67 -34.11 12.96
CA GLY B 27 0.74 -34.22 13.21
C GLY B 27 1.57 -34.11 11.94
N PRO B 28 2.76 -34.72 11.95
CA PRO B 28 3.67 -34.54 10.80
C PRO B 28 3.11 -35.03 9.48
N ALA B 29 2.30 -36.10 9.48
CA ALA B 29 1.70 -36.58 8.25
C ALA B 29 0.75 -35.55 7.66
N PHE B 30 0.05 -34.80 8.53
CA PHE B 30 -0.84 -33.75 8.08
C PHE B 30 -0.09 -32.70 7.25
N TRP B 31 0.98 -32.16 7.82
CA TRP B 31 1.74 -31.12 7.15
C TRP B 31 2.45 -31.66 5.92
N GLU B 32 2.82 -32.94 5.93
CA GLU B 32 3.49 -33.49 4.76
C GLU B 32 2.53 -33.68 3.60
N GLU B 33 1.31 -34.15 3.87
CA GLU B 33 0.42 -34.60 2.81
C GLU B 33 -0.69 -33.62 2.45
N MET B 34 -0.85 -32.51 3.17
CA MET B 34 -1.98 -31.62 2.87
C MET B 34 -1.94 -31.02 1.47
N PRO B 35 -0.83 -30.42 0.99
CA PRO B 35 -0.87 -29.83 -0.35
C PRO B 35 -1.19 -30.80 -1.49
N ASP B 36 -0.78 -32.07 -1.38
CA ASP B 36 -0.94 -33.01 -2.49
C ASP B 36 -2.40 -33.36 -2.75
N VAL B 37 -3.19 -33.52 -1.68
CA VAL B 37 -4.61 -33.86 -1.84
C VAL B 37 -5.33 -32.76 -2.60
N PHE B 38 -5.10 -31.51 -2.22
CA PHE B 38 -5.79 -30.41 -2.87
C PHE B 38 -5.22 -30.11 -4.25
N GLY B 39 -3.94 -30.39 -4.48
CA GLY B 39 -3.43 -30.31 -5.82
C GLY B 39 -4.08 -31.31 -6.75
N THR B 40 -4.30 -32.54 -6.25
CA THR B 40 -4.98 -33.54 -7.05
C THR B 40 -6.43 -33.16 -7.30
N LEU B 41 -7.14 -32.68 -6.28
CA LEU B 41 -8.56 -32.40 -6.44
C LEU B 41 -8.80 -31.16 -7.28
N ASP B 42 -7.97 -30.12 -7.13
CA ASP B 42 -8.16 -28.88 -7.88
C ASP B 42 -7.78 -29.01 -9.35
N ASP B 43 -7.17 -30.11 -9.77
CA ASP B 43 -6.77 -30.28 -11.16
C ASP B 43 -7.75 -31.12 -11.97
N ASP B 44 -8.44 -32.09 -11.35
CA ASP B 44 -9.38 -32.91 -12.06
C ASP B 44 -10.58 -32.06 -12.51
N PRO B 45 -11.14 -32.33 -13.69
CA PRO B 45 -12.31 -31.57 -14.14
C PRO B 45 -13.64 -32.15 -13.68
N ASP B 46 -13.63 -33.35 -13.11
CA ASP B 46 -14.86 -33.99 -12.64
C ASP B 46 -15.29 -33.49 -11.27
N VAL B 47 -14.52 -32.62 -10.63
CA VAL B 47 -14.83 -32.09 -9.30
C VAL B 47 -15.05 -30.60 -9.43
N ARG B 48 -16.19 -30.13 -8.93
CA ARG B 48 -16.55 -28.72 -8.99
C ARG B 48 -16.79 -28.06 -7.64
N ALA B 49 -16.88 -28.84 -6.55
CA ALA B 49 -16.95 -28.31 -5.20
C ALA B 49 -16.52 -29.38 -4.23
N ILE B 50 -16.07 -28.95 -3.05
CA ILE B 50 -15.53 -29.84 -2.03
C ILE B 50 -16.25 -29.60 -0.72
N VAL B 51 -16.53 -30.67 0.02
CA VAL B 51 -17.09 -30.62 1.36
C VAL B 51 -16.05 -31.16 2.33
N LEU B 52 -15.83 -30.43 3.43
CA LEU B 52 -14.79 -30.77 4.41
C LEU B 52 -15.44 -31.01 5.77
N THR B 53 -15.26 -32.21 6.31
CA THR B 53 -15.81 -32.57 7.61
C THR B 53 -14.81 -33.43 8.35
N GLY B 54 -14.99 -33.52 9.66
CA GLY B 54 -14.07 -34.23 10.54
C GLY B 54 -14.70 -35.51 11.09
N SER B 55 -13.86 -36.53 11.26
CA SER B 55 -14.34 -37.84 11.70
C SER B 55 -14.73 -37.83 13.17
N GLY B 56 -15.59 -38.78 13.53
CA GLY B 56 -15.92 -39.00 14.92
C GLY B 56 -16.98 -38.10 15.51
N LYS B 57 -16.75 -37.62 16.73
CA LYS B 57 -17.68 -36.76 17.43
C LYS B 57 -17.17 -35.33 17.58
N ASN B 58 -16.03 -35.01 16.96
CA ASN B 58 -15.43 -33.69 17.03
C ASN B 58 -14.89 -33.33 15.65
N PHE B 59 -14.40 -32.10 15.51
CA PHE B 59 -13.73 -31.68 14.29
C PHE B 59 -12.23 -31.90 14.37
N SER B 60 -11.58 -31.26 15.35
CA SER B 60 -10.16 -31.50 15.62
C SER B 60 -9.83 -30.94 16.99
N TYR B 61 -8.69 -31.40 17.53
CA TYR B 61 -8.20 -30.91 18.81
C TYR B 61 -7.01 -29.98 18.67
N GLY B 62 -6.54 -29.72 17.45
CA GLY B 62 -5.41 -28.84 17.25
C GLY B 62 -4.18 -29.58 16.78
N LEU B 63 -3.02 -29.18 17.29
CA LEU B 63 -1.75 -29.75 16.88
C LEU B 63 -1.25 -30.72 17.94
N ASP B 64 -0.78 -31.88 17.49
CA ASP B 64 -0.26 -32.90 18.38
C ASP B 64 1.04 -32.45 19.02
N ALA B 77 19.38 -21.74 22.91
CA ALA B 77 19.94 -22.31 21.70
C ALA B 77 20.57 -21.22 20.83
N GLY B 78 21.30 -21.63 19.80
CA GLY B 78 21.98 -20.73 18.90
C GLY B 78 21.29 -20.63 17.55
N ALA B 79 21.86 -19.76 16.71
CA ALA B 79 21.20 -19.35 15.46
C ALA B 79 20.96 -20.52 14.52
N LYS B 80 21.80 -21.56 14.59
CA LYS B 80 21.67 -22.67 13.66
C LYS B 80 20.38 -23.47 13.91
N SER B 81 19.97 -23.61 15.17
CA SER B 81 18.73 -24.32 15.47
C SER B 81 17.50 -23.46 15.19
N ARG B 82 17.61 -22.16 15.48
CA ARG B 82 16.54 -21.23 15.12
C ARG B 82 16.29 -21.22 13.62
N SER B 83 17.35 -21.36 12.81
CA SER B 83 17.16 -21.36 11.36
C SER B 83 16.31 -22.54 10.91
N ASP B 84 16.58 -23.72 11.47
CA ASP B 84 15.80 -24.90 11.13
C ASP B 84 14.36 -24.76 11.61
N PHE B 85 14.17 -24.19 12.80
CA PHE B 85 12.82 -23.89 13.28
C PHE B 85 12.07 -22.95 12.33
N HIS B 86 12.77 -21.93 11.82
CA HIS B 86 12.16 -20.96 10.91
C HIS B 86 11.71 -21.63 9.61
N LYS B 87 12.62 -22.38 8.97
CA LYS B 87 12.26 -23.06 7.74
C LYS B 87 11.17 -24.09 7.97
N ARG B 88 11.09 -24.64 9.20
CA ARG B 88 10.09 -25.64 9.51
C ARG B 88 8.71 -25.02 9.71
N LEU B 89 8.66 -23.83 10.32
CA LEU B 89 7.39 -23.10 10.47
C LEU B 89 6.82 -22.69 9.12
N GLN B 90 7.69 -22.25 8.20
CA GLN B 90 7.22 -21.83 6.88
C GLN B 90 6.50 -22.95 6.13
N LYS B 91 6.90 -24.20 6.32
CA LYS B 91 6.25 -25.30 5.59
C LYS B 91 4.82 -25.56 6.09
N MET B 92 4.60 -25.48 7.39
CA MET B 92 3.25 -25.56 7.93
C MET B 92 2.38 -24.42 7.42
N GLN B 93 2.96 -23.21 7.38
CA GLN B 93 2.24 -22.08 6.81
C GLN B 93 1.84 -22.36 5.36
N GLY B 94 2.75 -22.92 4.57
CA GLY B 94 2.43 -23.21 3.18
C GLY B 94 1.38 -24.29 3.02
N ALA B 95 1.40 -25.29 3.91
CA ALA B 95 0.39 -26.34 3.87
C ALA B 95 -1.01 -25.77 4.12
N ILE B 96 -1.13 -24.79 5.04
CA ILE B 96 -2.43 -24.17 5.24
C ILE B 96 -2.77 -23.24 4.07
N THR B 97 -1.79 -22.52 3.53
CA THR B 97 -2.04 -21.63 2.39
C THR B 97 -2.44 -22.38 1.13
N ALA B 98 -2.12 -23.67 1.02
CA ALA B 98 -2.52 -24.45 -0.15
C ALA B 98 -4.04 -24.49 -0.31
N VAL B 99 -4.78 -24.65 0.79
CA VAL B 99 -6.23 -24.76 0.72
C VAL B 99 -6.85 -23.44 0.32
N ALA B 100 -6.30 -22.33 0.80
CA ALA B 100 -6.86 -21.00 0.59
C ALA B 100 -6.59 -20.44 -0.79
N ASP B 101 -5.78 -21.10 -1.60
CA ASP B 101 -5.42 -20.62 -2.92
C ASP B 101 -5.91 -21.49 -4.06
N CYS B 102 -6.65 -22.56 -3.77
CA CYS B 102 -7.21 -23.36 -4.85
C CYS B 102 -8.45 -22.69 -5.42
N ARG B 103 -8.77 -23.03 -6.67
CA ARG B 103 -9.86 -22.40 -7.39
C ARG B 103 -11.16 -23.20 -7.36
N THR B 104 -11.20 -24.31 -6.64
CA THR B 104 -12.45 -25.03 -6.42
C THR B 104 -13.03 -24.63 -5.07
N PRO B 105 -14.29 -24.21 -5.01
CA PRO B 105 -14.87 -23.78 -3.73
C PRO B 105 -15.00 -24.92 -2.72
N THR B 106 -14.89 -24.56 -1.44
CA THR B 106 -14.94 -25.52 -0.34
C THR B 106 -15.96 -25.07 0.70
N ILE B 107 -16.68 -26.04 1.27
CA ILE B 107 -17.64 -25.79 2.34
C ILE B 107 -17.28 -26.68 3.53
N ALA B 108 -17.12 -26.09 4.70
CA ALA B 108 -16.82 -26.82 5.93
C ALA B 108 -18.10 -27.12 6.72
N SER B 109 -18.10 -28.26 7.41
CA SER B 109 -19.25 -28.66 8.23
C SER B 109 -18.72 -29.09 9.59
N VAL B 110 -19.05 -28.34 10.64
CA VAL B 110 -18.37 -28.43 11.93
C VAL B 110 -19.32 -29.00 12.97
N HIS B 111 -18.91 -30.11 13.59
CA HIS B 111 -19.64 -30.73 14.68
C HIS B 111 -18.67 -30.98 15.83
N GLY B 112 -19.05 -30.57 17.03
CA GLY B 112 -18.29 -30.97 18.22
C GLY B 112 -17.37 -29.96 18.84
N TRP B 113 -16.07 -30.15 18.64
CA TRP B 113 -15.02 -29.30 19.19
C TRP B 113 -14.13 -28.80 18.06
N CYS B 114 -13.60 -27.59 18.23
CA CYS B 114 -12.73 -26.96 17.23
C CYS B 114 -11.71 -26.11 17.99
N ILE B 115 -10.49 -26.61 18.13
CA ILE B 115 -9.49 -26.05 19.04
C ILE B 115 -8.21 -25.77 18.27
N GLY B 116 -7.66 -24.58 18.48
CA GLY B 116 -6.32 -24.27 18.04
C GLY B 116 -6.10 -24.28 16.54
N GLY B 117 -5.38 -25.28 16.04
CA GLY B 117 -5.12 -25.36 14.61
C GLY B 117 -6.36 -25.67 13.79
N GLY B 118 -7.40 -26.19 14.45
CA GLY B 118 -8.67 -26.40 13.76
C GLY B 118 -9.33 -25.09 13.35
N VAL B 119 -9.19 -24.06 14.20
CA VAL B 119 -9.70 -22.74 13.83
C VAL B 119 -8.89 -22.13 12.69
N ASP B 120 -7.58 -22.39 12.68
CA ASP B 120 -6.75 -21.90 11.58
C ASP B 120 -7.13 -22.52 10.25
N LEU B 121 -7.58 -23.77 10.26
CA LEU B 121 -7.96 -24.46 9.04
C LEU B 121 -9.29 -23.94 8.49
N ILE B 122 -10.30 -23.74 9.35
CA ILE B 122 -11.62 -23.35 8.86
C ILE B 122 -11.72 -21.87 8.53
N SER B 123 -10.70 -21.08 8.84
CA SER B 123 -10.65 -19.70 8.38
C SER B 123 -10.09 -19.55 6.96
N ALA B 124 -9.80 -20.66 6.29
CA ALA B 124 -9.31 -20.65 4.91
C ALA B 124 -10.30 -21.24 3.91
N VAL B 125 -11.49 -21.60 4.35
CA VAL B 125 -12.54 -22.09 3.46
C VAL B 125 -13.52 -20.96 3.16
N ASP B 126 -14.39 -21.19 2.18
CA ASP B 126 -15.30 -20.14 1.72
C ASP B 126 -16.53 -20.01 2.63
N ILE B 127 -17.12 -21.13 3.04
CA ILE B 127 -18.37 -21.15 3.81
C ILE B 127 -18.21 -22.11 4.99
N ARG B 128 -18.86 -21.77 6.11
CA ARG B 128 -18.81 -22.56 7.34
C ARG B 128 -20.21 -22.79 7.89
N TYR B 129 -20.57 -24.06 8.13
CA TYR B 129 -21.84 -24.44 8.77
C TYR B 129 -21.54 -25.19 10.06
N ALA B 130 -22.42 -25.03 11.05
CA ALA B 130 -22.24 -25.64 12.35
C ALA B 130 -23.53 -26.31 12.84
N SER B 131 -23.41 -27.06 13.92
CA SER B 131 -24.54 -27.62 14.66
C SER B 131 -24.58 -27.02 16.07
N ALA B 132 -25.53 -27.48 16.89
CA ALA B 132 -25.79 -26.85 18.18
C ALA B 132 -24.81 -27.26 19.27
N ASP B 133 -24.06 -28.35 19.07
CA ASP B 133 -23.13 -28.86 20.07
C ASP B 133 -21.68 -28.49 19.77
N ALA B 134 -21.45 -27.37 19.10
CA ALA B 134 -20.12 -26.99 18.63
C ALA B 134 -19.48 -25.95 19.55
N LYS B 135 -18.17 -26.05 19.74
CA LYS B 135 -17.43 -25.19 20.63
C LYS B 135 -16.13 -24.76 19.96
N PHE B 136 -15.76 -23.49 20.11
CA PHE B 136 -14.63 -22.91 19.40
C PHE B 136 -13.72 -22.15 20.36
N SER B 137 -12.41 -22.19 20.09
CA SER B 137 -11.43 -21.43 20.86
C SER B 137 -10.13 -21.25 20.08
N VAL B 138 -9.40 -20.19 20.42
CA VAL B 138 -8.04 -19.94 19.95
C VAL B 138 -7.14 -20.02 21.18
N ARG B 139 -6.51 -21.19 21.41
CA ARG B 139 -5.96 -21.52 22.71
C ARG B 139 -4.43 -21.47 22.77
N GLU B 140 -3.78 -20.80 21.84
CA GLU B 140 -2.32 -20.78 21.88
C GLU B 140 -1.81 -19.92 23.02
N VAL B 141 -2.54 -18.87 23.40
CA VAL B 141 -2.05 -17.96 24.42
C VAL B 141 -1.91 -18.67 25.77
N LYS B 142 -2.73 -19.70 26.01
CA LYS B 142 -2.65 -20.47 27.25
C LYS B 142 -1.52 -21.50 27.22
N LEU B 143 -0.94 -21.74 26.05
CA LEU B 143 0.24 -22.58 25.91
C LEU B 143 1.53 -21.78 25.95
N ALA B 144 1.43 -20.45 26.12
CA ALA B 144 2.56 -19.53 26.00
C ALA B 144 3.10 -19.50 24.57
N ILE B 145 2.18 -19.43 23.61
CA ILE B 145 2.49 -19.38 22.19
C ILE B 145 1.73 -18.20 21.57
N VAL B 146 2.36 -17.53 20.61
CA VAL B 146 1.68 -16.60 19.73
C VAL B 146 1.42 -17.33 18.42
N ALA B 147 0.14 -17.48 18.07
CA ALA B 147 -0.24 -18.35 16.95
C ALA B 147 0.38 -17.85 15.65
N ASP B 148 0.97 -18.78 14.89
CA ASP B 148 1.74 -18.41 13.71
C ASP B 148 1.51 -19.36 12.55
N VAL B 149 0.31 -19.93 12.44
CA VAL B 149 0.00 -20.83 11.33
C VAL B 149 -1.08 -20.26 10.42
N GLY B 150 -1.74 -19.18 10.81
CA GLY B 150 -2.65 -18.51 9.91
C GLY B 150 -3.89 -17.89 10.51
N SER B 151 -4.13 -18.12 11.81
CA SER B 151 -5.36 -17.65 12.43
C SER B 151 -5.42 -16.12 12.47
N LEU B 152 -4.37 -15.49 13.00
CA LEU B 152 -4.37 -14.04 13.19
C LEU B 152 -4.15 -13.26 11.90
N ALA B 153 -3.75 -13.92 10.82
CA ALA B 153 -3.57 -13.25 9.55
C ALA B 153 -4.82 -13.24 8.70
N ARG B 154 -5.65 -14.28 8.80
CA ARG B 154 -6.85 -14.41 7.99
C ARG B 154 -8.13 -14.15 8.75
N LEU B 155 -8.11 -14.24 10.06
CA LEU B 155 -9.30 -14.09 10.89
C LEU B 155 -9.79 -12.65 10.94
N PRO B 156 -8.92 -11.64 10.78
CA PRO B 156 -9.42 -10.25 10.66
C PRO B 156 -10.38 -9.96 9.51
N LEU B 157 -10.39 -10.74 8.43
CA LEU B 157 -11.40 -10.51 7.41
C LEU B 157 -12.74 -11.12 7.75
N ILE B 158 -12.79 -12.03 8.71
CA ILE B 158 -14.02 -12.72 9.08
C ILE B 158 -14.73 -12.01 10.22
N LEU B 159 -14.00 -11.57 11.23
CA LEU B 159 -14.54 -10.97 12.42
C LEU B 159 -14.29 -9.48 12.42
N SER B 160 -14.65 -8.84 13.54
CA SER B 160 -14.37 -7.44 13.80
C SER B 160 -13.34 -7.33 14.91
N ASP B 161 -13.00 -6.09 15.25
CA ASP B 161 -11.83 -5.84 16.07
C ASP B 161 -12.03 -6.30 17.51
N GLY B 162 -13.16 -5.92 18.13
CA GLY B 162 -13.37 -6.25 19.53
C GLY B 162 -13.55 -7.74 19.79
N HIS B 163 -14.34 -8.41 18.97
CA HIS B 163 -14.55 -9.84 19.14
C HIS B 163 -13.26 -10.63 18.93
N LEU B 164 -12.50 -10.29 17.89
CA LEU B 164 -11.19 -10.88 17.67
C LEU B 164 -10.27 -10.65 18.85
N ARG B 165 -10.21 -9.42 19.37
CA ARG B 165 -9.27 -9.13 20.45
C ARG B 165 -9.62 -9.89 21.72
N GLU B 166 -10.92 -9.96 22.05
CA GLU B 166 -11.32 -10.74 23.20
C GLU B 166 -10.98 -12.21 23.04
N LEU B 167 -11.31 -12.79 21.88
CA LEU B 167 -11.03 -14.21 21.66
C LEU B 167 -9.54 -14.51 21.76
N ALA B 168 -8.71 -13.68 21.13
CA ALA B 168 -7.27 -13.93 21.08
C ALA B 168 -6.56 -13.64 22.39
N LEU B 169 -7.08 -12.69 23.20
CA LEU B 169 -6.39 -12.34 24.44
C LEU B 169 -6.85 -13.15 25.64
N THR B 170 -8.09 -13.64 25.65
CA THR B 170 -8.55 -14.39 26.81
C THR B 170 -8.26 -15.88 26.70
N GLY B 171 -8.53 -16.49 25.56
CA GLY B 171 -8.35 -17.92 25.39
C GLY B 171 -9.53 -18.76 25.78
N LYS B 172 -10.74 -18.20 25.81
CA LYS B 172 -11.92 -18.90 26.29
C LYS B 172 -12.64 -19.65 25.16
N ASP B 173 -13.65 -20.43 25.56
CA ASP B 173 -14.47 -21.21 24.65
C ASP B 173 -15.78 -20.49 24.40
N ILE B 174 -16.28 -20.57 23.17
CA ILE B 174 -17.61 -20.06 22.86
C ILE B 174 -18.41 -21.14 22.15
N ASP B 175 -19.74 -20.99 22.23
CA ASP B 175 -20.67 -21.95 21.65
C ASP B 175 -21.22 -21.42 20.32
N ALA B 176 -22.06 -22.24 19.68
CA ALA B 176 -22.44 -22.01 18.30
C ALA B 176 -23.34 -20.79 18.14
N ALA B 177 -24.12 -20.44 19.17
CA ALA B 177 -24.98 -19.27 19.08
C ALA B 177 -24.18 -17.98 19.01
N ARG B 178 -23.17 -17.84 19.87
CA ARG B 178 -22.33 -16.65 19.84
C ARG B 178 -21.47 -16.60 18.58
N ALA B 179 -21.00 -17.75 18.11
CA ALA B 179 -20.25 -17.80 16.86
C ALA B 179 -21.11 -17.40 15.68
N GLU B 180 -22.38 -17.80 15.67
CA GLU B 180 -23.28 -17.35 14.61
C GLU B 180 -23.53 -15.85 14.70
N LYS B 181 -23.68 -15.33 15.92
CA LYS B 181 -23.93 -13.90 16.06
C LYS B 181 -22.75 -13.06 15.59
N ILE B 182 -21.52 -13.47 15.94
CA ILE B 182 -20.36 -12.63 15.64
C ILE B 182 -19.86 -12.77 14.21
N GLY B 183 -20.39 -13.71 13.44
CA GLY B 183 -20.04 -13.87 12.05
C GLY B 183 -19.05 -14.97 11.70
N LEU B 184 -18.75 -15.87 12.64
CA LEU B 184 -17.80 -16.92 12.33
C LEU B 184 -18.42 -18.05 11.50
N VAL B 185 -19.73 -18.29 11.66
CA VAL B 185 -20.41 -19.28 10.83
C VAL B 185 -21.61 -18.59 10.18
N ASN B 186 -22.10 -19.18 9.09
CA ASN B 186 -23.28 -18.65 8.42
C ASN B 186 -24.58 -19.15 9.01
N ASP B 187 -24.69 -20.45 9.31
CA ASP B 187 -25.93 -21.04 9.79
C ASP B 187 -25.62 -22.06 10.88
N VAL B 188 -26.62 -22.33 11.71
CA VAL B 188 -26.55 -23.31 12.79
C VAL B 188 -27.76 -24.24 12.67
N TYR B 189 -27.56 -25.53 12.91
CA TYR B 189 -28.59 -26.55 12.78
C TYR B 189 -28.60 -27.44 14.03
N ASP B 190 -29.61 -28.31 14.11
CA ASP B 190 -29.89 -29.03 15.36
C ASP B 190 -28.90 -30.16 15.60
N ASP B 191 -28.55 -30.93 14.57
CA ASP B 191 -27.68 -32.08 14.73
C ASP B 191 -26.61 -32.08 13.65
N ALA B 192 -25.69 -33.04 13.75
CA ALA B 192 -24.59 -33.15 12.79
C ALA B 192 -25.11 -33.45 11.39
N GLU B 193 -26.07 -34.37 11.29
CA GLU B 193 -26.54 -34.84 9.98
C GLU B 193 -27.27 -33.75 9.22
N ALA B 194 -28.01 -32.89 9.93
CA ALA B 194 -28.67 -31.76 9.29
C ALA B 194 -27.66 -30.80 8.68
N SER B 195 -26.59 -30.50 9.42
CA SER B 195 -25.57 -29.59 8.91
C SER B 195 -24.83 -30.20 7.72
N LEU B 196 -24.54 -31.50 7.78
CA LEU B 196 -23.85 -32.12 6.66
C LEU B 196 -24.74 -32.14 5.40
N ALA B 197 -26.04 -32.35 5.59
CA ALA B 197 -26.97 -32.28 4.46
C ALA B 197 -27.07 -30.88 3.90
N ALA B 198 -27.09 -29.85 4.76
CA ALA B 198 -27.13 -28.47 4.28
C ALA B 198 -25.88 -28.12 3.48
N ALA B 199 -24.72 -28.55 3.97
CA ALA B 199 -23.48 -28.32 3.25
C ALA B 199 -23.49 -29.00 1.88
N HIS B 200 -23.99 -30.23 1.81
CA HIS B 200 -24.05 -30.92 0.52
C HIS B 200 -25.04 -30.25 -0.43
N ALA B 201 -26.16 -29.75 0.09
CA ALA B 201 -27.11 -29.05 -0.76
C ALA B 201 -26.50 -27.79 -1.36
N THR B 202 -25.78 -27.00 -0.55
CA THR B 202 -25.13 -25.80 -1.07
C THR B 202 -24.02 -26.14 -2.06
N ALA B 203 -23.23 -27.18 -1.78
CA ALA B 203 -22.19 -27.56 -2.72
C ALA B 203 -22.79 -27.97 -4.07
N ALA B 204 -23.87 -28.74 -4.04
CA ALA B 204 -24.55 -29.11 -5.28
C ALA B 204 -25.14 -27.91 -5.99
N GLU B 205 -25.60 -26.91 -5.24
CA GLU B 205 -26.08 -25.68 -5.86
C GLU B 205 -24.97 -24.95 -6.59
N ILE B 206 -23.77 -24.90 -5.99
CA ILE B 206 -22.65 -24.23 -6.64
C ILE B 206 -22.18 -25.01 -7.86
N ALA B 207 -22.16 -26.35 -7.79
CA ALA B 207 -21.71 -27.18 -8.91
C ALA B 207 -22.66 -27.17 -10.12
N ALA B 208 -23.74 -26.41 -10.17
CA ALA B 208 -24.61 -26.33 -11.34
C ALA B 208 -24.44 -25.01 -12.11
N ASN B 209 -23.47 -24.19 -11.74
CA ASN B 209 -23.11 -22.98 -12.46
C ASN B 209 -21.96 -23.28 -13.41
N PRO B 210 -21.69 -22.38 -14.37
CA PRO B 210 -20.52 -22.57 -15.25
C PRO B 210 -19.22 -22.53 -14.48
N PRO B 211 -18.30 -23.46 -14.76
CA PRO B 211 -17.09 -23.60 -13.92
C PRO B 211 -16.05 -22.50 -14.11
N LEU B 212 -15.86 -22.03 -15.36
CA LEU B 212 -14.93 -20.93 -15.60
C LEU B 212 -15.37 -19.64 -14.92
N THR B 213 -16.67 -19.35 -14.93
CA THR B 213 -17.16 -18.16 -14.24
C THR B 213 -16.92 -18.25 -12.74
N VAL B 214 -17.09 -19.44 -12.16
CA VAL B 214 -16.86 -19.61 -10.73
C VAL B 214 -15.40 -19.40 -10.38
N ALA B 215 -14.51 -20.04 -11.14
CA ALA B 215 -13.08 -19.87 -10.89
C ALA B 215 -12.63 -18.42 -11.10
N GLY B 216 -13.22 -17.71 -12.06
CA GLY B 216 -12.88 -16.32 -12.26
C GLY B 216 -13.35 -15.42 -11.13
N VAL B 217 -14.54 -15.69 -10.59
CA VAL B 217 -15.01 -14.93 -9.43
C VAL B 217 -14.08 -15.14 -8.25
N LYS B 218 -13.65 -16.39 -8.04
CA LYS B 218 -12.69 -16.67 -6.96
C LYS B 218 -11.38 -15.93 -7.18
N ASP B 219 -10.88 -15.90 -8.42
CA ASP B 219 -9.62 -15.21 -8.71
C ASP B 219 -9.72 -13.71 -8.41
N VAL B 220 -10.80 -13.08 -8.88
CA VAL B 220 -10.99 -11.65 -8.67
C VAL B 220 -11.11 -11.33 -7.18
N LEU B 221 -11.82 -12.16 -6.43
CA LEU B 221 -11.96 -11.91 -5.00
C LEU B 221 -10.66 -12.13 -4.25
N ASP B 222 -9.85 -13.11 -4.66
CA ASP B 222 -8.60 -13.40 -3.97
C ASP B 222 -7.52 -12.37 -4.29
N ALA B 223 -7.60 -11.69 -5.44
CA ALA B 223 -6.61 -10.68 -5.76
C ALA B 223 -6.67 -9.47 -4.83
N GLN B 224 -7.67 -9.39 -3.96
CA GLN B 224 -7.88 -8.24 -3.08
C GLN B 224 -7.22 -8.38 -1.71
N ARG B 225 -6.65 -9.53 -1.36
CA ARG B 225 -6.26 -9.74 0.04
C ARG B 225 -4.90 -10.40 0.26
N THR B 226 -4.15 -10.72 -0.79
CA THR B 226 -2.99 -11.61 -0.64
C THR B 226 -1.81 -10.94 0.05
N ALA B 227 -1.55 -9.66 -0.27
CA ALA B 227 -0.35 -8.99 0.22
C ALA B 227 -0.35 -8.88 1.74
N GLN B 228 -1.48 -8.50 2.33
CA GLN B 228 -1.56 -8.33 3.78
C GLN B 228 -1.33 -9.63 4.51
N VAL B 229 -1.92 -10.72 4.01
CA VAL B 229 -1.75 -12.03 4.62
C VAL B 229 -0.29 -12.46 4.57
N ALA B 230 0.35 -12.29 3.41
CA ALA B 230 1.74 -12.68 3.29
C ALA B 230 2.64 -11.88 4.23
N GLU B 231 2.41 -10.58 4.33
CA GLU B 231 3.22 -9.73 5.21
C GLU B 231 3.07 -10.13 6.67
N SER B 232 1.83 -10.36 7.10
CA SER B 232 1.57 -10.76 8.49
C SER B 232 2.23 -12.09 8.81
N LEU B 233 2.19 -13.04 7.86
CA LEU B 233 2.83 -14.33 8.05
C LEU B 233 4.34 -14.20 8.21
N ARG B 234 4.98 -13.39 7.36
CA ARG B 234 6.42 -13.15 7.51
C ARG B 234 6.76 -12.62 8.89
N TYR B 235 6.07 -11.57 9.31
CA TYR B 235 6.38 -10.94 10.59
C TYR B 235 6.20 -11.90 11.76
N VAL B 236 5.14 -12.71 11.74
CA VAL B 236 4.91 -13.62 12.87
C VAL B 236 5.94 -14.74 12.89
N ALA B 237 6.39 -15.22 11.73
CA ALA B 237 7.46 -16.21 11.72
C ALA B 237 8.72 -15.67 12.39
N ALA B 238 9.11 -14.43 12.04
CA ALA B 238 10.30 -13.85 12.66
C ALA B 238 10.12 -13.68 14.18
N TRP B 239 8.96 -13.18 14.61
CA TRP B 239 8.69 -12.96 16.03
C TRP B 239 8.76 -14.25 16.82
N ASN B 240 8.18 -15.33 16.29
CA ASN B 240 8.19 -16.59 17.03
C ASN B 240 9.57 -17.22 17.03
N SER B 241 10.35 -17.05 15.96
CA SER B 241 11.72 -17.53 16.00
C SER B 241 12.53 -16.79 17.06
N ALA B 242 12.19 -15.53 17.34
CA ALA B 242 12.93 -14.80 18.35
C ALA B 242 12.52 -15.19 19.76
N PHE B 243 11.20 -15.21 20.05
CA PHE B 243 10.73 -15.19 21.43
C PHE B 243 9.99 -16.43 21.92
N LEU B 244 9.86 -17.49 21.11
CA LEU B 244 9.02 -18.62 21.53
C LEU B 244 9.62 -19.41 22.68
N PRO B 245 10.83 -19.98 22.59
CA PRO B 245 11.28 -20.91 23.62
C PRO B 245 11.65 -20.17 24.90
N SER B 246 10.98 -20.51 25.99
CA SER B 246 11.21 -19.85 27.26
C SER B 246 10.88 -20.81 28.40
N LYS B 247 10.90 -20.29 29.63
CA LYS B 247 10.56 -21.08 30.80
C LYS B 247 9.04 -21.27 30.92
N ASP B 248 8.25 -20.23 30.60
CA ASP B 248 6.80 -20.36 30.69
C ASP B 248 6.25 -21.37 29.71
N LEU B 249 6.99 -21.70 28.65
CA LEU B 249 6.57 -22.79 27.78
C LEU B 249 6.65 -24.12 28.51
N ALA B 250 7.65 -24.31 29.35
CA ALA B 250 7.80 -25.52 30.15
C ALA B 250 7.01 -25.47 31.44
N GLU B 251 6.58 -24.29 31.88
CA GLU B 251 5.81 -24.14 33.10
C GLU B 251 4.39 -24.67 32.96
N ALA B 252 3.97 -25.03 31.76
CA ALA B 252 2.65 -25.60 31.53
C ALA B 252 2.66 -26.49 30.31
N TYR C 1 -2.01 13.34 40.07
CA TYR C 1 -2.56 13.92 38.85
C TYR C 1 -3.82 14.70 39.16
N GLU C 2 -4.13 15.69 38.32
CA GLU C 2 -5.29 16.54 38.51
C GLU C 2 -6.46 16.18 37.62
N SER C 3 -6.38 15.07 36.90
CA SER C 3 -7.45 14.67 35.99
C SER C 3 -7.90 13.22 36.12
N VAL C 4 -7.12 12.36 36.81
CA VAL C 4 -7.46 10.95 36.95
C VAL C 4 -7.10 10.49 38.36
N THR C 5 -7.51 9.26 38.66
CA THR C 5 -7.12 8.54 39.87
C THR C 5 -6.68 7.14 39.45
N VAL C 6 -5.63 6.62 40.08
CA VAL C 6 -5.08 5.30 39.76
C VAL C 6 -4.97 4.49 41.05
N GLU C 7 -5.50 3.26 41.03
CA GLU C 7 -5.39 2.37 42.18
C GLU C 7 -5.14 0.94 41.70
N VAL C 8 -4.04 0.34 42.16
CA VAL C 8 -3.60 -0.95 41.69
C VAL C 8 -3.81 -1.99 42.79
N LYS C 9 -4.30 -3.17 42.39
CA LYS C 9 -4.54 -4.27 43.31
C LYS C 9 -4.53 -5.58 42.53
N ASP C 10 -3.82 -6.57 43.05
CA ASP C 10 -3.81 -7.93 42.51
C ASP C 10 -3.58 -7.94 41.00
N HIS C 11 -2.55 -7.22 40.57
CA HIS C 11 -2.06 -7.16 39.18
C HIS C 11 -2.99 -6.43 38.24
N VAL C 12 -4.02 -5.76 38.73
CA VAL C 12 -4.87 -4.93 37.87
C VAL C 12 -4.93 -3.54 38.46
N ALA C 13 -4.72 -2.54 37.61
CA ALA C 13 -4.88 -1.14 38.00
C ALA C 13 -6.21 -0.63 37.45
N GLN C 14 -6.95 0.09 38.28
CA GLN C 14 -8.14 0.80 37.84
C GLN C 14 -7.82 2.28 37.71
N VAL C 15 -8.24 2.86 36.59
CA VAL C 15 -7.97 4.25 36.23
C VAL C 15 -9.30 4.95 36.03
N THR C 16 -9.58 5.95 36.86
CA THR C 16 -10.85 6.66 36.84
C THR C 16 -10.62 8.09 36.43
N LEU C 17 -11.49 8.63 35.59
CA LEU C 17 -11.37 10.01 35.12
C LEU C 17 -12.33 10.90 35.88
N ILE C 18 -11.81 11.97 36.47
CA ILE C 18 -12.57 12.82 37.38
C ILE C 18 -12.69 14.26 36.88
N GLY C 19 -12.32 14.54 35.64
CA GLY C 19 -12.46 15.87 35.10
C GLY C 19 -11.47 16.88 35.64
N GLY C 23 -19.26 17.47 33.88
CA GLY C 23 -19.54 16.06 33.67
C GLY C 23 -18.38 15.33 33.00
N ASN C 24 -17.25 15.29 33.68
CA ASN C 24 -16.03 14.64 33.21
C ASN C 24 -15.49 15.29 31.95
N ALA C 25 -15.73 16.58 31.76
CA ALA C 25 -15.26 17.27 30.56
C ALA C 25 -13.73 17.26 30.51
N MET C 26 -13.19 17.18 29.31
CA MET C 26 -11.77 17.01 29.08
C MET C 26 -11.14 18.34 28.67
N GLY C 27 -10.24 18.85 29.50
CA GLY C 27 -9.62 20.13 29.25
C GLY C 27 -8.12 20.03 29.05
N PRO C 28 -7.42 21.16 29.18
CA PRO C 28 -5.98 21.17 28.88
C PRO C 28 -5.16 20.23 29.75
N ALA C 29 -5.55 20.05 31.01
CA ALA C 29 -4.83 19.13 31.89
C ALA C 29 -4.90 17.70 31.37
N PHE C 30 -6.02 17.32 30.75
CA PHE C 30 -6.18 16.00 30.18
C PHE C 30 -5.13 15.74 29.10
N TRP C 31 -5.05 16.64 28.12
CA TRP C 31 -4.10 16.47 27.02
C TRP C 31 -2.67 16.59 27.50
N GLU C 32 -2.42 17.35 28.57
CA GLU C 32 -1.07 17.44 29.08
C GLU C 32 -0.66 16.17 29.82
N GLU C 33 -1.60 15.50 30.48
CA GLU C 33 -1.25 14.48 31.47
C GLU C 33 -1.39 13.05 30.99
N MET C 34 -2.29 12.74 30.03
CA MET C 34 -2.54 11.34 29.71
C MET C 34 -1.30 10.54 29.31
N PRO C 35 -0.42 11.02 28.41
CA PRO C 35 0.74 10.19 28.03
C PRO C 35 1.61 9.77 29.20
N ASP C 36 1.85 10.64 30.19
CA ASP C 36 2.67 10.25 31.33
C ASP C 36 1.96 9.23 32.22
N VAL C 37 0.65 9.41 32.41
CA VAL C 37 -0.13 8.47 33.21
C VAL C 37 -0.05 7.08 32.61
N PHE C 38 -0.20 6.98 31.29
CA PHE C 38 -0.18 5.65 30.69
C PHE C 38 1.23 5.10 30.54
N GLY C 39 2.23 5.95 30.36
CA GLY C 39 3.60 5.47 30.30
C GLY C 39 4.06 4.90 31.62
N THR C 40 3.61 5.49 32.73
CA THR C 40 3.99 4.97 34.04
C THR C 40 3.46 3.55 34.26
N LEU C 41 2.22 3.30 33.86
CA LEU C 41 1.58 2.01 34.13
C LEU C 41 2.10 0.90 33.23
N ASP C 42 2.52 1.23 32.01
CA ASP C 42 2.99 0.22 31.07
C ASP C 42 4.46 -0.16 31.29
N ASP C 43 5.14 0.45 32.26
CA ASP C 43 6.54 0.18 32.50
C ASP C 43 6.76 -0.86 33.59
N ASP C 44 6.21 -0.65 34.78
CA ASP C 44 6.44 -1.57 35.88
C ASP C 44 5.74 -2.91 35.62
N PRO C 45 6.33 -4.01 36.09
CA PRO C 45 5.77 -5.34 35.81
C PRO C 45 4.62 -5.74 36.73
N ASP C 46 4.30 -4.94 37.74
CA ASP C 46 3.25 -5.31 38.68
C ASP C 46 1.86 -5.20 38.08
N VAL C 47 1.71 -4.55 36.94
CA VAL C 47 0.41 -4.33 36.30
C VAL C 47 0.35 -5.15 35.03
N ARG C 48 -0.70 -5.95 34.88
CA ARG C 48 -0.89 -6.80 33.71
C ARG C 48 -2.16 -6.50 32.93
N ALA C 49 -3.08 -5.70 33.46
CA ALA C 49 -4.27 -5.24 32.74
C ALA C 49 -4.82 -4.00 33.41
N ILE C 50 -5.56 -3.21 32.64
CA ILE C 50 -6.09 -1.93 33.08
C ILE C 50 -7.60 -1.89 32.86
N VAL C 51 -8.32 -1.32 33.82
CA VAL C 51 -9.75 -1.08 33.71
C VAL C 51 -9.97 0.44 33.70
N LEU C 52 -10.79 0.91 32.78
CA LEU C 52 -11.01 2.35 32.57
C LEU C 52 -12.49 2.67 32.72
N THR C 53 -12.82 3.55 33.67
CA THR C 53 -14.20 3.94 33.91
C THR C 53 -14.24 5.42 34.26
N GLY C 54 -15.44 5.99 34.22
CA GLY C 54 -15.66 7.40 34.45
C GLY C 54 -16.38 7.67 35.75
N SER C 55 -16.07 8.80 36.37
CA SER C 55 -16.64 9.14 37.67
C SER C 55 -18.08 9.62 37.52
N GLY C 56 -18.84 9.51 38.61
CA GLY C 56 -20.17 10.06 38.66
C GLY C 56 -21.26 9.21 38.03
N LYS C 57 -22.17 9.85 37.31
CA LYS C 57 -23.28 9.17 36.65
C LYS C 57 -23.14 9.12 35.13
N ASN C 58 -22.02 9.58 34.58
CA ASN C 58 -21.80 9.59 33.15
C ASN C 58 -20.37 9.15 32.89
N PHE C 59 -20.02 8.99 31.61
CA PHE C 59 -18.64 8.69 31.22
C PHE C 59 -17.88 9.98 30.92
N SER C 60 -18.36 10.78 29.97
CA SER C 60 -17.82 12.10 29.70
C SER C 60 -18.80 12.87 28.81
N TYR C 61 -18.64 14.19 28.81
CA TYR C 61 -19.41 15.07 27.92
C TYR C 61 -18.64 15.50 26.69
N GLY C 62 -17.38 15.09 26.55
CA GLY C 62 -16.59 15.48 25.41
C GLY C 62 -15.47 16.42 25.79
N LEU C 63 -15.18 17.39 24.93
CA LEU C 63 -14.10 18.34 25.12
C LEU C 63 -14.68 19.73 25.35
N ASP C 64 -14.22 20.38 26.42
CA ASP C 64 -14.59 21.75 26.72
C ASP C 64 -13.66 22.32 27.78
N ALA C 77 -7.70 34.76 9.77
CA ALA C 77 -6.35 34.85 10.30
C ALA C 77 -5.32 34.53 9.22
N GLY C 78 -4.04 34.68 9.57
CA GLY C 78 -2.95 34.40 8.68
C GLY C 78 -2.18 33.14 9.07
N ALA C 79 -1.19 32.81 8.23
CA ALA C 79 -0.54 31.51 8.29
C ALA C 79 0.14 31.25 9.64
N LYS C 80 0.57 32.32 10.33
CA LYS C 80 1.26 32.13 11.60
C LYS C 80 0.34 31.58 12.67
N SER C 81 -0.94 31.97 12.67
CA SER C 81 -1.89 31.44 13.65
C SER C 81 -2.32 30.02 13.30
N ARG C 82 -2.52 29.76 12.00
CA ARG C 82 -2.82 28.41 11.54
C ARG C 82 -1.72 27.43 11.90
N SER C 83 -0.46 27.86 11.85
CA SER C 83 0.64 26.96 12.18
C SER C 83 0.58 26.51 13.63
N ASP C 84 0.28 27.43 14.54
CA ASP C 84 0.19 27.09 15.95
C ASP C 84 -1.03 26.21 16.22
N PHE C 85 -2.14 26.49 15.54
CA PHE C 85 -3.30 25.60 15.62
C PHE C 85 -2.96 24.20 15.13
N HIS C 86 -2.17 24.10 14.06
CA HIS C 86 -1.80 22.80 13.49
C HIS C 86 -0.94 21.99 14.47
N LYS C 87 0.07 22.62 15.04
CA LYS C 87 0.92 21.93 16.01
C LYS C 87 0.11 21.51 17.23
N ARG C 88 -0.83 22.35 17.66
CA ARG C 88 -1.64 22.04 18.83
C ARG C 88 -2.59 20.86 18.56
N LEU C 89 -3.18 20.82 17.36
CA LEU C 89 -4.01 19.68 16.97
C LEU C 89 -3.22 18.38 16.96
N GLN C 90 -1.99 18.41 16.41
CA GLN C 90 -1.14 17.22 16.43
C GLN C 90 -0.84 16.77 17.84
N LYS C 91 -0.55 17.72 18.73
CA LYS C 91 -0.27 17.35 20.12
C LYS C 91 -1.48 16.71 20.78
N MET C 92 -2.69 17.20 20.47
CA MET C 92 -3.90 16.59 20.99
C MET C 92 -4.08 15.17 20.48
N GLN C 93 -3.76 14.94 19.21
CA GLN C 93 -3.86 13.59 18.64
C GLN C 93 -2.91 12.62 19.34
N GLY C 94 -1.72 13.09 19.69
CA GLY C 94 -0.73 12.21 20.32
C GLY C 94 -1.17 11.61 21.64
N ALA C 95 -2.02 12.33 22.39
CA ALA C 95 -2.48 11.83 23.69
C ALA C 95 -3.35 10.60 23.56
N ILE C 96 -4.21 10.56 22.53
CA ILE C 96 -5.01 9.36 22.27
C ILE C 96 -4.16 8.25 21.67
N THR C 97 -3.24 8.61 20.77
CA THR C 97 -2.35 7.60 20.21
C THR C 97 -1.48 6.96 21.29
N ALA C 98 -1.23 7.66 22.39
CA ALA C 98 -0.50 7.07 23.51
C ALA C 98 -1.24 5.90 24.12
N VAL C 99 -2.55 6.04 24.32
CA VAL C 99 -3.35 4.95 24.87
C VAL C 99 -3.46 3.81 23.86
N ALA C 100 -3.61 4.15 22.57
CA ALA C 100 -3.81 3.14 21.55
C ALA C 100 -2.58 2.31 21.25
N ASP C 101 -1.41 2.67 21.78
CA ASP C 101 -0.17 2.01 21.42
C ASP C 101 0.57 1.39 22.60
N CYS C 102 -0.04 1.32 23.78
CA CYS C 102 0.63 0.64 24.87
C CYS C 102 0.40 -0.87 24.77
N ARG C 103 1.27 -1.63 25.42
CA ARG C 103 1.27 -3.08 25.30
C ARG C 103 0.59 -3.79 26.47
N THR C 104 -0.08 -3.05 27.35
CA THR C 104 -0.91 -3.64 28.39
C THR C 104 -2.37 -3.54 27.99
N PRO C 105 -3.13 -4.63 27.98
CA PRO C 105 -4.53 -4.56 27.55
C PRO C 105 -5.39 -3.69 28.46
N THR C 106 -6.41 -3.06 27.85
CA THR C 106 -7.31 -2.17 28.55
C THR C 106 -8.76 -2.58 28.29
N ILE C 107 -9.60 -2.47 29.33
CA ILE C 107 -11.03 -2.72 29.21
C ILE C 107 -11.79 -1.50 29.70
N ALA C 108 -12.70 -0.97 28.88
CA ALA C 108 -13.51 0.19 29.23
C ALA C 108 -14.88 -0.25 29.74
N SER C 109 -15.40 0.48 30.73
CA SER C 109 -16.71 0.18 31.31
C SER C 109 -17.54 1.44 31.30
N VAL C 110 -18.57 1.48 30.45
CA VAL C 110 -19.23 2.71 30.07
C VAL C 110 -20.59 2.80 30.73
N HIS C 111 -20.84 3.91 31.44
CA HIS C 111 -22.10 4.10 32.14
C HIS C 111 -22.60 5.50 31.84
N GLY C 112 -23.85 5.62 31.42
CA GLY C 112 -24.47 6.93 31.33
C GLY C 112 -24.50 7.60 29.97
N TRP C 113 -23.63 8.60 29.78
CA TRP C 113 -23.54 9.37 28.56
C TRP C 113 -22.12 9.32 28.03
N CYS C 114 -21.98 9.39 26.70
CA CYS C 114 -20.67 9.31 26.05
C CYS C 114 -20.77 10.11 24.75
N ILE C 115 -20.26 11.34 24.76
CA ILE C 115 -20.46 12.30 23.69
C ILE C 115 -19.11 12.76 23.16
N GLY C 116 -18.97 12.79 21.83
CA GLY C 116 -17.85 13.42 21.18
C GLY C 116 -16.49 12.82 21.48
N GLY C 117 -15.64 13.60 22.16
CA GLY C 117 -14.29 13.14 22.43
C GLY C 117 -14.23 11.85 23.21
N GLY C 118 -15.19 11.64 24.12
CA GLY C 118 -15.26 10.38 24.84
C GLY C 118 -15.35 9.19 23.92
N VAL C 119 -16.15 9.31 22.85
CA VAL C 119 -16.20 8.25 21.84
C VAL C 119 -14.81 8.04 21.24
N ASP C 120 -14.12 9.14 20.91
CA ASP C 120 -12.76 9.04 20.39
C ASP C 120 -11.84 8.31 21.37
N LEU C 121 -12.15 8.37 22.66
CA LEU C 121 -11.33 7.68 23.65
C LEU C 121 -11.63 6.19 23.67
N ILE C 122 -12.90 5.79 23.48
CA ILE C 122 -13.25 4.38 23.65
C ILE C 122 -13.08 3.58 22.36
N SER C 123 -12.77 4.22 21.25
CA SER C 123 -12.39 3.52 20.03
C SER C 123 -10.90 3.16 20.00
N ALA C 124 -10.17 3.38 21.10
CA ALA C 124 -8.75 3.04 21.19
C ALA C 124 -8.44 2.00 22.26
N VAL C 125 -9.45 1.45 22.93
CA VAL C 125 -9.25 0.38 23.89
C VAL C 125 -9.56 -0.95 23.22
N ASP C 126 -9.21 -2.04 23.90
CA ASP C 126 -9.37 -3.38 23.33
C ASP C 126 -10.80 -3.90 23.42
N ILE C 127 -11.44 -3.73 24.59
CA ILE C 127 -12.76 -4.29 24.87
C ILE C 127 -13.64 -3.20 25.47
N ARG C 128 -14.94 -3.23 25.14
CA ARG C 128 -15.92 -2.25 25.60
C ARG C 128 -17.15 -2.96 26.19
N TYR C 129 -17.51 -2.61 27.43
CA TYR C 129 -18.72 -3.09 28.08
C TYR C 129 -19.63 -1.92 28.42
N ALA C 130 -20.94 -2.15 28.42
CA ALA C 130 -21.92 -1.11 28.68
C ALA C 130 -22.98 -1.59 29.66
N SER C 131 -23.84 -0.66 30.08
CA SER C 131 -25.06 -0.93 30.84
C SER C 131 -26.28 -0.44 30.06
N ALA C 132 -27.46 -0.59 30.66
CA ALA C 132 -28.70 -0.36 29.93
C ALA C 132 -29.04 1.11 29.75
N ASP C 133 -28.47 2.01 30.55
CA ASP C 133 -28.78 3.44 30.48
C ASP C 133 -27.69 4.23 29.77
N ALA C 134 -27.01 3.63 28.80
CA ALA C 134 -25.89 4.26 28.12
C ALA C 134 -26.34 4.87 26.79
N LYS C 135 -25.76 6.02 26.43
CA LYS C 135 -26.12 6.74 25.22
C LYS C 135 -24.86 7.22 24.52
N PHE C 136 -24.85 7.12 23.19
CA PHE C 136 -23.65 7.38 22.40
C PHE C 136 -23.95 8.33 21.25
N SER C 137 -23.02 9.23 20.93
CA SER C 137 -23.15 10.10 19.77
C SER C 137 -21.80 10.62 19.31
N VAL C 138 -21.76 11.11 18.08
CA VAL C 138 -20.62 11.83 17.51
C VAL C 138 -21.14 13.18 17.06
N ARG C 139 -21.06 14.19 17.94
CA ARG C 139 -21.75 15.45 17.74
C ARG C 139 -20.93 16.54 17.09
N GLU C 140 -19.76 16.22 16.54
CA GLU C 140 -18.91 17.27 16.00
C GLU C 140 -19.58 18.00 14.84
N VAL C 141 -20.32 17.26 14.00
CA VAL C 141 -20.94 17.87 12.82
C VAL C 141 -21.95 18.93 13.22
N LYS C 142 -22.60 18.77 14.38
CA LYS C 142 -23.56 19.75 14.87
C LYS C 142 -22.90 21.00 15.43
N LEU C 143 -21.59 20.95 15.67
CA LEU C 143 -20.82 22.10 16.12
C LEU C 143 -20.15 22.84 14.96
N ALA C 144 -20.37 22.38 13.72
CA ALA C 144 -19.65 22.84 12.54
C ALA C 144 -18.17 22.47 12.60
N ILE C 145 -17.89 21.24 13.02
CA ILE C 145 -16.54 20.71 13.12
C ILE C 145 -16.49 19.37 12.39
N VAL C 146 -15.38 19.11 11.71
CA VAL C 146 -15.05 17.78 11.22
C VAL C 146 -14.09 17.16 12.22
N ALA C 147 -14.49 16.06 12.86
CA ALA C 147 -13.75 15.52 13.99
C ALA C 147 -12.35 15.13 13.58
N ASP C 148 -11.36 15.54 14.38
CA ASP C 148 -9.96 15.37 14.00
C ASP C 148 -9.09 14.93 15.18
N VAL C 149 -9.65 14.17 16.12
CA VAL C 149 -8.87 13.69 17.25
C VAL C 149 -8.70 12.18 17.23
N GLY C 150 -9.36 11.48 16.31
CA GLY C 150 -9.11 10.08 16.13
C GLY C 150 -10.31 9.16 16.09
N SER C 151 -11.49 9.72 15.82
CA SER C 151 -12.71 8.92 15.73
C SER C 151 -12.91 8.33 14.34
N LEU C 152 -12.85 9.17 13.30
CA LEU C 152 -13.04 8.70 11.94
C LEU C 152 -11.86 7.90 11.40
N ALA C 153 -10.73 7.89 12.11
CA ALA C 153 -9.58 7.12 11.67
C ALA C 153 -9.55 5.72 12.26
N ARG C 154 -10.03 5.54 13.48
CA ARG C 154 -10.01 4.24 14.14
C ARG C 154 -11.36 3.56 14.17
N LEU C 155 -12.43 4.30 13.99
CA LEU C 155 -13.78 3.79 14.10
C LEU C 155 -14.17 2.89 12.91
N PRO C 156 -13.59 3.07 11.72
CA PRO C 156 -13.86 2.11 10.62
C PRO C 156 -13.41 0.67 10.86
N LEU C 157 -12.51 0.39 11.81
CA LEU C 157 -12.22 -1.02 12.09
C LEU C 157 -13.25 -1.66 13.01
N ILE C 158 -14.07 -0.85 13.66
CA ILE C 158 -15.05 -1.37 14.62
C ILE C 158 -16.41 -1.56 13.94
N LEU C 159 -16.86 -0.58 13.18
CA LEU C 159 -18.17 -0.59 12.56
C LEU C 159 -18.05 -0.93 11.08
N SER C 160 -19.17 -0.81 10.37
CA SER C 160 -19.24 -0.97 8.93
C SER C 160 -19.58 0.37 8.30
N ASP C 161 -19.70 0.37 6.96
CA ASP C 161 -19.80 1.62 6.23
C ASP C 161 -21.12 2.35 6.51
N GLY C 162 -22.24 1.64 6.42
CA GLY C 162 -23.53 2.30 6.53
C GLY C 162 -23.80 2.87 7.92
N HIS C 163 -23.53 2.09 8.96
CA HIS C 163 -23.74 2.57 10.32
C HIS C 163 -22.80 3.72 10.67
N LEU C 164 -21.53 3.62 10.26
CA LEU C 164 -20.59 4.70 10.44
C LEU C 164 -21.05 5.98 9.75
N ARG C 165 -21.49 5.86 8.50
CA ARG C 165 -21.90 7.06 7.75
C ARG C 165 -23.14 7.69 8.35
N GLU C 166 -24.12 6.88 8.77
CA GLU C 166 -25.30 7.45 9.42
C GLU C 166 -24.92 8.18 10.70
N LEU C 167 -24.11 7.55 11.55
CA LEU C 167 -23.72 8.18 12.81
C LEU C 167 -22.96 9.48 12.57
N ALA C 168 -22.02 9.48 11.63
CA ALA C 168 -21.18 10.64 11.41
C ALA C 168 -21.89 11.76 10.66
N LEU C 169 -22.88 11.45 9.82
CA LEU C 169 -23.53 12.49 9.03
C LEU C 169 -24.78 13.05 9.70
N THR C 170 -25.44 12.29 10.59
CA THR C 170 -26.65 12.81 11.22
C THR C 170 -26.36 13.53 12.53
N GLY C 171 -25.50 12.98 13.38
CA GLY C 171 -25.24 13.58 14.66
C GLY C 171 -26.23 13.22 15.75
N LYS C 172 -26.89 12.07 15.64
CA LYS C 172 -27.95 11.67 16.55
C LYS C 172 -27.41 10.80 17.69
N ASP C 173 -28.29 10.49 18.64
CA ASP C 173 -27.98 9.67 19.81
C ASP C 173 -28.50 8.27 19.59
N ILE C 174 -27.76 7.27 20.07
CA ILE C 174 -28.25 5.90 20.06
C ILE C 174 -28.07 5.30 21.45
N ASP C 175 -28.88 4.27 21.72
CA ASP C 175 -28.90 3.58 23.00
C ASP C 175 -28.06 2.32 22.96
N ALA C 176 -28.02 1.61 24.09
CA ALA C 176 -27.09 0.52 24.27
C ALA C 176 -27.47 -0.72 23.47
N ALA C 177 -28.77 -0.94 23.23
CA ALA C 177 -29.19 -2.08 22.44
C ALA C 177 -28.74 -1.96 20.99
N ARG C 178 -28.87 -0.77 20.40
CA ARG C 178 -28.42 -0.58 19.03
C ARG C 178 -26.90 -0.64 18.92
N ALA C 179 -26.20 -0.12 19.92
CA ALA C 179 -24.74 -0.23 19.96
C ALA C 179 -24.30 -1.69 20.09
N GLU C 180 -25.07 -2.50 20.83
CA GLU C 180 -24.82 -3.94 20.87
C GLU C 180 -25.02 -4.57 19.50
N LYS C 181 -26.09 -4.19 18.80
CA LYS C 181 -26.36 -4.80 17.50
C LYS C 181 -25.29 -4.44 16.47
N ILE C 182 -24.85 -3.18 16.45
CA ILE C 182 -23.96 -2.72 15.38
C ILE C 182 -22.50 -3.06 15.63
N GLY C 183 -22.14 -3.52 16.81
CA GLY C 183 -20.79 -3.93 17.10
C GLY C 183 -19.92 -2.96 17.87
N LEU C 184 -20.50 -1.89 18.44
CA LEU C 184 -19.68 -0.93 19.17
C LEU C 184 -19.30 -1.42 20.55
N VAL C 185 -20.14 -2.23 21.19
CA VAL C 185 -19.80 -2.84 22.48
C VAL C 185 -19.97 -4.35 22.34
N ASN C 186 -19.31 -5.08 23.25
CA ASN C 186 -19.41 -6.53 23.25
C ASN C 186 -20.62 -7.06 24.03
N ASP C 187 -20.89 -6.51 25.21
CA ASP C 187 -21.95 -6.97 26.08
C ASP C 187 -22.67 -5.79 26.71
N VAL C 188 -23.93 -6.02 27.11
CA VAL C 188 -24.74 -5.04 27.83
C VAL C 188 -25.27 -5.70 29.10
N TYR C 189 -25.31 -4.94 30.19
CA TYR C 189 -25.77 -5.42 31.49
C TYR C 189 -26.80 -4.46 32.08
N ASP C 190 -27.42 -4.88 33.18
CA ASP C 190 -28.58 -4.17 33.71
C ASP C 190 -28.22 -2.87 34.43
N ASP C 191 -27.15 -2.87 35.22
CA ASP C 191 -26.78 -1.70 35.99
C ASP C 191 -25.28 -1.43 35.86
N ALA C 192 -24.83 -0.36 36.49
CA ALA C 192 -23.43 0.04 36.42
C ALA C 192 -22.52 -0.99 37.10
N GLU C 193 -22.91 -1.46 38.28
CA GLU C 193 -22.04 -2.30 39.09
C GLU C 193 -21.84 -3.67 38.45
N ALA C 194 -22.86 -4.17 37.77
CA ALA C 194 -22.74 -5.43 37.04
C ALA C 194 -21.70 -5.33 35.93
N SER C 195 -21.73 -4.23 35.16
CA SER C 195 -20.77 -4.04 34.09
C SER C 195 -19.36 -3.87 34.63
N LEU C 196 -19.21 -3.12 35.73
CA LEU C 196 -17.88 -2.94 36.29
C LEU C 196 -17.31 -4.26 36.82
N ALA C 197 -18.17 -5.10 37.42
CA ALA C 197 -17.74 -6.41 37.88
C ALA C 197 -17.37 -7.32 36.72
N ALA C 198 -18.13 -7.26 35.61
CA ALA C 198 -17.79 -8.07 34.44
C ALA C 198 -16.45 -7.65 33.85
N ALA C 199 -16.20 -6.34 33.79
CA ALA C 199 -14.93 -5.85 33.29
C ALA C 199 -13.77 -6.33 34.16
N HIS C 200 -13.94 -6.29 35.49
CA HIS C 200 -12.89 -6.79 36.37
C HIS C 200 -12.68 -8.29 36.22
N ALA C 201 -13.76 -9.06 36.05
CA ALA C 201 -13.60 -10.50 35.86
C ALA C 201 -12.79 -10.81 34.61
N THR C 202 -13.09 -10.11 33.51
CA THR C 202 -12.32 -10.32 32.26
C THR C 202 -10.87 -9.87 32.41
N ALA C 203 -10.64 -8.73 33.07
CA ALA C 203 -9.26 -8.28 33.26
C ALA C 203 -8.46 -9.30 34.07
N ALA C 204 -9.06 -9.83 35.14
CA ALA C 204 -8.41 -10.86 35.93
C ALA C 204 -8.17 -12.13 35.13
N GLU C 205 -9.08 -12.47 34.22
CA GLU C 205 -8.86 -13.62 33.34
C GLU C 205 -7.66 -13.40 32.42
N ILE C 206 -7.52 -12.18 31.89
CA ILE C 206 -6.39 -11.87 31.01
C ILE C 206 -5.08 -11.89 31.78
N ALA C 207 -5.08 -11.34 33.00
CA ALA C 207 -3.86 -11.27 33.82
C ALA C 207 -3.40 -12.63 34.37
N ALA C 208 -3.98 -13.76 34.01
CA ALA C 208 -3.53 -15.07 34.45
C ALA C 208 -2.82 -15.86 33.35
N ASN C 209 -2.57 -15.24 32.21
CA ASN C 209 -1.80 -15.80 31.11
C ASN C 209 -0.36 -15.31 31.18
N PRO C 210 0.55 -15.94 30.43
CA PRO C 210 1.95 -15.48 30.42
C PRO C 210 2.07 -14.06 29.90
N PRO C 211 2.87 -13.22 30.56
CA PRO C 211 2.88 -11.79 30.21
C PRO C 211 3.64 -11.44 28.93
N LEU C 212 4.59 -12.25 28.48
CA LEU C 212 5.30 -11.98 27.24
C LEU C 212 4.58 -12.53 26.00
N THR C 213 3.57 -13.37 26.16
CA THR C 213 2.75 -13.81 25.04
C THR C 213 1.63 -12.83 24.75
N VAL C 214 1.08 -12.19 25.77
CA VAL C 214 0.01 -11.22 25.58
C VAL C 214 0.52 -10.00 24.83
N ALA C 215 1.66 -9.46 25.26
CA ALA C 215 2.24 -8.30 24.59
C ALA C 215 2.67 -8.63 23.17
N GLY C 216 3.11 -9.86 22.91
CA GLY C 216 3.43 -10.26 21.55
C GLY C 216 2.21 -10.35 20.65
N VAL C 217 1.11 -10.87 21.17
CA VAL C 217 -0.14 -10.89 20.41
C VAL C 217 -0.57 -9.47 20.07
N LYS C 218 -0.48 -8.56 21.05
CA LYS C 218 -0.83 -7.17 20.81
C LYS C 218 0.06 -6.54 19.75
N ASP C 219 1.36 -6.82 19.81
CA ASP C 219 2.31 -6.27 18.85
C ASP C 219 2.00 -6.73 17.42
N VAL C 220 1.75 -8.03 17.27
CA VAL C 220 1.45 -8.60 15.95
C VAL C 220 0.14 -8.05 15.41
N LEU C 221 -0.87 -7.89 16.26
CA LEU C 221 -2.14 -7.35 15.79
C LEU C 221 -2.05 -5.87 15.44
N ASP C 222 -1.24 -5.10 16.18
CA ASP C 222 -1.07 -3.69 15.88
C ASP C 222 -0.23 -3.43 14.65
N ALA C 223 0.65 -4.37 14.27
CA ALA C 223 1.43 -4.18 13.05
C ALA C 223 0.57 -4.18 11.79
N GLN C 224 -0.70 -4.56 11.88
CA GLN C 224 -1.59 -4.68 10.73
C GLN C 224 -2.35 -3.39 10.40
N ARG C 225 -2.27 -2.34 11.23
CA ARG C 225 -3.20 -1.23 11.08
C ARG C 225 -2.64 0.17 11.26
N THR C 226 -1.34 0.36 11.46
CA THR C 226 -0.83 1.66 11.89
C THR C 226 -0.75 2.69 10.76
N ALA C 227 -0.39 2.24 9.55
CA ALA C 227 -0.12 3.16 8.46
C ALA C 227 -1.36 3.96 8.06
N GLN C 228 -2.51 3.28 7.94
CA GLN C 228 -3.72 3.96 7.49
C GLN C 228 -4.22 4.94 8.53
N VAL C 229 -4.09 4.60 9.82
CA VAL C 229 -4.47 5.53 10.89
C VAL C 229 -3.62 6.78 10.82
N ALA C 230 -2.31 6.60 10.66
CA ALA C 230 -1.41 7.76 10.60
C ALA C 230 -1.72 8.66 9.41
N GLU C 231 -1.98 8.05 8.25
CA GLU C 231 -2.28 8.81 7.04
C GLU C 231 -3.58 9.60 7.18
N SER C 232 -4.63 8.96 7.71
CA SER C 232 -5.90 9.65 7.91
C SER C 232 -5.77 10.81 8.88
N LEU C 233 -4.97 10.62 9.94
CA LEU C 233 -4.74 11.69 10.91
C LEU C 233 -4.03 12.89 10.27
N ARG C 234 -2.99 12.64 9.47
CA ARG C 234 -2.32 13.72 8.75
C ARG C 234 -3.29 14.53 7.90
N TYR C 235 -4.07 13.82 7.08
CA TYR C 235 -4.97 14.50 6.16
C TYR C 235 -6.02 15.33 6.90
N VAL C 236 -6.55 14.80 8.00
CA VAL C 236 -7.59 15.55 8.72
C VAL C 236 -7.02 16.78 9.42
N ALA C 237 -5.79 16.70 9.92
CA ALA C 237 -5.17 17.88 10.50
C ALA C 237 -5.03 18.99 9.46
N ALA C 238 -4.57 18.65 8.25
CA ALA C 238 -4.46 19.67 7.21
C ALA C 238 -5.82 20.26 6.83
N TRP C 239 -6.83 19.40 6.65
CA TRP C 239 -8.18 19.88 6.26
C TRP C 239 -8.76 20.82 7.31
N ASN C 240 -8.62 20.48 8.59
CA ASN C 240 -9.17 21.32 9.64
C ASN C 240 -8.40 22.62 9.78
N SER C 241 -7.08 22.60 9.55
CA SER C 241 -6.35 23.86 9.54
C SER C 241 -6.81 24.77 8.40
N ALA C 242 -7.29 24.19 7.30
CA ALA C 242 -7.74 25.04 6.20
C ALA C 242 -9.15 25.58 6.44
N PHE C 243 -10.10 24.73 6.81
CA PHE C 243 -11.52 25.07 6.67
C PHE C 243 -12.29 25.22 7.99
N LEU C 244 -11.64 25.11 9.15
CA LEU C 244 -12.41 25.10 10.40
C LEU C 244 -13.01 26.45 10.76
N PRO C 245 -12.23 27.53 10.92
CA PRO C 245 -12.81 28.78 11.44
C PRO C 245 -13.69 29.44 10.40
N SER C 246 -14.96 29.66 10.76
CA SER C 246 -15.92 30.23 9.83
C SER C 246 -17.01 30.93 10.63
N LYS C 247 -18.04 31.39 9.92
CA LYS C 247 -19.18 32.03 10.56
C LYS C 247 -20.11 31.00 11.21
N ASP C 248 -20.31 29.85 10.58
CA ASP C 248 -21.18 28.82 11.15
C ASP C 248 -20.63 28.26 12.46
N LEU C 249 -19.33 28.40 12.71
CA LEU C 249 -18.79 28.03 14.02
C LEU C 249 -19.31 28.97 15.09
N ALA C 250 -19.47 30.26 14.76
CA ALA C 250 -20.02 31.23 15.70
C ALA C 250 -21.55 31.25 15.69
N GLU C 251 -22.17 30.72 14.64
CA GLU C 251 -23.63 30.72 14.53
C GLU C 251 -24.29 29.74 15.49
N ALA C 252 -23.52 28.91 16.17
CA ALA C 252 -24.08 27.96 17.13
C ALA C 252 -23.03 27.53 18.14
N TYR D 1 26.33 19.02 26.77
CA TYR D 1 26.55 18.01 25.75
C TYR D 1 27.97 17.46 25.81
N GLU D 2 28.08 16.16 25.99
CA GLU D 2 29.38 15.49 26.10
C GLU D 2 29.81 14.77 24.83
N SER D 3 29.07 14.94 23.73
CA SER D 3 29.40 14.26 22.48
C SER D 3 29.39 15.16 21.26
N VAL D 4 28.86 16.38 21.34
CA VAL D 4 28.84 17.32 20.22
C VAL D 4 29.17 18.71 20.72
N THR D 5 29.37 19.61 19.76
CA THR D 5 29.51 21.05 19.99
C THR D 5 28.57 21.77 19.04
N VAL D 6 27.92 22.83 19.53
CA VAL D 6 26.95 23.60 18.76
C VAL D 6 27.34 25.07 18.81
N GLU D 7 27.42 25.71 17.64
CA GLU D 7 27.72 27.15 17.57
C GLU D 7 26.89 27.79 16.48
N VAL D 8 26.09 28.79 16.83
CA VAL D 8 25.14 29.41 15.91
C VAL D 8 25.62 30.80 15.55
N LYS D 9 25.48 31.15 14.26
CA LYS D 9 25.87 32.46 13.77
C LYS D 9 25.09 32.76 12.50
N ASP D 10 24.52 33.95 12.42
CA ASP D 10 23.85 34.45 11.21
C ASP D 10 22.85 33.44 10.66
N HIS D 11 22.00 32.93 11.55
CA HIS D 11 20.89 32.02 11.24
C HIS D 11 21.32 30.63 10.81
N VAL D 12 22.59 30.27 10.96
CA VAL D 12 23.03 28.91 10.69
C VAL D 12 23.76 28.41 11.92
N ALA D 13 23.38 27.21 12.38
CA ALA D 13 24.08 26.54 13.46
C ALA D 13 24.99 25.47 12.88
N GLN D 14 26.21 25.37 13.43
CA GLN D 14 27.15 24.33 13.08
C GLN D 14 27.25 23.35 14.23
N VAL D 15 27.17 22.06 13.91
CA VAL D 15 27.13 20.98 14.90
C VAL D 15 28.26 20.02 14.57
N THR D 16 29.20 19.87 15.50
CA THR D 16 30.38 19.04 15.31
C THR D 16 30.34 17.88 16.29
N LEU D 17 30.76 16.70 15.85
CA LEU D 17 30.78 15.53 16.70
C LEU D 17 32.20 15.24 17.17
N ILE D 18 32.38 15.16 18.49
CA ILE D 18 33.70 15.06 19.10
C ILE D 18 33.91 13.73 19.80
N GLY D 19 33.01 12.78 19.60
CA GLY D 19 33.16 11.46 20.19
C GLY D 19 32.91 11.41 21.69
N GLY D 23 38.40 7.57 17.07
CA GLY D 23 38.17 8.35 15.87
C GLY D 23 36.70 8.67 15.66
N ASN D 24 36.16 9.51 16.54
CA ASN D 24 34.77 9.97 16.48
C ASN D 24 33.78 8.84 16.67
N ALA D 25 34.21 7.73 17.26
CA ALA D 25 33.32 6.59 17.47
C ALA D 25 32.21 6.96 18.44
N MET D 26 31.02 6.44 18.18
CA MET D 26 29.80 6.82 18.89
C MET D 26 29.39 5.72 19.87
N GLY D 27 29.16 6.12 21.12
CA GLY D 27 28.82 5.18 22.17
C GLY D 27 27.52 5.51 22.86
N PRO D 28 27.38 5.10 24.12
CA PRO D 28 26.09 5.26 24.81
C PRO D 28 25.63 6.71 24.94
N ALA D 29 26.55 7.66 25.10
CA ALA D 29 26.15 9.06 25.20
C ALA D 29 25.52 9.55 23.91
N PHE D 30 26.02 9.07 22.77
CA PHE D 30 25.47 9.44 21.46
C PHE D 30 23.97 9.17 21.41
N TRP D 31 23.60 7.90 21.59
CA TRP D 31 22.19 7.51 21.55
C TRP D 31 21.41 8.14 22.69
N GLU D 32 22.06 8.41 23.82
CA GLU D 32 21.33 9.01 24.93
C GLU D 32 20.89 10.44 24.60
N GLU D 33 21.76 11.25 24.00
CA GLU D 33 21.52 12.67 23.97
C GLU D 33 21.36 13.30 22.59
N MET D 34 21.40 12.53 21.50
CA MET D 34 21.19 13.15 20.19
C MET D 34 19.78 13.74 20.01
N PRO D 35 18.68 13.03 20.33
CA PRO D 35 17.36 13.64 20.16
C PRO D 35 17.17 14.96 20.89
N ASP D 36 17.75 15.12 22.08
CA ASP D 36 17.63 16.39 22.79
C ASP D 36 18.31 17.53 22.05
N VAL D 37 19.50 17.27 21.50
CA VAL D 37 20.21 18.30 20.74
C VAL D 37 19.38 18.73 19.54
N PHE D 38 18.87 17.76 18.78
CA PHE D 38 18.18 18.14 17.57
C PHE D 38 16.79 18.72 17.86
N GLY D 39 16.15 18.32 18.95
CA GLY D 39 14.91 18.96 19.33
C GLY D 39 15.12 20.39 19.78
N THR D 40 16.21 20.66 20.51
CA THR D 40 16.51 22.03 20.90
C THR D 40 16.78 22.89 19.68
N LEU D 41 17.54 22.38 18.70
CA LEU D 41 17.90 23.21 17.56
C LEU D 41 16.71 23.49 16.64
N ASP D 42 15.75 22.58 16.55
CA ASP D 42 14.64 22.71 15.63
C ASP D 42 13.46 23.51 16.21
N ASP D 43 13.62 24.08 17.40
CA ASP D 43 12.52 24.79 18.06
C ASP D 43 12.64 26.31 17.91
N ASP D 44 13.76 26.89 18.33
CA ASP D 44 13.88 28.34 18.32
C ASP D 44 13.96 28.87 16.89
N PRO D 45 13.42 30.08 16.66
CA PRO D 45 13.38 30.61 15.29
C PRO D 45 14.70 31.17 14.79
N ASP D 46 15.70 31.32 15.66
CA ASP D 46 16.97 31.92 15.25
C ASP D 46 17.77 31.05 14.31
N VAL D 47 17.40 29.78 14.13
CA VAL D 47 18.15 28.83 13.31
C VAL D 47 17.27 28.43 12.14
N ARG D 48 17.83 28.53 10.92
CA ARG D 48 17.11 28.19 9.70
C ARG D 48 17.78 27.10 8.87
N ALA D 49 19.03 26.73 9.16
CA ALA D 49 19.69 25.60 8.52
C ALA D 49 20.84 25.14 9.40
N ILE D 50 21.23 23.88 9.23
CA ILE D 50 22.24 23.24 10.06
C ILE D 50 23.32 22.65 9.17
N VAL D 51 24.57 22.77 9.61
CA VAL D 51 25.71 22.13 8.96
C VAL D 51 26.27 21.08 9.92
N LEU D 52 26.53 19.88 9.40
CA LEU D 52 26.99 18.75 10.20
C LEU D 52 28.36 18.28 9.69
N THR D 53 29.35 18.33 10.56
CA THR D 53 30.71 17.91 10.21
C THR D 53 31.32 17.19 11.40
N GLY D 54 32.38 16.43 11.12
CA GLY D 54 33.03 15.60 12.11
C GLY D 54 34.41 16.12 12.48
N SER D 55 34.78 15.97 13.75
CA SER D 55 36.02 16.51 14.26
C SER D 55 37.22 15.71 13.76
N GLY D 56 38.38 16.37 13.75
CA GLY D 56 39.63 15.68 13.47
C GLY D 56 39.96 15.50 12.01
N LYS D 57 40.45 14.31 11.65
CA LYS D 57 40.83 13.99 10.29
C LYS D 57 39.89 12.99 9.62
N ASN D 58 38.82 12.58 10.30
CA ASN D 58 37.85 11.63 9.78
C ASN D 58 36.45 12.12 10.14
N PHE D 59 35.44 11.41 9.64
CA PHE D 59 34.06 11.71 10.01
C PHE D 59 33.61 10.87 11.20
N SER D 60 33.66 9.55 11.07
CA SER D 60 33.38 8.65 12.18
C SER D 60 33.90 7.26 11.84
N TYR D 61 34.05 6.44 12.87
CA TYR D 61 34.51 5.06 12.69
C TYR D 61 33.41 4.04 12.88
N GLY D 62 32.20 4.47 13.23
CA GLY D 62 31.10 3.54 13.43
C GLY D 62 30.66 3.49 14.87
N LEU D 63 30.33 2.30 15.34
CA LEU D 63 29.84 2.09 16.70
C LEU D 63 30.93 1.50 17.56
N ASP D 64 31.09 2.06 18.77
CA ASP D 64 32.08 1.58 19.72
C ASP D 64 31.75 0.18 20.22
N ALA D 77 20.64 -17.84 25.05
CA ALA D 77 19.89 -17.05 26.03
C ALA D 77 18.39 -17.25 25.86
N GLY D 78 17.61 -16.78 26.82
CA GLY D 78 16.17 -16.92 26.80
C GLY D 78 15.46 -15.63 26.45
N ALA D 79 14.13 -15.72 26.39
CA ALA D 79 13.31 -14.64 25.86
C ALA D 79 13.42 -13.35 26.67
N LYS D 80 13.61 -13.47 27.98
CA LYS D 80 13.68 -12.29 28.83
C LYS D 80 14.91 -11.44 28.50
N SER D 81 16.03 -12.08 28.18
CA SER D 81 17.24 -11.32 27.88
C SER D 81 17.17 -10.69 26.50
N ARG D 82 16.40 -11.29 25.59
CA ARG D 82 16.28 -10.80 24.22
C ARG D 82 15.23 -9.72 24.08
N SER D 83 14.24 -9.67 24.98
CA SER D 83 13.31 -8.55 24.99
C SER D 83 14.02 -7.23 25.27
N ASP D 84 15.00 -7.25 26.18
CA ASP D 84 15.72 -6.04 26.54
C ASP D 84 16.59 -5.56 25.38
N PHE D 85 17.20 -6.51 24.66
CA PHE D 85 17.92 -6.20 23.43
C PHE D 85 17.00 -5.58 22.38
N HIS D 86 15.78 -6.11 22.26
CA HIS D 86 14.81 -5.56 21.32
C HIS D 86 14.47 -4.10 21.63
N LYS D 87 14.21 -3.81 22.90
CA LYS D 87 13.91 -2.43 23.28
C LYS D 87 15.11 -1.50 23.06
N ARG D 88 16.33 -1.98 23.35
CA ARG D 88 17.52 -1.16 23.10
C ARG D 88 17.71 -0.85 21.61
N LEU D 89 17.51 -1.85 20.76
CA LEU D 89 17.60 -1.63 19.31
C LEU D 89 16.60 -0.60 18.84
N GLN D 90 15.36 -0.69 19.32
CA GLN D 90 14.35 0.31 18.96
C GLN D 90 14.75 1.71 19.42
N LYS D 91 15.34 1.82 20.61
CA LYS D 91 15.73 3.13 21.12
C LYS D 91 16.81 3.77 20.25
N MET D 92 17.81 2.99 19.83
CA MET D 92 18.85 3.52 18.94
C MET D 92 18.27 3.91 17.58
N GLN D 93 17.35 3.10 17.05
CA GLN D 93 16.67 3.45 15.82
C GLN D 93 15.96 4.80 15.95
N GLY D 94 15.29 5.03 17.08
CA GLY D 94 14.61 6.31 17.27
C GLY D 94 15.57 7.48 17.36
N ALA D 95 16.73 7.25 17.98
CA ALA D 95 17.74 8.30 18.04
C ALA D 95 18.18 8.73 16.63
N ILE D 96 18.33 7.76 15.72
CA ILE D 96 18.70 8.13 14.34
C ILE D 96 17.50 8.74 13.60
N THR D 97 16.30 8.25 13.85
CA THR D 97 15.10 8.79 13.20
C THR D 97 14.79 10.23 13.63
N ALA D 98 15.31 10.67 14.79
CA ALA D 98 15.09 12.04 15.22
C ALA D 98 15.62 13.06 14.21
N VAL D 99 16.78 12.79 13.62
CA VAL D 99 17.40 13.73 12.69
C VAL D 99 16.60 13.82 11.39
N ALA D 100 16.09 12.69 10.93
CA ALA D 100 15.40 12.60 9.64
C ALA D 100 14.00 13.16 9.65
N ASP D 101 13.47 13.52 10.82
CA ASP D 101 12.11 14.02 10.94
C ASP D 101 12.03 15.48 11.37
N CYS D 102 13.15 16.17 11.54
CA CYS D 102 13.08 17.58 11.88
C CYS D 102 12.80 18.41 10.62
N ARG D 103 12.26 19.60 10.84
CA ARG D 103 11.83 20.46 9.75
C ARG D 103 12.84 21.53 9.38
N THR D 104 14.02 21.54 9.99
CA THR D 104 15.11 22.43 9.58
C THR D 104 16.06 21.65 8.69
N PRO D 105 16.37 22.16 7.49
CA PRO D 105 17.27 21.42 6.59
C PRO D 105 18.69 21.29 7.14
N THR D 106 19.34 20.18 6.76
CA THR D 106 20.68 19.87 7.21
C THR D 106 21.58 19.54 6.02
N ILE D 107 22.83 19.98 6.09
CA ILE D 107 23.84 19.68 5.08
C ILE D 107 25.04 19.05 5.76
N ALA D 108 25.46 17.88 5.28
CA ALA D 108 26.62 17.18 5.79
C ALA D 108 27.88 17.49 4.98
N SER D 109 29.03 17.51 5.66
CA SER D 109 30.31 17.77 5.00
C SER D 109 31.30 16.71 5.46
N VAL D 110 31.74 15.85 4.54
CA VAL D 110 32.42 14.61 4.88
C VAL D 110 33.87 14.68 4.44
N HIS D 111 34.79 14.49 5.40
CA HIS D 111 36.22 14.42 5.14
C HIS D 111 36.76 13.17 5.82
N GLY D 112 37.53 12.38 5.08
CA GLY D 112 38.29 11.31 5.69
C GLY D 112 37.75 9.90 5.55
N TRP D 113 37.18 9.37 6.63
CA TRP D 113 36.65 8.01 6.69
C TRP D 113 35.21 8.06 7.15
N CYS D 114 34.40 7.13 6.64
CA CYS D 114 32.98 7.04 6.98
C CYS D 114 32.61 5.56 7.00
N ILE D 115 32.53 4.97 8.18
CA ILE D 115 32.44 3.52 8.34
C ILE D 115 31.21 3.18 9.16
N GLY D 116 30.41 2.23 8.66
CA GLY D 116 29.33 1.63 9.43
C GLY D 116 28.25 2.60 9.85
N GLY D 117 28.13 2.83 11.15
CA GLY D 117 27.07 3.68 11.67
C GLY D 117 27.10 5.09 11.11
N GLY D 118 28.29 5.59 10.79
CA GLY D 118 28.38 6.89 10.15
C GLY D 118 27.63 6.95 8.83
N VAL D 119 27.71 5.87 8.05
CA VAL D 119 26.92 5.78 6.83
C VAL D 119 25.43 5.77 7.15
N ASP D 120 25.05 5.15 8.27
CA ASP D 120 23.66 5.21 8.71
C ASP D 120 23.21 6.62 9.07
N LEU D 121 24.16 7.52 9.37
CA LEU D 121 23.83 8.86 9.80
C LEU D 121 23.70 9.83 8.64
N ILE D 122 24.60 9.75 7.65
CA ILE D 122 24.56 10.68 6.52
C ILE D 122 23.49 10.33 5.51
N SER D 123 22.83 9.18 5.64
CA SER D 123 21.68 8.87 4.81
C SER D 123 20.37 9.45 5.35
N ALA D 124 20.42 10.22 6.43
CA ALA D 124 19.25 10.89 6.98
C ALA D 124 19.28 12.40 6.83
N VAL D 125 20.35 12.98 6.28
CA VAL D 125 20.42 14.41 5.99
C VAL D 125 19.94 14.65 4.57
N ASP D 126 19.65 15.91 4.23
CA ASP D 126 19.10 16.24 2.93
C ASP D 126 20.17 16.36 1.84
N ILE D 127 21.36 16.87 2.16
CA ILE D 127 22.42 17.10 1.19
C ILE D 127 23.74 16.61 1.76
N ARG D 128 24.61 16.07 0.88
CA ARG D 128 25.92 15.53 1.25
C ARG D 128 27.02 16.07 0.33
N TYR D 129 28.08 16.63 0.93
CA TYR D 129 29.28 17.08 0.20
C TYR D 129 30.50 16.34 0.71
N ALA D 130 31.47 16.10 -0.19
CA ALA D 130 32.68 15.35 0.16
C ALA D 130 33.92 16.06 -0.36
N SER D 131 35.08 15.55 0.05
CA SER D 131 36.39 15.93 -0.46
C SER D 131 37.06 14.72 -1.12
N ALA D 132 38.30 14.92 -1.60
CA ALA D 132 38.94 13.90 -2.42
C ALA D 132 39.54 12.75 -1.62
N ASP D 133 39.73 12.92 -0.32
CA ASP D 133 40.35 11.90 0.54
C ASP D 133 39.34 11.11 1.35
N ALA D 134 38.11 10.96 0.85
CA ALA D 134 37.01 10.35 1.59
C ALA D 134 36.81 8.90 1.17
N LYS D 135 36.46 8.06 2.14
CA LYS D 135 36.27 6.62 1.92
C LYS D 135 35.02 6.16 2.65
N PHE D 136 34.24 5.30 2.00
CA PHE D 136 32.93 4.89 2.50
C PHE D 136 32.79 3.37 2.47
N SER D 137 32.10 2.82 3.47
CA SER D 137 31.79 1.39 3.50
C SER D 137 30.61 1.10 4.42
N VAL D 138 29.94 -0.03 4.15
CA VAL D 138 28.90 -0.59 5.01
C VAL D 138 29.45 -1.93 5.52
N ARG D 139 30.02 -1.95 6.71
CA ARG D 139 30.91 -3.04 7.13
C ARG D 139 30.29 -3.98 8.15
N GLU D 140 28.97 -3.98 8.30
CA GLU D 140 28.39 -4.88 9.30
C GLU D 140 28.48 -6.33 8.89
N VAL D 141 28.44 -6.62 7.59
CA VAL D 141 28.43 -8.01 7.13
C VAL D 141 29.73 -8.71 7.51
N LYS D 142 30.84 -7.96 7.61
CA LYS D 142 32.12 -8.53 8.01
C LYS D 142 32.23 -8.73 9.51
N LEU D 143 31.31 -8.16 10.27
CA LEU D 143 31.21 -8.38 11.71
C LEU D 143 30.23 -9.50 12.06
N ALA D 144 29.62 -10.13 11.04
CA ALA D 144 28.54 -11.09 11.22
C ALA D 144 27.30 -10.42 11.81
N ILE D 145 26.95 -9.26 11.26
CA ILE D 145 25.80 -8.47 11.66
C ILE D 145 25.00 -8.12 10.42
N VAL D 146 23.68 -8.10 10.55
CA VAL D 146 22.79 -7.49 9.57
C VAL D 146 22.40 -6.12 10.10
N ALA D 147 22.75 -5.06 9.37
CA ALA D 147 22.63 -3.70 9.87
C ALA D 147 21.18 -3.36 10.17
N ASP D 148 20.94 -2.77 11.35
CA ASP D 148 19.58 -2.56 11.83
C ASP D 148 19.41 -1.19 12.48
N VAL D 149 20.14 -0.19 12.03
CA VAL D 149 19.99 1.16 12.57
C VAL D 149 19.37 2.11 11.56
N GLY D 150 19.37 1.76 10.27
CA GLY D 150 18.69 2.58 9.30
C GLY D 150 19.34 2.69 7.93
N SER D 151 20.48 2.02 7.73
CA SER D 151 21.17 2.09 6.46
C SER D 151 20.36 1.41 5.35
N LEU D 152 19.94 0.17 5.58
CA LEU D 152 19.24 -0.60 4.55
C LEU D 152 17.80 -0.15 4.36
N ALA D 153 17.25 0.64 5.27
CA ALA D 153 15.89 1.16 5.11
C ALA D 153 15.85 2.47 4.35
N ARG D 154 16.94 3.24 4.35
CA ARG D 154 16.94 4.55 3.73
C ARG D 154 17.86 4.67 2.53
N LEU D 155 18.85 3.81 2.39
CA LEU D 155 19.72 3.82 1.23
C LEU D 155 19.01 3.48 -0.08
N PRO D 156 17.91 2.71 -0.07
CA PRO D 156 17.16 2.50 -1.33
C PRO D 156 16.63 3.76 -2.01
N LEU D 157 16.36 4.84 -1.29
CA LEU D 157 15.95 6.07 -1.98
C LEU D 157 17.12 6.86 -2.52
N ILE D 158 18.34 6.57 -2.07
CA ILE D 158 19.52 7.32 -2.49
C ILE D 158 20.21 6.63 -3.67
N LEU D 159 20.38 5.32 -3.61
CA LEU D 159 21.12 4.57 -4.60
C LEU D 159 20.15 3.78 -5.47
N SER D 160 20.71 2.97 -6.36
CA SER D 160 19.97 2.03 -7.16
C SER D 160 20.25 0.62 -6.67
N ASP D 161 19.62 -0.35 -7.33
CA ASP D 161 19.51 -1.69 -6.76
C ASP D 161 20.85 -2.41 -6.82
N GLY D 162 21.53 -2.36 -7.96
CA GLY D 162 22.78 -3.10 -8.12
C GLY D 162 23.93 -2.55 -7.30
N HIS D 163 24.08 -1.22 -7.30
CA HIS D 163 25.14 -0.61 -6.49
C HIS D 163 24.94 -0.87 -5.00
N LEU D 164 23.70 -0.72 -4.53
CA LEU D 164 23.38 -1.03 -3.14
C LEU D 164 23.65 -2.49 -2.82
N ARG D 165 23.27 -3.41 -3.71
CA ARG D 165 23.46 -4.83 -3.42
C ARG D 165 24.94 -5.19 -3.35
N GLU D 166 25.74 -4.65 -4.27
CA GLU D 166 27.18 -4.89 -4.20
C GLU D 166 27.78 -4.34 -2.91
N LEU D 167 27.44 -3.10 -2.56
CA LEU D 167 28.00 -2.50 -1.35
C LEU D 167 27.62 -3.30 -0.11
N ALA D 168 26.36 -3.70 0.01
CA ALA D 168 25.89 -4.38 1.20
C ALA D 168 26.35 -5.84 1.28
N LEU D 169 26.58 -6.50 0.15
CA LEU D 169 26.97 -7.91 0.19
C LEU D 169 28.48 -8.12 0.23
N THR D 170 29.27 -7.20 -0.30
CA THR D 170 30.71 -7.43 -0.29
C THR D 170 31.39 -6.88 0.96
N GLY D 171 31.04 -5.67 1.37
CA GLY D 171 31.68 -5.05 2.52
C GLY D 171 32.93 -4.26 2.21
N LYS D 172 33.13 -3.83 0.97
CA LYS D 172 34.35 -3.18 0.54
C LYS D 172 34.29 -1.66 0.74
N ASP D 173 35.44 -1.01 0.51
CA ASP D 173 35.59 0.43 0.62
C ASP D 173 35.53 1.05 -0.77
N ILE D 174 34.92 2.24 -0.87
CA ILE D 174 34.95 2.99 -2.11
C ILE D 174 35.41 4.41 -1.82
N ASP D 175 35.92 5.06 -2.86
CA ASP D 175 36.45 6.41 -2.77
C ASP D 175 35.44 7.43 -3.31
N ALA D 176 35.81 8.70 -3.23
CA ALA D 176 34.86 9.78 -3.44
C ALA D 176 34.42 9.89 -4.89
N ALA D 177 35.26 9.48 -5.84
CA ALA D 177 34.87 9.54 -7.25
C ALA D 177 33.74 8.57 -7.56
N ARG D 178 33.85 7.33 -7.09
CA ARG D 178 32.79 6.34 -7.32
C ARG D 178 31.53 6.70 -6.55
N ALA D 179 31.67 7.25 -5.34
CA ALA D 179 30.52 7.70 -4.58
C ALA D 179 29.80 8.84 -5.29
N GLU D 180 30.55 9.76 -5.89
CA GLU D 180 29.92 10.82 -6.67
C GLU D 180 29.22 10.26 -7.90
N LYS D 181 29.83 9.27 -8.57
CA LYS D 181 29.20 8.71 -9.75
C LYS D 181 27.90 7.99 -9.42
N ILE D 182 27.88 7.21 -8.34
CA ILE D 182 26.70 6.39 -8.05
C ILE D 182 25.58 7.15 -7.36
N GLY D 183 25.80 8.40 -6.97
CA GLY D 183 24.77 9.23 -6.39
C GLY D 183 24.76 9.35 -4.88
N LEU D 184 25.81 8.91 -4.19
CA LEU D 184 25.81 9.02 -2.74
C LEU D 184 26.14 10.43 -2.26
N VAL D 185 26.95 11.18 -2.99
CA VAL D 185 27.24 12.56 -2.65
C VAL D 185 26.86 13.44 -3.83
N ASN D 186 26.70 14.73 -3.54
CA ASN D 186 26.30 15.71 -4.55
C ASN D 186 27.48 16.28 -5.31
N ASP D 187 28.56 16.63 -4.61
CA ASP D 187 29.74 17.25 -5.20
C ASP D 187 30.98 16.77 -4.45
N VAL D 188 32.13 16.88 -5.13
CA VAL D 188 33.44 16.55 -4.54
C VAL D 188 34.35 17.76 -4.73
N TYR D 189 35.22 18.01 -3.75
CA TYR D 189 36.15 19.14 -3.76
C TYR D 189 37.54 18.67 -3.35
N ASP D 190 38.51 19.57 -3.47
CA ASP D 190 39.92 19.17 -3.36
C ASP D 190 40.34 18.92 -1.91
N ASP D 191 39.92 19.75 -0.98
CA ASP D 191 40.34 19.62 0.41
C ASP D 191 39.14 19.76 1.33
N ALA D 192 39.38 19.56 2.63
CA ALA D 192 38.31 19.63 3.62
C ALA D 192 37.72 21.04 3.70
N GLU D 193 38.58 22.06 3.67
CA GLU D 193 38.12 23.44 3.88
C GLU D 193 37.25 23.92 2.73
N ALA D 194 37.57 23.49 1.50
CA ALA D 194 36.73 23.83 0.35
C ALA D 194 35.33 23.25 0.49
N SER D 195 35.24 21.99 0.92
CA SER D 195 33.93 21.36 1.10
C SER D 195 33.14 22.02 2.22
N LEU D 196 33.81 22.37 3.32
CA LEU D 196 33.10 23.01 4.41
C LEU D 196 32.60 24.41 3.99
N ALA D 197 33.39 25.13 3.20
CA ALA D 197 32.94 26.41 2.68
C ALA D 197 31.76 26.27 1.72
N ALA D 198 31.79 25.23 0.86
CA ALA D 198 30.67 25.00 -0.04
C ALA D 198 29.39 24.67 0.72
N ALA D 199 29.50 23.85 1.75
CA ALA D 199 28.35 23.52 2.57
C ALA D 199 27.78 24.77 3.26
N HIS D 200 28.65 25.64 3.77
CA HIS D 200 28.17 26.86 4.41
C HIS D 200 27.52 27.80 3.40
N ALA D 201 28.06 27.88 2.18
CA ALA D 201 27.44 28.72 1.15
C ALA D 201 26.04 28.24 0.82
N THR D 202 25.87 26.92 0.65
CA THR D 202 24.53 26.39 0.36
C THR D 202 23.57 26.58 1.53
N ALA D 203 24.05 26.38 2.75
CA ALA D 203 23.17 26.59 3.91
C ALA D 203 22.71 28.04 3.98
N ALA D 204 23.63 28.99 3.75
CA ALA D 204 23.25 30.40 3.73
C ALA D 204 22.29 30.71 2.59
N GLU D 205 22.43 30.02 1.45
CA GLU D 205 21.48 30.21 0.36
C GLU D 205 20.08 29.75 0.76
N ILE D 206 19.98 28.61 1.46
CA ILE D 206 18.67 28.13 1.90
C ILE D 206 18.07 29.05 2.96
N ALA D 207 18.90 29.57 3.87
CA ALA D 207 18.41 30.44 4.95
C ALA D 207 17.95 31.82 4.47
N ALA D 208 17.88 32.14 3.19
CA ALA D 208 17.40 33.43 2.71
C ALA D 208 16.04 33.33 2.02
N ASN D 209 15.38 32.17 2.08
CA ASN D 209 14.03 31.92 1.62
C ASN D 209 13.05 32.03 2.79
N PRO D 210 11.75 32.15 2.52
CA PRO D 210 10.76 32.16 3.61
C PRO D 210 10.75 30.86 4.39
N PRO D 211 10.72 30.92 5.72
CA PRO D 211 10.90 29.69 6.51
C PRO D 211 9.69 28.76 6.51
N LEU D 212 8.47 29.30 6.51
CA LEU D 212 7.28 28.45 6.45
C LEU D 212 7.20 27.68 5.15
N THR D 213 7.56 28.31 4.03
CA THR D 213 7.56 27.62 2.75
C THR D 213 8.57 26.47 2.74
N VAL D 214 9.72 26.68 3.36
CA VAL D 214 10.74 25.63 3.40
C VAL D 214 10.26 24.45 4.25
N ALA D 215 9.72 24.74 5.43
CA ALA D 215 9.23 23.67 6.29
C ALA D 215 8.06 22.92 5.63
N GLY D 216 7.21 23.63 4.89
CA GLY D 216 6.13 22.97 4.17
C GLY D 216 6.60 22.07 3.04
N VAL D 217 7.62 22.50 2.31
CA VAL D 217 8.19 21.65 1.26
C VAL D 217 8.75 20.38 1.88
N LYS D 218 9.45 20.52 3.02
CA LYS D 218 9.98 19.35 3.73
C LYS D 218 8.85 18.41 4.16
N ASP D 219 7.76 18.96 4.68
CA ASP D 219 6.64 18.14 5.14
C ASP D 219 6.02 17.35 3.98
N VAL D 220 5.78 18.03 2.85
CA VAL D 220 5.16 17.38 1.70
C VAL D 220 6.07 16.28 1.16
N LEU D 221 7.38 16.53 1.12
CA LEU D 221 8.30 15.51 0.62
C LEU D 221 8.43 14.33 1.57
N ASP D 222 8.37 14.58 2.89
CA ASP D 222 8.49 13.49 3.85
C ASP D 222 7.23 12.64 3.93
N ALA D 223 6.07 13.20 3.62
CA ALA D 223 4.84 12.41 3.65
C ALA D 223 4.82 11.29 2.62
N GLN D 224 5.81 11.22 1.73
CA GLN D 224 5.85 10.24 0.65
C GLN D 224 6.62 8.97 0.99
N ARG D 225 7.31 8.89 2.13
CA ARG D 225 8.25 7.80 2.32
C ARG D 225 8.23 7.13 3.71
N THR D 226 7.37 7.55 4.62
CA THR D 226 7.51 7.16 6.02
C THR D 226 7.11 5.71 6.29
N ALA D 227 6.06 5.24 5.63
CA ALA D 227 5.49 3.94 5.94
C ALA D 227 6.48 2.81 5.67
N GLN D 228 7.15 2.84 4.51
CA GLN D 228 8.06 1.77 4.14
C GLN D 228 9.29 1.74 5.04
N VAL D 229 9.79 2.92 5.44
CA VAL D 229 10.92 2.97 6.35
C VAL D 229 10.55 2.36 7.69
N ALA D 230 9.37 2.71 8.21
CA ALA D 230 8.94 2.17 9.50
C ALA D 230 8.77 0.65 9.43
N GLU D 231 8.19 0.15 8.35
CA GLU D 231 7.97 -1.29 8.19
C GLU D 231 9.30 -2.04 8.14
N SER D 232 10.25 -1.53 7.35
CA SER D 232 11.55 -2.17 7.23
C SER D 232 12.29 -2.19 8.56
N LEU D 233 12.18 -1.10 9.33
CA LEU D 233 12.81 -1.05 10.65
C LEU D 233 12.22 -2.09 11.60
N ARG D 234 10.88 -2.22 11.62
CA ARG D 234 10.25 -3.26 12.44
C ARG D 234 10.78 -4.65 12.10
N TYR D 235 10.76 -4.99 10.81
CA TYR D 235 11.16 -6.32 10.39
C TYR D 235 12.62 -6.62 10.75
N VAL D 236 13.51 -5.65 10.57
CA VAL D 236 14.92 -5.90 10.86
C VAL D 236 15.16 -6.03 12.36
N ALA D 237 14.43 -5.28 13.19
CA ALA D 237 14.56 -5.47 14.63
C ALA D 237 14.19 -6.89 15.04
N ALA D 238 13.08 -7.41 14.51
CA ALA D 238 12.69 -8.78 14.84
C ALA D 238 13.73 -9.80 14.36
N TRP D 239 14.23 -9.62 13.13
CA TRP D 239 15.21 -10.55 12.56
C TRP D 239 16.50 -10.59 13.39
N ASN D 240 16.99 -9.43 13.82
CA ASN D 240 18.23 -9.43 14.58
C ASN D 240 18.02 -9.94 16.01
N SER D 241 16.84 -9.71 16.59
CA SER D 241 16.58 -10.34 17.88
C SER D 241 16.55 -11.85 17.77
N ALA D 242 16.17 -12.39 16.60
CA ALA D 242 16.15 -13.84 16.45
C ALA D 242 17.54 -14.40 16.20
N PHE D 243 18.30 -13.83 15.27
CA PHE D 243 19.45 -14.52 14.69
C PHE D 243 20.82 -13.89 14.96
N LEU D 244 20.91 -12.80 15.73
CA LEU D 244 22.20 -12.13 15.86
C LEU D 244 23.21 -12.93 16.67
N PRO D 245 22.96 -13.30 17.94
CA PRO D 245 24.03 -13.89 18.76
C PRO D 245 24.37 -15.29 18.28
N SER D 246 25.62 -15.49 17.86
CA SER D 246 26.04 -16.74 17.26
C SER D 246 27.52 -16.95 17.55
N LYS D 247 28.06 -18.06 17.02
CA LYS D 247 29.47 -18.35 17.16
C LYS D 247 30.31 -17.51 16.20
N ASP D 248 29.83 -17.28 14.98
CA ASP D 248 30.59 -16.46 14.03
C ASP D 248 30.72 -15.02 14.49
N LEU D 249 29.85 -14.56 15.37
CA LEU D 249 30.04 -13.24 15.97
C LEU D 249 31.29 -13.22 16.84
N ALA D 250 31.54 -14.30 17.57
CA ALA D 250 32.74 -14.41 18.40
C ALA D 250 33.96 -14.87 17.61
N GLU D 251 33.76 -15.44 16.42
CA GLU D 251 34.86 -15.91 15.59
C GLU D 251 35.66 -14.77 14.98
N ALA D 252 35.19 -13.53 15.12
CA ALA D 252 35.92 -12.38 14.62
C ALA D 252 35.57 -11.14 15.43
N TYR E 1 21.56 -32.33 -17.10
CA TYR E 1 20.52 -31.42 -17.59
C TYR E 1 20.71 -31.21 -19.08
N GLU E 2 19.62 -30.90 -19.78
CA GLU E 2 19.66 -30.73 -21.23
C GLU E 2 19.73 -29.28 -21.67
N SER E 3 19.86 -28.33 -20.74
CA SER E 3 19.90 -26.92 -21.08
C SER E 3 21.01 -26.13 -20.42
N VAL E 4 21.66 -26.66 -19.38
CA VAL E 4 22.75 -25.97 -18.69
C VAL E 4 23.84 -26.97 -18.33
N THR E 5 24.95 -26.42 -17.83
CA THR E 5 26.04 -27.17 -17.24
C THR E 5 26.38 -26.53 -15.90
N VAL E 6 26.68 -27.34 -14.89
CA VAL E 6 26.99 -26.88 -13.54
C VAL E 6 28.31 -27.49 -13.11
N GLU E 7 29.23 -26.64 -12.61
CA GLU E 7 30.51 -27.11 -12.09
C GLU E 7 30.90 -26.29 -10.87
N VAL E 8 31.06 -26.96 -9.73
CA VAL E 8 31.34 -26.31 -8.46
C VAL E 8 32.80 -26.57 -8.07
N LYS E 9 33.48 -25.51 -7.63
CA LYS E 9 34.89 -25.63 -7.26
C LYS E 9 35.22 -24.55 -6.23
N ASP E 10 35.47 -24.96 -5.00
CA ASP E 10 35.87 -24.07 -3.90
C ASP E 10 34.77 -23.04 -3.59
N HIS E 11 33.61 -23.57 -3.19
CA HIS E 11 32.47 -22.83 -2.65
C HIS E 11 31.77 -21.94 -3.67
N VAL E 12 32.16 -21.97 -4.93
CA VAL E 12 31.45 -21.26 -5.98
C VAL E 12 31.11 -22.25 -7.08
N ALA E 13 29.86 -22.22 -7.53
CA ALA E 13 29.43 -23.00 -8.67
C ALA E 13 29.28 -22.08 -9.87
N GLN E 14 29.75 -22.53 -11.02
CA GLN E 14 29.52 -21.84 -12.28
C GLN E 14 28.45 -22.57 -13.06
N VAL E 15 27.50 -21.81 -13.60
CA VAL E 15 26.33 -22.31 -14.30
C VAL E 15 26.33 -21.69 -15.70
N THR E 16 26.45 -22.54 -16.71
CA THR E 16 26.56 -22.10 -18.09
C THR E 16 25.33 -22.56 -18.86
N LEU E 17 24.78 -21.70 -19.70
CA LEU E 17 23.60 -22.04 -20.49
C LEU E 17 24.02 -22.39 -21.91
N ILE E 18 23.60 -23.57 -22.37
CA ILE E 18 24.05 -24.12 -23.64
C ILE E 18 22.93 -24.34 -24.63
N GLY E 19 21.74 -23.81 -24.37
CA GLY E 19 20.64 -23.92 -25.31
C GLY E 19 20.02 -25.31 -25.39
N GLY E 23 21.56 -19.93 -31.01
CA GLY E 23 22.41 -19.06 -30.21
C GLY E 23 21.93 -18.91 -28.78
N ASN E 24 21.96 -20.01 -28.03
CA ASN E 24 21.54 -20.05 -26.63
C ASN E 24 20.05 -19.74 -26.48
N ALA E 25 19.26 -20.05 -27.50
CA ALA E 25 17.83 -19.77 -27.45
C ALA E 25 17.15 -20.61 -26.36
N MET E 26 16.14 -20.02 -25.74
CA MET E 26 15.48 -20.60 -24.58
C MET E 26 14.18 -21.26 -25.02
N GLY E 27 14.16 -22.58 -25.03
CA GLY E 27 13.02 -23.33 -25.51
C GLY E 27 12.24 -24.02 -24.40
N PRO E 28 11.45 -25.04 -24.77
CA PRO E 28 10.59 -25.69 -23.79
C PRO E 28 11.32 -26.36 -22.64
N ALA E 29 12.56 -26.82 -22.83
CA ALA E 29 13.28 -27.46 -21.75
C ALA E 29 13.74 -26.47 -20.70
N PHE E 30 13.97 -25.22 -21.10
CA PHE E 30 14.43 -24.18 -20.19
C PHE E 30 13.42 -23.94 -19.06
N TRP E 31 12.16 -23.69 -19.44
CA TRP E 31 11.13 -23.36 -18.47
C TRP E 31 10.77 -24.53 -17.57
N GLU E 32 11.08 -25.74 -17.98
CA GLU E 32 10.82 -26.90 -17.13
C GLU E 32 12.00 -27.24 -16.24
N GLU E 33 13.23 -26.86 -16.65
CA GLU E 33 14.41 -27.29 -15.93
C GLU E 33 14.96 -26.27 -14.94
N MET E 34 14.79 -24.96 -15.17
CA MET E 34 15.48 -23.98 -14.31
C MET E 34 15.14 -24.09 -12.83
N PRO E 35 13.87 -24.19 -12.41
CA PRO E 35 13.60 -24.27 -10.96
C PRO E 35 14.29 -25.43 -10.27
N ASP E 36 14.41 -26.59 -10.91
CA ASP E 36 15.09 -27.72 -10.28
C ASP E 36 16.58 -27.44 -10.09
N VAL E 37 17.23 -26.86 -11.09
CA VAL E 37 18.65 -26.54 -10.99
C VAL E 37 18.89 -25.58 -9.85
N PHE E 38 18.10 -24.52 -9.78
CA PHE E 38 18.37 -23.52 -8.75
C PHE E 38 17.93 -23.99 -7.36
N GLY E 39 16.93 -24.87 -7.27
CA GLY E 39 16.61 -25.46 -5.99
C GLY E 39 17.70 -26.39 -5.49
N THR E 40 18.30 -27.15 -6.41
CA THR E 40 19.41 -28.02 -6.03
C THR E 40 20.61 -27.22 -5.56
N LEU E 41 20.94 -26.12 -6.26
CA LEU E 41 22.12 -25.37 -5.90
C LEU E 41 21.94 -24.61 -4.59
N ASP E 42 20.73 -24.13 -4.31
CA ASP E 42 20.49 -23.31 -3.14
C ASP E 42 20.26 -24.13 -1.87
N ASP E 43 20.35 -25.45 -1.93
CA ASP E 43 20.07 -26.31 -0.78
C ASP E 43 21.33 -26.73 -0.04
N ASP E 44 22.27 -27.35 -0.75
CA ASP E 44 23.46 -27.88 -0.10
C ASP E 44 24.36 -26.74 0.39
N PRO E 45 25.07 -26.95 1.50
CA PRO E 45 25.87 -25.86 2.07
C PRO E 45 27.23 -25.66 1.42
N ASP E 46 27.62 -26.53 0.48
CA ASP E 46 28.93 -26.41 -0.14
C ASP E 46 29.03 -25.23 -1.09
N VAL E 47 27.92 -24.62 -1.48
CA VAL E 47 27.89 -23.53 -2.44
C VAL E 47 27.49 -22.26 -1.71
N ARG E 48 28.28 -21.19 -1.88
CA ARG E 48 28.03 -19.92 -1.25
C ARG E 48 27.83 -18.75 -2.23
N ALA E 49 28.12 -18.95 -3.52
CA ALA E 49 27.84 -17.95 -4.54
C ALA E 49 27.82 -18.64 -5.91
N ILE E 50 27.12 -18.01 -6.86
CA ILE E 50 26.91 -18.57 -8.19
C ILE E 50 27.35 -17.55 -9.23
N VAL E 51 28.00 -18.04 -10.28
CA VAL E 51 28.37 -17.24 -11.45
C VAL E 51 27.57 -17.76 -12.64
N LEU E 52 26.97 -16.85 -13.40
CA LEU E 52 26.10 -17.20 -14.52
C LEU E 52 26.62 -16.58 -15.81
N THR E 53 26.92 -17.42 -16.80
CA THR E 53 27.44 -16.97 -18.08
C THR E 53 26.85 -17.82 -19.19
N GLY E 54 26.97 -17.32 -20.41
CA GLY E 54 26.41 -17.97 -21.59
C GLY E 54 27.49 -18.59 -22.46
N SER E 55 27.12 -19.63 -23.19
CA SER E 55 28.07 -20.34 -24.03
C SER E 55 28.29 -19.62 -25.35
N GLY E 56 29.42 -19.92 -25.98
CA GLY E 56 29.69 -19.40 -27.31
C GLY E 56 30.18 -17.98 -27.37
N LYS E 57 29.68 -17.22 -28.34
CA LYS E 57 30.07 -15.83 -28.55
C LYS E 57 28.99 -14.84 -28.18
N ASN E 58 27.88 -15.31 -27.59
CA ASN E 58 26.76 -14.47 -27.21
C ASN E 58 26.25 -14.93 -25.85
N PHE E 59 25.29 -14.19 -25.31
CA PHE E 59 24.63 -14.58 -24.06
C PHE E 59 23.36 -15.38 -24.35
N SER E 60 22.42 -14.79 -25.08
CA SER E 60 21.21 -15.47 -25.52
C SER E 60 20.55 -14.64 -26.62
N TYR E 61 19.67 -15.29 -27.37
CA TYR E 61 18.91 -14.63 -28.42
C TYR E 61 17.45 -14.40 -28.05
N GLY E 62 17.02 -14.87 -26.89
CA GLY E 62 15.65 -14.66 -26.46
C GLY E 62 14.84 -15.93 -26.45
N LEU E 63 13.62 -15.87 -26.97
CA LEU E 63 12.69 -16.98 -26.95
C LEU E 63 12.73 -17.72 -28.28
N ASP E 64 12.76 -19.05 -28.20
CA ASP E 64 12.81 -19.90 -29.37
C ASP E 64 11.50 -19.84 -30.14
N ALA E 77 -10.06 -17.27 -31.09
CA ALA E 77 -10.28 -18.45 -30.27
C ALA E 77 -11.28 -18.17 -29.15
N GLY E 78 -11.66 -19.22 -28.43
CA GLY E 78 -12.58 -19.11 -27.32
C GLY E 78 -11.89 -19.25 -25.98
N ALA E 79 -12.70 -19.13 -24.93
CA ALA E 79 -12.17 -19.00 -23.56
C ALA E 79 -11.40 -20.23 -23.13
N LYS E 80 -11.74 -21.40 -23.65
CA LYS E 80 -11.09 -22.64 -23.20
C LYS E 80 -9.61 -22.68 -23.57
N SER E 81 -9.26 -22.22 -24.77
CA SER E 81 -7.85 -22.23 -25.18
C SER E 81 -7.07 -21.10 -24.54
N ARG E 82 -7.72 -19.97 -24.30
CA ARG E 82 -7.07 -18.84 -23.66
C ARG E 82 -6.82 -19.12 -22.18
N SER E 83 -7.65 -19.95 -21.55
CA SER E 83 -7.35 -20.38 -20.19
C SER E 83 -6.05 -21.16 -20.14
N ASP E 84 -5.83 -22.05 -21.11
CA ASP E 84 -4.60 -22.84 -21.15
C ASP E 84 -3.40 -21.96 -21.45
N PHE E 85 -3.57 -20.97 -22.33
CA PHE E 85 -2.52 -19.98 -22.56
C PHE E 85 -2.17 -19.22 -21.27
N HIS E 86 -3.18 -18.84 -20.50
CA HIS E 86 -2.96 -18.13 -19.24
C HIS E 86 -2.17 -18.98 -18.25
N LYS E 87 -2.60 -20.22 -18.05
CA LYS E 87 -1.90 -21.11 -17.13
C LYS E 87 -0.49 -21.40 -17.61
N ARG E 88 -0.27 -21.36 -18.92
CA ARG E 88 1.05 -21.64 -19.49
C ARG E 88 2.00 -20.46 -19.33
N LEU E 89 1.47 -19.23 -19.46
CA LEU E 89 2.27 -18.04 -19.19
C LEU E 89 2.70 -17.96 -17.74
N GLN E 90 1.81 -18.32 -16.82
CA GLN E 90 2.13 -18.23 -15.39
C GLN E 90 3.33 -19.08 -15.00
N LYS E 91 3.51 -20.25 -15.60
CA LYS E 91 4.61 -21.12 -15.18
C LYS E 91 5.96 -20.66 -15.72
N MET E 92 6.00 -20.03 -16.90
CA MET E 92 7.21 -19.34 -17.34
C MET E 92 7.57 -18.20 -16.39
N GLN E 93 6.56 -17.42 -15.98
CA GLN E 93 6.79 -16.40 -14.98
C GLN E 93 7.40 -17.00 -13.71
N GLY E 94 6.88 -18.14 -13.26
CA GLY E 94 7.42 -18.76 -12.06
C GLY E 94 8.83 -19.28 -12.22
N ALA E 95 9.16 -19.79 -13.41
CA ALA E 95 10.52 -20.23 -13.69
C ALA E 95 11.52 -19.07 -13.57
N ILE E 96 11.13 -17.88 -14.06
CA ILE E 96 12.02 -16.73 -13.90
C ILE E 96 12.04 -16.24 -12.45
N THR E 97 10.91 -16.31 -11.76
CA THR E 97 10.86 -15.91 -10.35
C THR E 97 11.66 -16.83 -9.43
N ALA E 98 11.93 -18.07 -9.87
CA ALA E 98 12.72 -18.99 -9.05
C ALA E 98 14.12 -18.45 -8.78
N VAL E 99 14.76 -17.84 -9.78
CA VAL E 99 16.13 -17.35 -9.63
C VAL E 99 16.16 -16.16 -8.69
N ALA E 100 15.16 -15.28 -8.76
CA ALA E 100 15.12 -14.04 -8.01
C ALA E 100 14.76 -14.23 -6.55
N ASP E 101 14.37 -15.44 -6.14
CA ASP E 101 13.94 -15.69 -4.77
C ASP E 101 14.89 -16.60 -4.00
N CYS E 102 15.96 -17.08 -4.61
CA CYS E 102 16.89 -17.91 -3.85
C CYS E 102 17.78 -17.03 -2.98
N ARG E 103 18.33 -17.65 -1.94
CA ARG E 103 19.10 -16.93 -0.93
C ARG E 103 20.60 -17.05 -1.11
N THR E 104 21.06 -17.59 -2.24
CA THR E 104 22.48 -17.57 -2.59
C THR E 104 22.73 -16.50 -3.63
N PRO E 105 23.67 -15.58 -3.40
CA PRO E 105 23.89 -14.50 -4.37
C PRO E 105 24.39 -15.00 -5.72
N THR E 106 24.01 -14.28 -6.78
CA THR E 106 24.35 -14.63 -8.15
C THR E 106 25.00 -13.43 -8.84
N ILE E 107 25.99 -13.70 -9.67
CA ILE E 107 26.66 -12.68 -10.49
C ILE E 107 26.62 -13.11 -11.95
N ALA E 108 26.10 -12.24 -12.81
CA ALA E 108 26.02 -12.51 -14.24
C ALA E 108 27.19 -11.88 -14.99
N SER E 109 27.70 -12.58 -16.00
CA SER E 109 28.81 -12.08 -16.81
C SER E 109 28.39 -12.15 -18.27
N VAL E 110 28.19 -10.99 -18.89
CA VAL E 110 27.45 -10.87 -20.15
C VAL E 110 28.42 -10.58 -21.29
N HIS E 111 28.35 -11.39 -22.34
CA HIS E 111 29.29 -11.28 -23.45
C HIS E 111 28.50 -11.36 -24.74
N GLY E 112 28.65 -10.38 -25.62
CA GLY E 112 28.10 -10.53 -26.96
C GLY E 112 26.78 -9.85 -27.24
N TRP E 113 25.71 -10.63 -27.29
CA TRP E 113 24.36 -10.16 -27.58
C TRP E 113 23.43 -10.60 -26.45
N CYS E 114 22.40 -9.79 -26.20
CA CYS E 114 21.46 -10.06 -25.12
C CYS E 114 20.11 -9.46 -25.52
N ILE E 115 19.21 -10.31 -26.03
CA ILE E 115 17.97 -9.86 -26.67
C ILE E 115 16.78 -10.47 -25.95
N GLY E 116 15.79 -9.63 -25.65
CA GLY E 116 14.49 -10.10 -25.20
C GLY E 116 14.49 -10.86 -23.89
N GLY E 117 14.22 -12.16 -23.95
CA GLY E 117 14.11 -12.96 -22.74
C GLY E 117 15.37 -12.96 -21.90
N GLY E 118 16.53 -12.90 -22.55
CA GLY E 118 17.78 -12.79 -21.81
C GLY E 118 17.83 -11.55 -20.94
N VAL E 119 17.31 -10.43 -21.45
CA VAL E 119 17.18 -9.22 -20.64
C VAL E 119 16.24 -9.45 -19.46
N ASP E 120 15.20 -10.26 -19.65
CA ASP E 120 14.34 -10.64 -18.55
C ASP E 120 15.05 -11.49 -17.50
N LEU E 121 16.15 -12.14 -17.87
CA LEU E 121 16.86 -13.02 -16.97
C LEU E 121 17.92 -12.30 -16.16
N ILE E 122 18.64 -11.35 -16.76
CA ILE E 122 19.69 -10.63 -16.05
C ILE E 122 19.15 -9.52 -15.17
N SER E 123 17.86 -9.21 -15.26
CA SER E 123 17.23 -8.29 -14.33
C SER E 123 16.79 -8.95 -13.03
N ALA E 124 17.08 -10.24 -12.84
CA ALA E 124 16.75 -10.95 -11.61
C ALA E 124 17.99 -11.42 -10.83
N VAL E 125 19.19 -11.05 -11.27
CA VAL E 125 20.40 -11.37 -10.55
C VAL E 125 20.84 -10.15 -9.74
N ASP E 126 21.80 -10.35 -8.84
CA ASP E 126 22.23 -9.28 -7.94
C ASP E 126 23.20 -8.30 -8.60
N ILE E 127 24.18 -8.80 -9.35
CA ILE E 127 25.24 -8.00 -9.94
C ILE E 127 25.39 -8.37 -11.40
N ARG E 128 25.71 -7.38 -12.25
CA ARG E 128 25.88 -7.55 -13.69
C ARG E 128 27.20 -6.94 -14.16
N TYR E 129 28.03 -7.74 -14.85
CA TYR E 129 29.27 -7.28 -15.47
C TYR E 129 29.20 -7.49 -16.97
N ALA E 130 29.88 -6.63 -17.73
CA ALA E 130 29.85 -6.70 -19.19
C ALA E 130 31.26 -6.56 -19.76
N SER E 131 31.37 -6.75 -21.07
CA SER E 131 32.56 -6.45 -21.86
C SER E 131 32.22 -5.41 -22.92
N ALA E 132 33.22 -5.08 -23.74
CA ALA E 132 33.08 -3.96 -24.68
C ALA E 132 32.26 -4.30 -25.92
N ASP E 133 32.06 -5.58 -26.23
CA ASP E 133 31.33 -6.01 -27.42
C ASP E 133 29.90 -6.44 -27.10
N ALA E 134 29.31 -5.91 -26.05
CA ALA E 134 27.99 -6.33 -25.58
C ALA E 134 26.90 -5.41 -26.13
N LYS E 135 25.74 -5.99 -26.46
CA LYS E 135 24.62 -5.26 -27.04
C LYS E 135 23.33 -5.71 -26.37
N PHE E 136 22.45 -4.75 -26.08
CA PHE E 136 21.25 -5.02 -25.29
C PHE E 136 20.02 -4.44 -25.98
N SER E 137 18.89 -5.15 -25.89
CA SER E 137 17.62 -4.64 -26.39
C SER E 137 16.44 -5.32 -25.69
N VAL E 138 15.31 -4.62 -25.64
CA VAL E 138 14.03 -5.20 -25.26
C VAL E 138 13.15 -5.18 -26.51
N ARG E 139 13.17 -6.26 -27.29
CA ARG E 139 12.67 -6.24 -28.65
C ARG E 139 11.31 -6.92 -28.80
N GLU E 140 10.49 -6.92 -27.76
CA GLU E 140 9.18 -7.56 -27.87
C GLU E 140 8.19 -6.69 -28.64
N VAL E 141 8.31 -5.36 -28.52
CA VAL E 141 7.35 -4.47 -29.16
C VAL E 141 7.40 -4.61 -30.68
N LYS E 142 8.57 -4.96 -31.23
CA LYS E 142 8.72 -5.16 -32.66
C LYS E 142 8.10 -6.47 -33.13
N LEU E 143 7.80 -7.38 -32.22
CA LEU E 143 7.12 -8.63 -32.52
C LEU E 143 5.61 -8.53 -32.37
N ALA E 144 5.10 -7.35 -32.00
CA ALA E 144 3.70 -7.14 -31.63
C ALA E 144 3.34 -7.88 -30.34
N ILE E 145 4.23 -7.79 -29.36
CA ILE E 145 4.05 -8.41 -28.05
C ILE E 145 4.28 -7.36 -26.97
N VAL E 146 3.49 -7.42 -25.91
CA VAL E 146 3.79 -6.71 -24.67
C VAL E 146 4.46 -7.70 -23.73
N ALA E 147 5.72 -7.43 -23.36
CA ALA E 147 6.51 -8.41 -22.64
C ALA E 147 5.88 -8.77 -21.31
N ASP E 148 5.78 -10.07 -21.03
CA ASP E 148 5.02 -10.54 -19.88
C ASP E 148 5.74 -11.66 -19.14
N VAL E 149 7.07 -11.65 -19.15
CA VAL E 149 7.84 -12.68 -18.45
C VAL E 149 8.66 -12.12 -17.30
N GLY E 150 8.76 -10.80 -17.17
CA GLY E 150 9.39 -10.22 -16.00
C GLY E 150 10.19 -8.96 -16.19
N SER E 151 10.36 -8.52 -17.44
CA SER E 151 11.22 -7.36 -17.70
C SER E 151 10.63 -6.08 -17.15
N LEU E 152 9.36 -5.80 -17.47
CA LEU E 152 8.74 -4.54 -17.09
C LEU E 152 8.33 -4.48 -15.62
N ALA E 153 8.32 -5.60 -14.92
CA ALA E 153 8.01 -5.60 -13.51
C ALA E 153 9.24 -5.43 -12.63
N ARG E 154 10.39 -5.87 -13.09
CA ARG E 154 11.62 -5.81 -12.31
C ARG E 154 12.60 -4.76 -12.78
N LEU E 155 12.46 -4.28 -14.00
CA LEU E 155 13.37 -3.30 -14.59
C LEU E 155 13.21 -1.90 -13.98
N PRO E 156 12.04 -1.50 -13.47
CA PRO E 156 11.94 -0.18 -12.81
C PRO E 156 12.78 -0.01 -11.54
N LEU E 157 13.24 -1.07 -10.88
CA LEU E 157 14.16 -0.84 -9.76
C LEU E 157 15.59 -0.62 -10.21
N ILE E 158 15.92 -0.94 -11.45
CA ILE E 158 17.28 -0.81 -11.95
C ILE E 158 17.48 0.52 -12.67
N LEU E 159 16.55 0.88 -13.54
CA LEU E 159 16.66 2.07 -14.37
C LEU E 159 15.77 3.17 -13.81
N SER E 160 15.66 4.25 -14.57
CA SER E 160 14.76 5.36 -14.27
C SER E 160 13.68 5.43 -15.34
N ASP E 161 12.79 6.42 -15.20
CA ASP E 161 11.58 6.46 -16.02
C ASP E 161 11.91 6.71 -17.48
N GLY E 162 12.73 7.73 -17.78
CA GLY E 162 12.96 8.10 -19.16
C GLY E 162 13.73 7.06 -19.94
N HIS E 163 14.80 6.52 -19.35
CA HIS E 163 15.61 5.53 -20.04
C HIS E 163 14.84 4.24 -20.30
N LEU E 164 14.15 3.75 -19.26
CA LEU E 164 13.30 2.58 -19.41
C LEU E 164 12.21 2.80 -20.44
N ARG E 165 11.59 3.98 -20.43
CA ARG E 165 10.46 4.24 -21.31
C ARG E 165 10.92 4.31 -22.77
N GLU E 166 12.06 4.94 -23.03
CA GLU E 166 12.61 4.94 -24.37
C GLU E 166 12.97 3.53 -24.84
N LEU E 167 13.64 2.75 -23.98
CA LEU E 167 14.03 1.40 -24.36
C LEU E 167 12.82 0.54 -24.69
N ALA E 168 11.78 0.63 -23.87
CA ALA E 168 10.60 -0.20 -24.05
C ALA E 168 9.71 0.26 -25.21
N LEU E 169 9.69 1.54 -25.53
CA LEU E 169 8.81 2.04 -26.59
C LEU E 169 9.46 2.04 -27.96
N THR E 170 10.79 2.12 -28.06
CA THR E 170 11.41 2.17 -29.38
C THR E 170 11.78 0.80 -29.92
N GLY E 171 12.39 -0.05 -29.09
CA GLY E 171 12.90 -1.32 -29.55
C GLY E 171 14.30 -1.29 -30.11
N LYS E 172 15.08 -0.27 -29.78
CA LYS E 172 16.42 -0.07 -30.32
C LYS E 172 17.46 -0.93 -29.58
N ASP E 173 18.66 -0.98 -30.14
CA ASP E 173 19.81 -1.67 -29.55
C ASP E 173 20.72 -0.63 -28.92
N ILE E 174 21.32 -0.97 -27.77
CA ILE E 174 22.31 -0.10 -27.17
C ILE E 174 23.58 -0.90 -26.85
N ASP E 175 24.68 -0.17 -26.74
CA ASP E 175 26.00 -0.73 -26.49
C ASP E 175 26.35 -0.67 -25.01
N ALA E 176 27.54 -1.16 -24.68
CA ALA E 176 27.92 -1.37 -23.29
C ALA E 176 28.25 -0.06 -22.57
N ALA E 177 28.74 0.94 -23.30
CA ALA E 177 29.02 2.23 -22.67
C ALA E 177 27.74 2.92 -22.19
N ARG E 178 26.70 2.90 -23.01
CA ARG E 178 25.44 3.51 -22.61
C ARG E 178 24.78 2.73 -21.48
N ALA E 179 24.89 1.39 -21.50
CA ALA E 179 24.38 0.57 -20.42
C ALA E 179 25.13 0.85 -19.12
N GLU E 180 26.44 1.11 -19.20
CA GLU E 180 27.19 1.54 -18.03
C GLU E 180 26.68 2.89 -17.52
N LYS E 181 26.41 3.82 -18.44
CA LYS E 181 26.00 5.15 -18.02
C LYS E 181 24.62 5.13 -17.36
N ILE E 182 23.68 4.37 -17.91
CA ILE E 182 22.30 4.40 -17.42
C ILE E 182 22.05 3.54 -16.20
N GLY E 183 23.01 2.71 -15.81
CA GLY E 183 22.89 1.89 -14.62
C GLY E 183 22.50 0.44 -14.82
N LEU E 184 22.51 -0.07 -16.04
CA LEU E 184 22.10 -1.46 -16.25
C LEU E 184 23.21 -2.44 -15.87
N VAL E 185 24.47 -2.08 -16.03
CA VAL E 185 25.57 -2.92 -15.61
C VAL E 185 26.43 -2.14 -14.62
N ASN E 186 27.24 -2.87 -13.85
CA ASN E 186 28.08 -2.29 -12.81
C ASN E 186 29.42 -1.82 -13.35
N ASP E 187 30.09 -2.64 -14.17
CA ASP E 187 31.40 -2.35 -14.72
C ASP E 187 31.48 -2.89 -16.15
N VAL E 188 32.41 -2.35 -16.93
CA VAL E 188 32.70 -2.78 -18.29
C VAL E 188 34.19 -3.08 -18.40
N TYR E 189 34.54 -4.12 -19.16
CA TYR E 189 35.92 -4.55 -19.36
C TYR E 189 36.21 -4.78 -20.84
N ASP E 190 37.49 -4.96 -21.16
CA ASP E 190 37.94 -4.95 -22.56
C ASP E 190 37.57 -6.22 -23.31
N ASP E 191 37.75 -7.39 -22.71
CA ASP E 191 37.54 -8.64 -23.43
C ASP E 191 36.56 -9.52 -22.65
N ALA E 192 36.31 -10.72 -23.20
CA ALA E 192 35.37 -11.65 -22.61
C ALA E 192 35.91 -12.40 -21.40
N GLU E 193 37.23 -12.39 -21.19
CA GLU E 193 37.85 -13.16 -20.11
C GLU E 193 38.15 -12.32 -18.90
N ALA E 194 38.41 -11.02 -19.10
CA ALA E 194 38.57 -10.11 -17.98
C ALA E 194 37.29 -10.00 -17.17
N SER E 195 36.14 -9.93 -17.84
CA SER E 195 34.85 -9.83 -17.14
C SER E 195 34.57 -11.10 -16.34
N LEU E 196 34.86 -12.27 -16.91
CA LEU E 196 34.61 -13.51 -16.19
C LEU E 196 35.54 -13.64 -14.99
N ALA E 197 36.80 -13.20 -15.14
CA ALA E 197 37.72 -13.17 -14.00
C ALA E 197 37.25 -12.22 -12.92
N ALA E 198 36.74 -11.05 -13.30
CA ALA E 198 36.24 -10.09 -12.31
C ALA E 198 35.02 -10.64 -11.57
N ALA E 199 34.12 -11.31 -12.30
CA ALA E 199 32.96 -11.92 -11.67
C ALA E 199 33.37 -12.99 -10.68
N HIS E 200 34.35 -13.82 -11.03
CA HIS E 200 34.84 -14.81 -10.07
C HIS E 200 35.52 -14.18 -8.87
N ALA E 201 36.27 -13.10 -9.08
CA ALA E 201 36.91 -12.44 -7.94
C ALA E 201 35.87 -11.91 -6.96
N THR E 202 34.81 -11.28 -7.47
CA THR E 202 33.75 -10.78 -6.59
C THR E 202 32.98 -11.92 -5.91
N ALA E 203 32.70 -12.99 -6.64
CA ALA E 203 32.02 -14.12 -6.01
C ALA E 203 32.84 -14.71 -4.89
N ALA E 204 34.15 -14.87 -5.10
CA ALA E 204 35.04 -15.35 -4.05
C ALA E 204 35.11 -14.38 -2.88
N GLU E 205 35.03 -13.08 -3.14
CA GLU E 205 34.98 -12.11 -2.05
C GLU E 205 33.73 -12.27 -1.23
N ILE E 206 32.58 -12.51 -1.88
CA ILE E 206 31.32 -12.69 -1.15
C ILE E 206 31.34 -13.98 -0.35
N ALA E 207 31.87 -15.06 -0.92
CA ALA E 207 31.93 -16.37 -0.25
C ALA E 207 32.90 -16.42 0.93
N ALA E 208 33.56 -15.34 1.34
CA ALA E 208 34.45 -15.36 2.50
C ALA E 208 33.85 -14.67 3.71
N ASN E 209 32.58 -14.30 3.65
CA ASN E 209 31.82 -13.72 4.76
C ASN E 209 30.98 -14.80 5.42
N PRO E 210 30.44 -14.53 6.62
CA PRO E 210 29.60 -15.54 7.30
C PRO E 210 28.38 -15.89 6.47
N PRO E 211 28.15 -17.17 6.21
CA PRO E 211 27.08 -17.56 5.27
C PRO E 211 25.68 -17.26 5.78
N LEU E 212 25.50 -17.07 7.09
CA LEU E 212 24.19 -16.88 7.69
C LEU E 212 23.79 -15.42 7.75
N THR E 213 24.75 -14.50 7.72
CA THR E 213 24.48 -13.07 7.63
C THR E 213 24.12 -12.64 6.21
N VAL E 214 24.70 -13.30 5.20
CA VAL E 214 24.47 -12.91 3.82
C VAL E 214 23.02 -13.21 3.41
N ALA E 215 22.54 -14.40 3.74
CA ALA E 215 21.16 -14.76 3.44
C ALA E 215 20.16 -13.88 4.19
N GLY E 216 20.51 -13.45 5.40
CA GLY E 216 19.65 -12.53 6.13
C GLY E 216 19.58 -11.15 5.49
N VAL E 217 20.72 -10.65 4.99
CA VAL E 217 20.71 -9.38 4.25
C VAL E 217 19.83 -9.51 3.02
N LYS E 218 19.94 -10.63 2.30
CA LYS E 218 19.09 -10.86 1.13
C LYS E 218 17.62 -10.90 1.49
N ASP E 219 17.28 -11.56 2.61
CA ASP E 219 15.90 -11.64 3.06
C ASP E 219 15.33 -10.26 3.38
N VAL E 220 16.08 -9.45 4.11
CA VAL E 220 15.63 -8.11 4.48
C VAL E 220 15.46 -7.23 3.25
N LEU E 221 16.37 -7.33 2.29
CA LEU E 221 16.27 -6.50 1.09
C LEU E 221 15.12 -6.96 0.19
N ASP E 222 14.85 -8.27 0.13
CA ASP E 222 13.77 -8.78 -0.70
C ASP E 222 12.40 -8.52 -0.09
N ALA E 223 12.30 -8.35 1.23
CA ALA E 223 11.01 -8.06 1.83
C ALA E 223 10.47 -6.68 1.43
N GLN E 224 11.28 -5.85 0.79
CA GLN E 224 10.90 -4.49 0.42
C GLN E 224 10.24 -4.37 -0.95
N ARG E 225 10.18 -5.44 -1.75
CA ARG E 225 9.82 -5.29 -3.16
C ARG E 225 8.91 -6.34 -3.77
N THR E 226 8.42 -7.32 -3.00
CA THR E 226 7.75 -8.47 -3.61
C THR E 226 6.32 -8.17 -4.09
N ALA E 227 5.58 -7.36 -3.32
CA ALA E 227 4.17 -7.16 -3.61
C ALA E 227 3.94 -6.50 -4.97
N GLN E 228 4.72 -5.46 -5.30
CA GLN E 228 4.51 -4.74 -6.55
C GLN E 228 4.88 -5.59 -7.74
N VAL E 229 5.93 -6.42 -7.62
CA VAL E 229 6.31 -7.33 -8.70
C VAL E 229 5.19 -8.32 -8.96
N ALA E 230 4.63 -8.89 -7.88
CA ALA E 230 3.56 -9.86 -8.05
C ALA E 230 2.32 -9.24 -8.69
N GLU E 231 1.96 -8.03 -8.27
CA GLU E 231 0.79 -7.35 -8.82
C GLU E 231 0.97 -7.03 -10.31
N SER E 232 2.15 -6.53 -10.68
CA SER E 232 2.42 -6.21 -12.08
C SER E 232 2.38 -7.47 -12.94
N LEU E 233 2.90 -8.60 -12.42
CA LEU E 233 2.86 -9.85 -13.17
C LEU E 233 1.44 -10.33 -13.40
N ARG E 234 0.59 -10.28 -12.36
CA ARG E 234 -0.82 -10.63 -12.53
C ARG E 234 -1.48 -9.82 -13.63
N TYR E 235 -1.34 -8.49 -13.56
CA TYR E 235 -2.01 -7.62 -14.51
C TYR E 235 -1.53 -7.89 -15.94
N VAL E 236 -0.23 -8.12 -16.14
CA VAL E 236 0.27 -8.33 -17.50
C VAL E 236 -0.19 -9.67 -18.06
N ALA E 237 -0.27 -10.71 -17.22
CA ALA E 237 -0.83 -11.97 -17.72
C ALA E 237 -2.28 -11.79 -18.18
N ALA E 238 -3.09 -11.06 -17.40
CA ALA E 238 -4.47 -10.83 -17.81
C ALA E 238 -4.56 -10.04 -19.12
N TRP E 239 -3.73 -9.00 -19.28
CA TRP E 239 -3.73 -8.18 -20.50
C TRP E 239 -3.34 -8.98 -21.74
N ASN E 240 -2.30 -9.83 -21.60
CA ASN E 240 -1.81 -10.58 -22.76
C ASN E 240 -2.75 -11.71 -23.12
N SER E 241 -3.51 -12.23 -22.16
CA SER E 241 -4.49 -13.26 -22.51
C SER E 241 -5.63 -12.71 -23.38
N ALA E 242 -5.79 -11.39 -23.44
CA ALA E 242 -6.86 -10.77 -24.21
C ALA E 242 -6.38 -10.17 -25.52
N PHE E 243 -5.27 -9.44 -25.52
CA PHE E 243 -4.94 -8.64 -26.69
C PHE E 243 -3.76 -9.18 -27.51
N LEU E 244 -3.20 -10.34 -27.13
CA LEU E 244 -2.00 -10.81 -27.84
C LEU E 244 -2.31 -11.37 -29.23
N PRO E 245 -3.18 -12.37 -29.40
CA PRO E 245 -3.35 -12.96 -30.74
C PRO E 245 -4.08 -12.01 -31.66
N SER E 246 -3.41 -11.59 -32.74
CA SER E 246 -3.95 -10.59 -33.63
C SER E 246 -3.37 -10.81 -35.03
N LYS E 247 -3.74 -9.92 -35.95
CA LYS E 247 -3.21 -9.97 -37.30
C LYS E 247 -1.79 -9.44 -37.37
N ASP E 248 -1.46 -8.39 -36.61
CA ASP E 248 -0.11 -7.86 -36.63
C ASP E 248 0.91 -8.83 -36.07
N LEU E 249 0.48 -9.80 -35.27
CA LEU E 249 1.38 -10.86 -34.86
C LEU E 249 1.80 -11.72 -36.05
N ALA E 250 0.88 -11.97 -36.97
CA ALA E 250 1.18 -12.72 -38.18
C ALA E 250 1.81 -11.85 -39.26
N GLU E 251 1.64 -10.52 -39.18
CA GLU E 251 2.16 -9.61 -40.19
C GLU E 251 3.67 -9.47 -40.13
N ALA E 252 4.33 -10.03 -39.11
CA ALA E 252 5.77 -9.97 -39.01
C ALA E 252 6.30 -11.09 -38.14
N TYR F 1 -8.38 27.29 -30.86
CA TYR F 1 -7.19 27.19 -30.01
C TYR F 1 -6.45 28.52 -29.99
N GLU F 2 -6.51 29.22 -28.84
CA GLU F 2 -5.86 30.51 -28.68
C GLU F 2 -4.56 30.42 -27.91
N SER F 3 -4.08 29.22 -27.59
CA SER F 3 -2.86 29.07 -26.80
C SER F 3 -1.86 28.08 -27.40
N VAL F 4 -2.23 27.32 -28.42
CA VAL F 4 -1.33 26.36 -29.06
C VAL F 4 -1.57 26.37 -30.57
N THR F 5 -0.69 25.66 -31.28
CA THR F 5 -0.85 25.36 -32.70
C THR F 5 -0.60 23.87 -32.88
N VAL F 6 -1.39 23.24 -33.76
CA VAL F 6 -1.30 21.81 -34.01
C VAL F 6 -1.17 21.58 -35.52
N GLU F 7 -0.19 20.77 -35.92
CA GLU F 7 0.00 20.44 -37.34
C GLU F 7 0.43 18.99 -37.48
N VAL F 8 -0.36 18.18 -38.17
CA VAL F 8 -0.13 16.75 -38.32
C VAL F 8 0.41 16.48 -39.72
N LYS F 9 1.42 15.61 -39.80
CA LYS F 9 2.02 15.27 -41.09
C LYS F 9 2.70 13.92 -40.99
N ASP F 10 2.14 12.92 -41.65
CA ASP F 10 2.69 11.56 -41.71
C ASP F 10 2.77 10.92 -40.32
N HIS F 11 1.59 10.76 -39.71
CA HIS F 11 1.35 10.01 -38.48
C HIS F 11 1.96 10.65 -37.24
N VAL F 12 2.57 11.83 -37.35
CA VAL F 12 3.06 12.56 -36.20
C VAL F 12 2.46 13.95 -36.23
N ALA F 13 1.93 14.39 -35.09
CA ALA F 13 1.45 15.75 -34.92
C ALA F 13 2.45 16.53 -34.10
N GLN F 14 2.73 17.76 -34.51
CA GLN F 14 3.55 18.68 -33.74
C GLN F 14 2.65 19.72 -33.08
N VAL F 15 2.89 19.96 -31.79
CA VAL F 15 2.08 20.84 -30.96
C VAL F 15 3.00 21.90 -30.36
N THR F 16 2.75 23.16 -30.70
CA THR F 16 3.59 24.27 -30.29
C THR F 16 2.79 25.18 -29.37
N LEU F 17 3.44 25.70 -28.33
CA LEU F 17 2.77 26.60 -27.38
C LEU F 17 3.18 28.03 -27.68
N ILE F 18 2.18 28.90 -27.90
CA ILE F 18 2.42 30.26 -28.35
C ILE F 18 1.97 31.31 -27.35
N GLY F 19 1.60 30.91 -26.15
CA GLY F 19 1.22 31.88 -25.13
C GLY F 19 -0.18 32.43 -25.29
N GLY F 23 6.72 36.10 -22.16
CA GLY F 23 7.22 35.01 -22.97
C GLY F 23 6.13 34.01 -23.31
N ASN F 24 6.37 32.74 -23.01
CA ASN F 24 5.37 31.69 -23.21
C ASN F 24 4.58 31.45 -21.92
N ALA F 25 4.07 32.54 -21.36
CA ALA F 25 3.38 32.46 -20.08
C ALA F 25 2.09 31.67 -20.21
N MET F 26 1.76 30.93 -19.15
CA MET F 26 0.60 30.04 -19.13
C MET F 26 -0.49 30.71 -18.30
N GLY F 27 -1.53 31.19 -18.96
CA GLY F 27 -2.61 31.89 -18.30
C GLY F 27 -3.89 31.08 -18.24
N PRO F 28 -5.01 31.76 -17.98
CA PRO F 28 -6.29 31.03 -17.84
C PRO F 28 -6.70 30.25 -19.08
N ALA F 29 -6.36 30.75 -20.28
CA ALA F 29 -6.68 30.03 -21.50
C ALA F 29 -5.96 28.68 -21.54
N PHE F 30 -4.73 28.64 -21.03
CA PHE F 30 -3.98 27.38 -20.99
C PHE F 30 -4.72 26.33 -20.17
N TRP F 31 -5.09 26.69 -18.93
CA TRP F 31 -5.77 25.75 -18.06
C TRP F 31 -7.15 25.38 -18.59
N GLU F 32 -7.80 26.29 -19.31
CA GLU F 32 -9.12 25.95 -19.84
C GLU F 32 -9.02 25.01 -21.03
N GLU F 33 -8.02 25.19 -21.89
CA GLU F 33 -8.00 24.53 -23.18
C GLU F 33 -7.12 23.28 -23.24
N MET F 34 -6.21 23.07 -22.28
CA MET F 34 -5.24 21.99 -22.46
C MET F 34 -5.87 20.60 -22.56
N PRO F 35 -6.83 20.20 -21.72
CA PRO F 35 -7.41 18.85 -21.88
C PRO F 35 -8.04 18.58 -23.26
N ASP F 36 -8.66 19.59 -23.89
CA ASP F 36 -9.40 19.35 -25.13
C ASP F 36 -8.47 19.00 -26.29
N VAL F 37 -7.31 19.66 -26.37
CA VAL F 37 -6.38 19.39 -27.47
C VAL F 37 -5.90 17.95 -27.41
N PHE F 38 -5.53 17.48 -26.22
CA PHE F 38 -5.02 16.13 -26.09
C PHE F 38 -6.14 15.09 -26.20
N GLY F 39 -7.36 15.44 -25.78
CA GLY F 39 -8.48 14.54 -26.05
C GLY F 39 -8.73 14.37 -27.53
N THR F 40 -8.64 15.46 -28.28
CA THR F 40 -8.83 15.39 -29.72
C THR F 40 -7.72 14.58 -30.40
N LEU F 41 -6.47 14.80 -29.99
CA LEU F 41 -5.35 14.14 -30.67
C LEU F 41 -5.29 12.66 -30.35
N ASP F 42 -5.77 12.24 -29.18
CA ASP F 42 -5.77 10.84 -28.80
C ASP F 42 -6.93 10.05 -29.41
N ASP F 43 -7.90 10.72 -30.02
CA ASP F 43 -9.09 10.04 -30.54
C ASP F 43 -8.85 9.44 -31.92
N ASP F 44 -8.50 10.28 -32.90
CA ASP F 44 -8.36 9.80 -34.26
C ASP F 44 -7.15 8.88 -34.40
N PRO F 45 -7.23 7.87 -35.27
CA PRO F 45 -6.12 6.94 -35.43
C PRO F 45 -5.01 7.41 -36.35
N ASP F 46 -5.16 8.59 -36.97
CA ASP F 46 -4.14 9.09 -37.89
C ASP F 46 -2.88 9.55 -37.17
N VAL F 47 -2.90 9.65 -35.84
CA VAL F 47 -1.78 10.15 -35.06
C VAL F 47 -1.27 9.02 -34.18
N ARG F 48 0.04 8.76 -34.25
CA ARG F 48 0.67 7.70 -33.46
C ARG F 48 1.77 8.20 -32.52
N ALA F 49 2.22 9.45 -32.66
CA ALA F 49 3.16 10.05 -31.72
C ALA F 49 3.05 11.56 -31.80
N ILE F 50 3.45 12.24 -30.73
CA ILE F 50 3.32 13.68 -30.61
C ILE F 50 4.69 14.27 -30.26
N VAL F 51 4.99 15.42 -30.85
CA VAL F 51 6.18 16.21 -30.53
C VAL F 51 5.71 17.53 -29.92
N LEU F 52 6.33 17.91 -28.79
CA LEU F 52 5.95 19.10 -28.04
C LEU F 52 7.14 20.04 -27.92
N THR F 53 6.98 21.26 -28.43
CA THR F 53 8.04 22.26 -28.38
C THR F 53 7.41 23.63 -28.14
N GLY F 54 8.25 24.58 -27.76
CA GLY F 54 7.82 25.93 -27.42
C GLY F 54 8.24 26.95 -28.45
N SER F 55 7.44 28.00 -28.58
CA SER F 55 7.69 29.04 -29.58
C SER F 55 8.79 29.99 -29.12
N GLY F 56 9.39 30.68 -30.09
CA GLY F 56 10.34 31.72 -29.79
C GLY F 56 11.75 31.25 -29.46
N LYS F 57 12.36 31.86 -28.45
CA LYS F 57 13.72 31.53 -28.03
C LYS F 57 13.78 30.84 -26.69
N ASN F 58 12.63 30.54 -26.08
CA ASN F 58 12.56 29.87 -24.78
C ASN F 58 11.47 28.81 -24.86
N PHE F 59 11.33 28.04 -23.79
CA PHE F 59 10.25 27.05 -23.70
C PHE F 59 9.03 27.65 -23.01
N SER F 60 9.19 28.09 -21.76
CA SER F 60 8.12 28.80 -21.05
C SER F 60 8.74 29.52 -19.85
N TYR F 61 7.97 30.46 -19.30
CA TYR F 61 8.38 31.21 -18.13
C TYR F 61 7.63 30.84 -16.86
N GLY F 62 6.63 29.98 -16.96
CA GLY F 62 5.87 29.59 -15.79
C GLY F 62 4.45 30.07 -15.83
N LEU F 63 3.94 30.54 -14.70
CA LEU F 63 2.56 30.97 -14.57
C LEU F 63 2.48 32.49 -14.61
N ASP F 64 1.52 33.00 -15.38
CA ASP F 64 1.32 34.44 -15.51
C ASP F 64 0.73 35.02 -14.22
N ALA F 77 -8.91 35.58 5.05
CA ALA F 77 -10.19 35.20 4.46
C ALA F 77 -10.83 34.06 5.25
N GLY F 78 -12.08 33.74 4.91
CA GLY F 78 -12.84 32.70 5.55
C GLY F 78 -13.01 31.47 4.67
N ALA F 79 -13.74 30.49 5.22
CA ALA F 79 -13.80 29.16 4.62
C ALA F 79 -14.40 29.19 3.22
N LYS F 80 -15.43 30.01 3.01
CA LYS F 80 -16.04 30.10 1.69
C LYS F 80 -15.07 30.66 0.66
N SER F 81 -14.11 31.48 1.09
CA SER F 81 -13.12 32.01 0.17
C SER F 81 -12.07 30.98 -0.18
N ARG F 82 -11.71 30.12 0.77
CA ARG F 82 -10.72 29.09 0.55
C ARG F 82 -11.26 27.91 -0.24
N SER F 83 -12.57 27.65 -0.16
CA SER F 83 -13.14 26.52 -0.90
C SER F 83 -13.03 26.71 -2.40
N ASP F 84 -13.24 27.94 -2.88
CA ASP F 84 -13.18 28.21 -4.30
C ASP F 84 -11.76 28.10 -4.83
N PHE F 85 -10.80 28.55 -4.03
CA PHE F 85 -9.40 28.35 -4.33
C PHE F 85 -9.05 26.87 -4.41
N HIS F 86 -9.60 26.06 -3.49
CA HIS F 86 -9.34 24.62 -3.49
C HIS F 86 -9.84 23.97 -4.77
N LYS F 87 -11.08 24.31 -5.18
CA LYS F 87 -11.63 23.73 -6.40
C LYS F 87 -10.83 24.16 -7.63
N ARG F 88 -10.39 25.42 -7.65
CA ARG F 88 -9.64 25.94 -8.80
C ARG F 88 -8.27 25.28 -8.90
N LEU F 89 -7.60 25.07 -7.76
CA LEU F 89 -6.34 24.35 -7.73
C LEU F 89 -6.49 22.93 -8.25
N GLN F 90 -7.56 22.24 -7.84
CA GLN F 90 -7.81 20.89 -8.34
C GLN F 90 -7.99 20.88 -9.85
N LYS F 91 -8.73 21.85 -10.40
CA LYS F 91 -8.93 21.89 -11.84
C LYS F 91 -7.62 22.10 -12.60
N MET F 92 -6.76 22.99 -12.08
CA MET F 92 -5.45 23.19 -12.70
C MET F 92 -4.58 21.95 -12.62
N GLN F 93 -4.68 21.18 -11.54
CA GLN F 93 -3.98 19.90 -11.48
C GLN F 93 -4.50 18.93 -12.56
N GLY F 94 -5.81 18.88 -12.75
CA GLY F 94 -6.37 17.99 -13.75
C GLY F 94 -5.93 18.33 -15.17
N ALA F 95 -5.68 19.61 -15.44
CA ALA F 95 -5.20 20.01 -16.77
C ALA F 95 -3.88 19.33 -17.14
N ILE F 96 -3.00 19.08 -16.17
CA ILE F 96 -1.72 18.41 -16.42
C ILE F 96 -1.86 16.89 -16.34
N THR F 97 -2.71 16.41 -15.44
CA THR F 97 -2.99 14.97 -15.42
C THR F 97 -3.60 14.51 -16.74
N ALA F 98 -4.25 15.40 -17.48
CA ALA F 98 -4.76 15.06 -18.80
C ALA F 98 -3.64 14.63 -19.74
N VAL F 99 -2.54 15.39 -19.77
CA VAL F 99 -1.41 15.04 -20.63
C VAL F 99 -0.72 13.79 -20.11
N ALA F 100 -0.61 13.66 -18.79
CA ALA F 100 0.14 12.54 -18.22
C ALA F 100 -0.55 11.19 -18.37
N ASP F 101 -1.79 11.15 -18.84
CA ASP F 101 -2.56 9.91 -18.87
C ASP F 101 -3.13 9.58 -20.24
N CYS F 102 -2.60 10.16 -21.32
CA CYS F 102 -3.03 9.75 -22.64
C CYS F 102 -2.18 8.58 -23.13
N ARG F 103 -2.72 7.84 -24.10
CA ARG F 103 -2.10 6.61 -24.57
C ARG F 103 -1.28 6.78 -25.84
N THR F 104 -1.11 8.01 -26.32
CA THR F 104 -0.19 8.26 -27.41
C THR F 104 1.11 8.84 -26.86
N PRO F 105 2.27 8.28 -27.22
CA PRO F 105 3.54 8.79 -26.66
C PRO F 105 3.85 10.21 -27.09
N THR F 106 4.56 10.93 -26.21
CA THR F 106 4.92 12.33 -26.42
C THR F 106 6.41 12.52 -26.19
N ILE F 107 7.03 13.35 -27.02
CA ILE F 107 8.45 13.71 -26.89
C ILE F 107 8.56 15.22 -26.80
N ALA F 108 9.23 15.71 -25.75
CA ALA F 108 9.46 17.14 -25.56
C ALA F 108 10.83 17.55 -26.12
N SER F 109 10.89 18.77 -26.66
CA SER F 109 12.14 19.29 -27.21
C SER F 109 12.35 20.69 -26.63
N VAL F 110 13.37 20.83 -25.79
CA VAL F 110 13.51 21.99 -24.91
C VAL F 110 14.67 22.85 -25.36
N HIS F 111 14.37 24.12 -25.66
CA HIS F 111 15.38 25.11 -26.05
C HIS F 111 15.16 26.36 -25.21
N GLY F 112 16.22 26.84 -24.57
CA GLY F 112 16.18 28.14 -23.94
C GLY F 112 16.04 28.19 -22.43
N TRP F 113 14.85 28.54 -21.96
CA TRP F 113 14.54 28.69 -20.55
C TRP F 113 13.34 27.81 -20.22
N CYS F 114 13.33 27.27 -18.99
CA CYS F 114 12.24 26.39 -18.55
C CYS F 114 12.08 26.61 -17.05
N ILE F 115 11.07 27.39 -16.67
CA ILE F 115 10.94 27.93 -15.32
C ILE F 115 9.59 27.54 -14.75
N GLY F 116 9.59 27.05 -13.51
CA GLY F 116 8.37 26.83 -12.76
C GLY F 116 7.38 25.86 -13.36
N GLY F 117 6.24 26.38 -13.80
CA GLY F 117 5.19 25.51 -14.33
C GLY F 117 5.62 24.72 -15.54
N GLY F 118 6.52 25.28 -16.34
CA GLY F 118 7.07 24.52 -17.46
C GLY F 118 7.76 23.25 -17.01
N VAL F 119 8.48 23.30 -15.90
CA VAL F 119 9.06 22.09 -15.32
C VAL F 119 7.97 21.13 -14.88
N ASP F 120 6.83 21.66 -14.40
CA ASP F 120 5.70 20.80 -14.08
C ASP F 120 5.12 20.13 -15.32
N LEU F 121 5.38 20.67 -16.50
CA LEU F 121 4.82 20.12 -17.73
C LEU F 121 5.71 19.05 -18.34
N ILE F 122 7.03 19.27 -18.34
CA ILE F 122 7.93 18.30 -18.97
C ILE F 122 8.20 17.08 -18.12
N SER F 123 7.75 17.07 -16.87
CA SER F 123 7.80 15.87 -16.05
C SER F 123 6.62 14.93 -16.30
N ALA F 124 5.72 15.26 -17.21
CA ALA F 124 4.59 14.42 -17.56
C ALA F 124 4.67 13.85 -18.97
N VAL F 125 5.76 14.08 -19.68
CA VAL F 125 5.96 13.48 -21.00
C VAL F 125 6.88 12.27 -20.86
N ASP F 126 6.99 11.49 -21.93
CA ASP F 126 7.74 10.24 -21.89
C ASP F 126 9.25 10.46 -22.04
N ILE F 127 9.65 11.31 -22.99
CA ILE F 127 11.05 11.52 -23.34
C ILE F 127 11.33 13.02 -23.40
N ARG F 128 12.54 13.41 -23.01
CA ARG F 128 12.98 14.81 -22.97
C ARG F 128 14.32 14.98 -23.66
N TYR F 129 14.38 15.83 -24.69
CA TYR F 129 15.62 16.21 -25.37
C TYR F 129 15.89 17.69 -25.18
N ALA F 130 17.17 18.07 -25.09
CA ALA F 130 17.56 19.45 -24.83
C ALA F 130 18.64 19.90 -25.83
N SER F 131 18.96 21.19 -25.76
CA SER F 131 20.10 21.79 -26.46
C SER F 131 21.07 22.39 -25.44
N ALA F 132 22.13 23.03 -25.94
CA ALA F 132 23.22 23.45 -25.08
C ALA F 132 22.93 24.74 -24.32
N ASP F 133 21.94 25.52 -24.73
CA ASP F 133 21.62 26.80 -24.12
C ASP F 133 20.40 26.74 -23.21
N ALA F 134 20.13 25.58 -22.63
CA ALA F 134 18.91 25.36 -21.84
C ALA F 134 19.19 25.52 -20.36
N LYS F 135 18.24 26.12 -19.64
CA LYS F 135 18.36 26.38 -18.21
C LYS F 135 17.07 26.00 -17.51
N PHE F 136 17.19 25.36 -16.34
CA PHE F 136 16.06 24.78 -15.63
C PHE F 136 16.05 25.23 -14.17
N SER F 137 14.85 25.47 -13.64
CA SER F 137 14.70 25.79 -12.22
C SER F 137 13.31 25.43 -11.73
N VAL F 138 13.18 25.28 -10.41
CA VAL F 138 11.91 25.10 -9.72
C VAL F 138 11.81 26.26 -8.72
N ARG F 139 11.15 27.35 -9.12
CA ARG F 139 11.30 28.63 -8.42
C ARG F 139 10.12 28.99 -7.54
N GLU F 140 9.28 28.03 -7.17
CA GLU F 140 8.12 28.37 -6.35
C GLU F 140 8.54 28.82 -4.97
N VAL F 141 9.59 28.22 -4.41
CA VAL F 141 10.01 28.52 -3.05
C VAL F 141 10.45 29.97 -2.92
N LYS F 142 10.98 30.54 -4.00
CA LYS F 142 11.40 31.95 -3.97
C LYS F 142 10.22 32.90 -4.03
N LEU F 143 9.05 32.41 -4.42
CA LEU F 143 7.82 33.19 -4.44
C LEU F 143 7.02 33.03 -3.15
N ALA F 144 7.53 32.28 -2.18
CA ALA F 144 6.80 31.90 -0.97
C ALA F 144 5.61 31.01 -1.29
N ILE F 145 5.84 30.03 -2.18
CA ILE F 145 4.83 29.08 -2.60
C ILE F 145 5.41 27.67 -2.45
N VAL F 146 4.57 26.72 -2.06
CA VAL F 146 4.89 25.31 -2.14
C VAL F 146 4.20 24.75 -3.37
N ALA F 147 4.98 24.25 -4.33
CA ALA F 147 4.45 23.92 -5.65
C ALA F 147 3.38 22.84 -5.55
N ASP F 148 2.26 23.05 -6.26
CA ASP F 148 1.10 22.19 -6.13
C ASP F 148 0.43 21.89 -7.46
N VAL F 149 1.20 21.75 -8.53
CA VAL F 149 0.62 21.43 -9.82
C VAL F 149 1.09 20.07 -10.33
N GLY F 150 2.17 19.53 -9.78
CA GLY F 150 2.61 18.21 -10.19
C GLY F 150 4.11 17.97 -10.18
N SER F 151 4.89 19.01 -9.91
CA SER F 151 6.34 18.86 -9.93
C SER F 151 6.82 17.92 -8.83
N LEU F 152 6.41 18.16 -7.59
CA LEU F 152 6.90 17.37 -6.46
C LEU F 152 6.25 15.99 -6.39
N ALA F 153 5.14 15.77 -7.09
CA ALA F 153 4.51 14.47 -7.11
C ALA F 153 5.07 13.56 -8.17
N ARG F 154 5.66 14.11 -9.23
CA ARG F 154 6.13 13.33 -10.36
C ARG F 154 7.64 13.33 -10.56
N LEU F 155 8.36 14.32 -10.03
CA LEU F 155 9.80 14.36 -10.13
C LEU F 155 10.51 13.23 -9.37
N PRO F 156 9.93 12.67 -8.30
CA PRO F 156 10.57 11.52 -7.64
C PRO F 156 10.79 10.29 -8.51
N LEU F 157 10.02 10.06 -9.58
CA LEU F 157 10.33 8.94 -10.45
C LEU F 157 11.44 9.25 -11.43
N ILE F 158 11.76 10.52 -11.62
CA ILE F 158 12.76 10.95 -12.60
C ILE F 158 14.13 11.11 -11.95
N LEU F 159 14.18 11.81 -10.82
CA LEU F 159 15.43 12.12 -10.15
C LEU F 159 15.63 11.22 -8.95
N SER F 160 16.65 11.50 -8.17
CA SER F 160 16.90 10.85 -6.90
C SER F 160 16.71 11.86 -5.77
N ASP F 161 16.96 11.41 -4.54
CA ASP F 161 16.53 12.15 -3.36
C ASP F 161 17.35 13.43 -3.18
N GLY F 162 18.68 13.32 -3.24
CA GLY F 162 19.53 14.47 -2.97
C GLY F 162 19.43 15.57 -4.01
N HIS F 163 19.43 15.20 -5.29
CA HIS F 163 19.34 16.21 -6.34
C HIS F 163 17.98 16.91 -6.33
N LEU F 164 16.91 16.13 -6.15
CA LEU F 164 15.57 16.72 -5.98
C LEU F 164 15.52 17.65 -4.78
N ARG F 165 16.09 17.24 -3.65
CA ARG F 165 16.00 18.06 -2.44
C ARG F 165 16.78 19.36 -2.61
N GLU F 166 17.95 19.31 -3.22
CA GLU F 166 18.71 20.54 -3.47
C GLU F 166 17.94 21.47 -4.41
N LEU F 167 17.42 20.92 -5.51
CA LEU F 167 16.70 21.77 -6.47
C LEU F 167 15.47 22.42 -5.83
N ALA F 168 14.71 21.65 -5.05
CA ALA F 168 13.47 22.16 -4.48
C ALA F 168 13.69 23.08 -3.29
N LEU F 169 14.78 22.91 -2.54
CA LEU F 169 15.00 23.75 -1.36
C LEU F 169 15.81 25.00 -1.66
N THR F 170 16.67 24.99 -2.67
CA THR F 170 17.47 26.18 -2.94
C THR F 170 16.78 27.15 -3.90
N GLY F 171 16.16 26.65 -4.96
CA GLY F 171 15.56 27.52 -5.97
C GLY F 171 16.50 28.03 -7.02
N LYS F 172 17.65 27.40 -7.22
CA LYS F 172 18.66 27.85 -8.16
C LYS F 172 18.37 27.34 -9.57
N ASP F 173 19.19 27.77 -10.52
CA ASP F 173 19.07 27.39 -11.93
C ASP F 173 20.26 26.53 -12.33
N ILE F 174 20.00 25.52 -13.17
CA ILE F 174 21.07 24.65 -13.65
C ILE F 174 21.04 24.60 -15.17
N ASP F 175 22.18 24.23 -15.74
CA ASP F 175 22.37 24.17 -17.18
C ASP F 175 22.16 22.75 -17.70
N ALA F 176 22.35 22.58 -19.01
CA ALA F 176 21.95 21.35 -19.67
C ALA F 176 22.90 20.20 -19.37
N ALA F 177 24.16 20.50 -19.07
CA ALA F 177 25.12 19.44 -18.74
C ALA F 177 24.78 18.78 -17.41
N ARG F 178 24.47 19.56 -16.38
CA ARG F 178 24.09 19.00 -15.09
C ARG F 178 22.76 18.27 -15.18
N ALA F 179 21.81 18.81 -15.96
CA ALA F 179 20.53 18.14 -16.15
C ALA F 179 20.68 16.82 -16.89
N GLU F 180 21.61 16.77 -17.86
CA GLU F 180 21.93 15.50 -18.50
C GLU F 180 22.53 14.51 -17.51
N LYS F 181 23.42 14.99 -16.63
CA LYS F 181 24.11 14.07 -15.75
C LYS F 181 23.20 13.54 -14.65
N ILE F 182 22.26 14.36 -14.16
CA ILE F 182 21.39 13.93 -13.05
C ILE F 182 20.19 13.12 -13.51
N GLY F 183 19.91 13.07 -14.81
CA GLY F 183 18.83 12.26 -15.33
C GLY F 183 17.56 12.98 -15.73
N LEU F 184 17.58 14.31 -15.83
CA LEU F 184 16.36 15.03 -16.20
C LEU F 184 16.10 14.99 -17.70
N VAL F 185 17.14 14.93 -18.52
CA VAL F 185 16.98 14.79 -19.97
C VAL F 185 17.79 13.57 -20.41
N ASN F 186 17.45 13.05 -21.59
CA ASN F 186 18.19 11.91 -22.12
C ASN F 186 19.40 12.31 -22.94
N ASP F 187 19.28 13.32 -23.80
CA ASP F 187 20.37 13.73 -24.68
C ASP F 187 20.43 15.25 -24.75
N VAL F 188 21.62 15.75 -25.11
CA VAL F 188 21.88 17.18 -25.28
C VAL F 188 22.54 17.37 -26.65
N TYR F 189 22.12 18.39 -27.38
CA TYR F 189 22.62 18.68 -28.72
C TYR F 189 23.08 20.13 -28.80
N ASP F 190 23.75 20.47 -29.92
CA ASP F 190 24.48 21.74 -30.00
C ASP F 190 23.55 22.93 -30.18
N ASP F 191 22.54 22.82 -31.03
CA ASP F 191 21.66 23.95 -31.32
C ASP F 191 20.21 23.53 -31.16
N ALA F 192 19.31 24.50 -31.28
CA ALA F 192 17.88 24.26 -31.16
C ALA F 192 17.30 23.48 -32.33
N GLU F 193 18.02 23.38 -33.45
CA GLU F 193 17.50 22.72 -34.63
C GLU F 193 17.93 21.27 -34.75
N ALA F 194 18.99 20.88 -34.06
CA ALA F 194 19.39 19.48 -34.01
C ALA F 194 18.49 18.67 -33.08
N SER F 195 18.12 19.26 -31.94
CA SER F 195 17.25 18.57 -30.98
C SER F 195 15.86 18.35 -31.56
N LEU F 196 15.33 19.34 -32.27
CA LEU F 196 14.00 19.23 -32.84
C LEU F 196 13.95 18.21 -33.98
N ALA F 197 15.10 17.83 -34.52
CA ALA F 197 15.19 16.78 -35.53
C ALA F 197 15.46 15.41 -34.92
N ALA F 198 16.23 15.35 -33.83
CA ALA F 198 16.38 14.11 -33.09
C ALA F 198 15.04 13.65 -32.52
N ALA F 199 14.25 14.59 -32.00
CA ALA F 199 12.93 14.26 -31.47
C ALA F 199 12.02 13.70 -32.55
N HIS F 200 12.07 14.28 -33.76
CA HIS F 200 11.25 13.79 -34.86
C HIS F 200 11.70 12.42 -35.35
N ALA F 201 13.01 12.18 -35.38
CA ALA F 201 13.50 10.86 -35.74
C ALA F 201 13.01 9.80 -34.77
N THR F 202 13.07 10.09 -33.46
CA THR F 202 12.57 9.15 -32.46
C THR F 202 11.05 8.96 -32.57
N ALA F 203 10.31 10.04 -32.79
CA ALA F 203 8.87 9.92 -32.93
C ALA F 203 8.49 9.04 -34.12
N ALA F 204 9.18 9.22 -35.26
CA ALA F 204 8.93 8.36 -36.42
C ALA F 204 9.30 6.91 -36.13
N GLU F 205 10.38 6.70 -35.39
CA GLU F 205 10.77 5.34 -35.01
C GLU F 205 9.68 4.68 -34.17
N ILE F 206 9.07 5.43 -33.26
CA ILE F 206 7.98 4.89 -32.46
C ILE F 206 6.75 4.63 -33.31
N ALA F 207 6.42 5.55 -34.23
CA ALA F 207 5.25 5.42 -35.08
C ALA F 207 5.37 4.33 -36.13
N ALA F 208 6.55 3.76 -36.33
CA ALA F 208 6.69 2.62 -37.24
C ALA F 208 6.38 1.28 -36.57
N ASN F 209 5.98 1.26 -35.30
CA ASN F 209 5.67 0.07 -34.54
C ASN F 209 4.16 -0.20 -34.55
N PRO F 210 3.74 -1.41 -34.17
CA PRO F 210 2.29 -1.72 -34.13
C PRO F 210 1.55 -0.85 -33.13
N PRO F 211 0.48 -0.17 -33.55
CA PRO F 211 -0.14 0.84 -32.68
C PRO F 211 -0.85 0.27 -31.46
N LEU F 212 -1.27 -0.99 -31.50
CA LEU F 212 -2.05 -1.59 -30.43
C LEU F 212 -1.18 -2.19 -29.34
N THR F 213 0.10 -2.40 -29.60
CA THR F 213 1.08 -2.86 -28.62
C THR F 213 1.70 -1.71 -27.85
N VAL F 214 1.85 -0.55 -28.49
CA VAL F 214 2.44 0.62 -27.84
C VAL F 214 1.53 1.11 -26.72
N ALA F 215 0.24 1.23 -27.01
CA ALA F 215 -0.70 1.66 -25.99
C ALA F 215 -0.82 0.66 -24.84
N GLY F 216 -0.69 -0.64 -25.12
CA GLY F 216 -0.68 -1.62 -24.05
C GLY F 216 0.54 -1.52 -23.16
N VAL F 217 1.72 -1.28 -23.75
CA VAL F 217 2.92 -1.06 -22.94
C VAL F 217 2.74 0.16 -22.05
N LYS F 218 2.18 1.24 -22.62
CA LYS F 218 1.92 2.45 -21.83
C LYS F 218 0.96 2.17 -20.68
N ASP F 219 -0.10 1.41 -20.95
CA ASP F 219 -1.09 1.09 -19.92
C ASP F 219 -0.48 0.30 -18.78
N VAL F 220 0.32 -0.72 -19.10
CA VAL F 220 0.95 -1.55 -18.09
C VAL F 220 1.95 -0.74 -17.27
N LEU F 221 2.70 0.15 -17.92
CA LEU F 221 3.66 0.97 -17.17
C LEU F 221 2.98 2.01 -16.29
N ASP F 222 1.84 2.55 -16.74
CA ASP F 222 1.10 3.53 -15.96
C ASP F 222 0.35 2.91 -14.79
N ALA F 223 0.00 1.63 -14.86
CA ALA F 223 -0.69 1.00 -13.74
C ALA F 223 0.20 0.88 -12.50
N GLN F 224 1.50 1.13 -12.62
CA GLN F 224 2.44 0.98 -11.53
C GLN F 224 2.62 2.22 -10.66
N ARG F 225 2.03 3.36 -11.01
CA ARG F 225 2.43 4.61 -10.37
C ARG F 225 1.31 5.57 -9.99
N THR F 226 0.05 5.26 -10.27
CA THR F 226 -1.00 6.28 -10.21
C THR F 226 -1.42 6.65 -8.79
N ALA F 227 -1.46 5.66 -7.89
CA ALA F 227 -2.00 5.89 -6.55
C ALA F 227 -1.19 6.90 -5.77
N GLN F 228 0.15 6.80 -5.81
CA GLN F 228 0.99 7.69 -5.03
C GLN F 228 0.93 9.12 -5.55
N VAL F 229 0.83 9.28 -6.87
CA VAL F 229 0.69 10.60 -7.47
C VAL F 229 -0.61 11.25 -7.01
N ALA F 230 -1.71 10.49 -7.05
CA ALA F 230 -3.00 11.03 -6.62
C ALA F 230 -3.00 11.41 -5.15
N GLU F 231 -2.39 10.59 -4.31
CA GLU F 231 -2.32 10.87 -2.88
C GLU F 231 -1.53 12.14 -2.59
N SER F 232 -0.37 12.27 -3.25
CA SER F 232 0.47 13.45 -3.05
C SER F 232 -0.24 14.72 -3.50
N LEU F 233 -0.97 14.65 -4.63
CA LEU F 233 -1.73 15.80 -5.12
C LEU F 233 -2.82 16.21 -4.14
N ARG F 234 -3.57 15.25 -3.60
CA ARG F 234 -4.58 15.56 -2.58
C ARG F 234 -3.96 16.30 -1.40
N TYR F 235 -2.89 15.75 -0.84
CA TYR F 235 -2.29 16.34 0.34
C TYR F 235 -1.77 17.75 0.09
N VAL F 236 -1.16 17.99 -1.09
CA VAL F 236 -0.60 19.31 -1.35
C VAL F 236 -1.71 20.35 -1.58
N ALA F 237 -2.82 19.94 -2.20
CA ALA F 237 -3.94 20.86 -2.32
C ALA F 237 -4.46 21.27 -0.94
N ALA F 238 -4.60 20.30 -0.03
CA ALA F 238 -5.05 20.64 1.32
C ALA F 238 -4.07 21.56 2.05
N TRP F 239 -2.76 21.33 1.90
CA TRP F 239 -1.75 22.14 2.57
C TRP F 239 -1.75 23.58 2.06
N ASN F 240 -1.83 23.77 0.74
CA ASN F 240 -1.80 25.12 0.19
C ASN F 240 -3.10 25.87 0.40
N SER F 241 -4.23 25.18 0.55
CA SER F 241 -5.45 25.90 0.88
C SER F 241 -5.39 26.53 2.27
N ALA F 242 -4.44 26.11 3.11
CA ALA F 242 -4.31 26.62 4.46
C ALA F 242 -3.18 27.62 4.62
N PHE F 243 -1.99 27.30 4.12
CA PHE F 243 -0.81 28.09 4.47
C PHE F 243 -0.32 29.03 3.37
N LEU F 244 -0.98 29.09 2.21
CA LEU F 244 -0.46 29.89 1.11
C LEU F 244 -0.57 31.40 1.37
N PRO F 245 -1.76 31.97 1.59
CA PRO F 245 -1.87 33.44 1.64
C PRO F 245 -1.27 33.97 2.93
N SER F 246 -0.22 34.79 2.79
CA SER F 246 0.52 35.27 3.94
C SER F 246 1.14 36.62 3.60
N LYS F 247 1.91 37.15 4.55
CA LYS F 247 2.61 38.40 4.32
C LYS F 247 3.81 38.22 3.40
N ASP F 248 4.58 37.14 3.59
CA ASP F 248 5.76 36.91 2.74
C ASP F 248 5.40 36.72 1.28
N LEU F 249 4.17 36.32 0.98
CA LEU F 249 3.72 36.31 -0.40
C LEU F 249 3.67 37.70 -0.98
N ALA F 250 3.28 38.69 -0.17
CA ALA F 250 3.25 40.07 -0.60
C ALA F 250 4.59 40.78 -0.47
N GLU F 251 5.48 40.25 0.37
CA GLU F 251 6.80 40.85 0.59
C GLU F 251 7.73 40.67 -0.59
N ALA F 252 7.34 39.90 -1.60
CA ALA F 252 8.15 39.71 -2.79
C ALA F 252 7.30 39.28 -3.96
#